data_4E9A
# 
_entry.id   4E9A 
# 
_audit_conform.dict_name       mmcif_pdbx.dic 
_audit_conform.dict_version    5.381 
_audit_conform.dict_location   http://mmcif.pdb.org/dictionaries/ascii/mmcif_pdbx.dic 
# 
loop_
_database_2.database_id 
_database_2.database_code 
_database_2.pdbx_database_accession 
_database_2.pdbx_DOI 
PDB   4E9A         pdb_00004e9a 10.2210/pdb4e9a/pdb 
RCSB  RCSB071330   ?            ?                   
WWPDB D_1000071330 ?            ?                   
# 
_pdbx_database_related.db_name        PDB 
_pdbx_database_related.db_id          4E9B 
_pdbx_database_related.details        . 
_pdbx_database_related.content_type   unspecified 
# 
_pdbx_database_status.status_code                     REL 
_pdbx_database_status.entry_id                        4E9A 
_pdbx_database_status.recvd_initial_deposition_date   2012-03-20 
_pdbx_database_status.deposit_site                    RCSB 
_pdbx_database_status.process_site                    PDBJ 
_pdbx_database_status.methods_development_category    ? 
_pdbx_database_status.status_code_sf                  REL 
_pdbx_database_status.status_code_mr                  ? 
_pdbx_database_status.SG_entry                        ? 
_pdbx_database_status.status_code_cs                  ? 
_pdbx_database_status.pdb_format_compatible           Y 
_pdbx_database_status.status_code_nmr_data            ? 
# 
loop_
_audit_author.name 
_audit_author.pdbx_ordinal 
'Cui, K.'   1 
'Zhu, L.'   2 
'Lu, W.'    3 
'Huang, J.' 4 
# 
_citation.id                        primary 
_citation.title                     'Identification of Novel Peptide Deformylase Inhibitors from Natural Products' 
_citation.journal_abbrev            'To be Published' 
_citation.journal_volume            ? 
_citation.page_first                ? 
_citation.page_last                 ? 
_citation.year                      ? 
_citation.journal_id_ASTM           ? 
_citation.country                   ? 
_citation.journal_id_ISSN           ? 
_citation.journal_id_CSD            0353 
_citation.book_publisher            ? 
_citation.pdbx_database_id_PubMed   ? 
_citation.pdbx_database_id_DOI      ? 
# 
loop_
_citation_author.citation_id 
_citation_author.name 
_citation_author.ordinal 
_citation_author.identifier_ORCID 
primary 'Cui, K.'   1 ? 
primary 'Zhu, L.'   2 ? 
primary 'Lu, W.'    3 ? 
primary 'Huang, J.' 4 ? 
# 
_cell.entry_id           4E9A 
_cell.length_a           41.891 
_cell.length_b           52.057 
_cell.length_c           92.064 
_cell.angle_alpha        90.00 
_cell.angle_beta         90.00 
_cell.angle_gamma        90.00 
_cell.Z_PDB              4 
_cell.pdbx_unique_axis   ? 
_cell.length_a_esd       ? 
_cell.length_b_esd       ? 
_cell.length_c_esd       ? 
_cell.angle_alpha_esd    ? 
_cell.angle_beta_esd     ? 
_cell.angle_gamma_esd    ? 
# 
_symmetry.entry_id                         4E9A 
_symmetry.space_group_name_H-M             'P 21 21 21' 
_symmetry.pdbx_full_space_group_name_H-M   ? 
_symmetry.cell_setting                     ? 
_symmetry.Int_Tables_number                19 
_symmetry.space_group_name_Hall            ? 
# 
loop_
_entity.id 
_entity.type 
_entity.src_method 
_entity.pdbx_description 
_entity.formula_weight 
_entity.pdbx_number_of_molecules 
_entity.pdbx_ec 
_entity.pdbx_mutation 
_entity.pdbx_fragment 
_entity.details 
1 polymer     man 'Peptide deformylase 11'                                  21008.465 1  3.5.1.88 ? 'UNP RESIDUES 2-164' ? 
2 non-polymer syn 'COBALT (II) ION'                                         58.933    1  ?        ? ?                    ? 
3 non-polymer syn '2-phenylethyl (2E)-3-(3,4-dihydroxyphenyl)prop-2-enoate' 284.307   1  ?        ? ?                    ? 
4 non-polymer syn '4-(2-HYDROXYETHYL)-1-PIPERAZINE ETHANESULFONIC ACID'     238.305   1  ?        ? ?                    ? 
5 non-polymer syn 'DIMETHYL SULFOXIDE'                                      78.133    2  ?        ? ?                    ? 
6 water       nat water                                                     18.015    87 ?        ? ?                    ? 
# 
_entity_name_com.entity_id   1 
_entity_name_com.name        'PDF 11, Polypeptide deformylase 11' 
# 
_entity_poly.entity_id                      1 
_entity_poly.type                           'polypeptide(L)' 
_entity_poly.nstd_linkage                   no 
_entity_poly.nstd_monomer                   no 
_entity_poly.pdbx_seq_one_letter_code       
;ALLEIIHYPSKILRTISKEVVSFDAKLHQQLDDMYETMIASEGIGLAAIQVGLPLRMLIINLPQEDGVQHKEDCLEIINP
KFIETGGSMMYKEGCLSVPGFYEEVERFEKVKIEYQNRFAEVKVLEASELLAVAIQHEIDHLNGVLFVDKLSILKRKKFE
KELKELQKKQKHKLEHHHHHH
;
_entity_poly.pdbx_seq_one_letter_code_can   
;ALLEIIHYPSKILRTISKEVVSFDAKLHQQLDDMYETMIASEGIGLAAIQVGLPLRMLIINLPQEDGVQHKEDCLEIINP
KFIETGGSMMYKEGCLSVPGFYEEVERFEKVKIEYQNRFAEVKVLEASELLAVAIQHEIDHLNGVLFVDKLSILKRKKFE
KELKELQKKQKHKLEHHHHHH
;
_entity_poly.pdbx_strand_id                 A 
_entity_poly.pdbx_target_identifier         ? 
# 
loop_
_entity_poly_seq.entity_id 
_entity_poly_seq.num 
_entity_poly_seq.mon_id 
_entity_poly_seq.hetero 
1 1   ALA n 
1 2   LEU n 
1 3   LEU n 
1 4   GLU n 
1 5   ILE n 
1 6   ILE n 
1 7   HIS n 
1 8   TYR n 
1 9   PRO n 
1 10  SER n 
1 11  LYS n 
1 12  ILE n 
1 13  LEU n 
1 14  ARG n 
1 15  THR n 
1 16  ILE n 
1 17  SER n 
1 18  LYS n 
1 19  GLU n 
1 20  VAL n 
1 21  VAL n 
1 22  SER n 
1 23  PHE n 
1 24  ASP n 
1 25  ALA n 
1 26  LYS n 
1 27  LEU n 
1 28  HIS n 
1 29  GLN n 
1 30  GLN n 
1 31  LEU n 
1 32  ASP n 
1 33  ASP n 
1 34  MET n 
1 35  TYR n 
1 36  GLU n 
1 37  THR n 
1 38  MET n 
1 39  ILE n 
1 40  ALA n 
1 41  SER n 
1 42  GLU n 
1 43  GLY n 
1 44  ILE n 
1 45  GLY n 
1 46  LEU n 
1 47  ALA n 
1 48  ALA n 
1 49  ILE n 
1 50  GLN n 
1 51  VAL n 
1 52  GLY n 
1 53  LEU n 
1 54  PRO n 
1 55  LEU n 
1 56  ARG n 
1 57  MET n 
1 58  LEU n 
1 59  ILE n 
1 60  ILE n 
1 61  ASN n 
1 62  LEU n 
1 63  PRO n 
1 64  GLN n 
1 65  GLU n 
1 66  ASP n 
1 67  GLY n 
1 68  VAL n 
1 69  GLN n 
1 70  HIS n 
1 71  LYS n 
1 72  GLU n 
1 73  ASP n 
1 74  CYS n 
1 75  LEU n 
1 76  GLU n 
1 77  ILE n 
1 78  ILE n 
1 79  ASN n 
1 80  PRO n 
1 81  LYS n 
1 82  PHE n 
1 83  ILE n 
1 84  GLU n 
1 85  THR n 
1 86  GLY n 
1 87  GLY n 
1 88  SER n 
1 89  MET n 
1 90  MET n 
1 91  TYR n 
1 92  LYS n 
1 93  GLU n 
1 94  GLY n 
1 95  CYS n 
1 96  LEU n 
1 97  SER n 
1 98  VAL n 
1 99  PRO n 
1 100 GLY n 
1 101 PHE n 
1 102 TYR n 
1 103 GLU n 
1 104 GLU n 
1 105 VAL n 
1 106 GLU n 
1 107 ARG n 
1 108 PHE n 
1 109 GLU n 
1 110 LYS n 
1 111 VAL n 
1 112 LYS n 
1 113 ILE n 
1 114 GLU n 
1 115 TYR n 
1 116 GLN n 
1 117 ASN n 
1 118 ARG n 
1 119 PHE n 
1 120 ALA n 
1 121 GLU n 
1 122 VAL n 
1 123 LYS n 
1 124 VAL n 
1 125 LEU n 
1 126 GLU n 
1 127 ALA n 
1 128 SER n 
1 129 GLU n 
1 130 LEU n 
1 131 LEU n 
1 132 ALA n 
1 133 VAL n 
1 134 ALA n 
1 135 ILE n 
1 136 GLN n 
1 137 HIS n 
1 138 GLU n 
1 139 ILE n 
1 140 ASP n 
1 141 HIS n 
1 142 LEU n 
1 143 ASN n 
1 144 GLY n 
1 145 VAL n 
1 146 LEU n 
1 147 PHE n 
1 148 VAL n 
1 149 ASP n 
1 150 LYS n 
1 151 LEU n 
1 152 SER n 
1 153 ILE n 
1 154 LEU n 
1 155 LYS n 
1 156 ARG n 
1 157 LYS n 
1 158 LYS n 
1 159 PHE n 
1 160 GLU n 
1 161 LYS n 
1 162 GLU n 
1 163 LEU n 
1 164 LYS n 
1 165 GLU n 
1 166 LEU n 
1 167 GLN n 
1 168 LYS n 
1 169 LYS n 
1 170 GLN n 
1 171 LYS n 
1 172 HIS n 
1 173 LYS n 
1 174 LEU n 
1 175 GLU n 
1 176 HIS n 
1 177 HIS n 
1 178 HIS n 
1 179 HIS n 
1 180 HIS n 
1 181 HIS n 
# 
_entity_src_gen.entity_id                          1 
_entity_src_gen.pdbx_src_id                        1 
_entity_src_gen.pdbx_alt_source_flag               sample 
_entity_src_gen.pdbx_seq_type                      ? 
_entity_src_gen.pdbx_beg_seq_num                   ? 
_entity_src_gen.pdbx_end_seq_num                   ? 
_entity_src_gen.gene_src_common_name               ? 
_entity_src_gen.gene_src_genus                     ? 
_entity_src_gen.pdbx_gene_src_gene                 'def, def11' 
_entity_src_gen.gene_src_species                   ? 
_entity_src_gen.gene_src_strain                    ? 
_entity_src_gen.gene_src_tissue                    ? 
_entity_src_gen.gene_src_tissue_fraction           ? 
_entity_src_gen.gene_src_details                   ? 
_entity_src_gen.pdbx_gene_src_fragment             ? 
_entity_src_gen.pdbx_gene_src_scientific_name      'Helicobacter pylori' 
_entity_src_gen.pdbx_gene_src_ncbi_taxonomy_id     210 
_entity_src_gen.pdbx_gene_src_variant              ? 
_entity_src_gen.pdbx_gene_src_cell_line            ? 
_entity_src_gen.pdbx_gene_src_atcc                 ? 
_entity_src_gen.pdbx_gene_src_organ                ? 
_entity_src_gen.pdbx_gene_src_organelle            ? 
_entity_src_gen.pdbx_gene_src_cell                 ? 
_entity_src_gen.pdbx_gene_src_cellular_location    ? 
_entity_src_gen.host_org_common_name               ? 
_entity_src_gen.pdbx_host_org_scientific_name      'Escherichia coli' 
_entity_src_gen.pdbx_host_org_ncbi_taxonomy_id     562 
_entity_src_gen.host_org_genus                     ? 
_entity_src_gen.pdbx_host_org_gene                 ? 
_entity_src_gen.pdbx_host_org_organ                ? 
_entity_src_gen.host_org_species                   ? 
_entity_src_gen.pdbx_host_org_tissue               ? 
_entity_src_gen.pdbx_host_org_tissue_fraction      ? 
_entity_src_gen.pdbx_host_org_strain               'BL21(DE3)' 
_entity_src_gen.pdbx_host_org_variant              ? 
_entity_src_gen.pdbx_host_org_cell_line            ? 
_entity_src_gen.pdbx_host_org_atcc                 ? 
_entity_src_gen.pdbx_host_org_culture_collection   ? 
_entity_src_gen.pdbx_host_org_cell                 ? 
_entity_src_gen.pdbx_host_org_organelle            ? 
_entity_src_gen.pdbx_host_org_cellular_location    ? 
_entity_src_gen.pdbx_host_org_vector_type          Plasmid 
_entity_src_gen.pdbx_host_org_vector               ? 
_entity_src_gen.host_org_details                   ? 
_entity_src_gen.expression_system_id               ? 
_entity_src_gen.plasmid_name                       pET22b 
_entity_src_gen.plasmid_details                    ? 
_entity_src_gen.pdbx_description                   ? 
# 
_struct_ref.id                         1 
_struct_ref.db_name                    UNP 
_struct_ref.db_code                    Q672W7_HELPX 
_struct_ref.pdbx_db_accession          Q672W7 
_struct_ref.entity_id                  1 
_struct_ref.pdbx_seq_one_letter_code   
;ALLEIIHYPSKILRTISKEVVSFDAKLHQQLDDMYETMIASEGIGLAAIQVGLPLRMLIINLPQEDGVQHKEDCLEIINP
KFIETGGSMMYKEGCLSVPGFYEEVERFEKVKIEYQNRFAEVKVLEASELLAVAIQHEIDHLNGVLFVDKLSILKRKKFE
KELKELQKKQKHK
;
_struct_ref.pdbx_align_begin           2 
_struct_ref.pdbx_db_isoform            ? 
# 
_struct_ref_seq.align_id                      1 
_struct_ref_seq.ref_id                        1 
_struct_ref_seq.pdbx_PDB_id_code              4E9A 
_struct_ref_seq.pdbx_strand_id                A 
_struct_ref_seq.seq_align_beg                 1 
_struct_ref_seq.pdbx_seq_align_beg_ins_code   ? 
_struct_ref_seq.seq_align_end                 173 
_struct_ref_seq.pdbx_seq_align_end_ins_code   ? 
_struct_ref_seq.pdbx_db_accession             Q672W7 
_struct_ref_seq.db_align_beg                  2 
_struct_ref_seq.pdbx_db_align_beg_ins_code    ? 
_struct_ref_seq.db_align_end                  174 
_struct_ref_seq.pdbx_db_align_end_ins_code    ? 
_struct_ref_seq.pdbx_auth_seq_align_beg       2 
_struct_ref_seq.pdbx_auth_seq_align_end       174 
# 
loop_
_struct_ref_seq_dif.align_id 
_struct_ref_seq_dif.pdbx_pdb_id_code 
_struct_ref_seq_dif.mon_id 
_struct_ref_seq_dif.pdbx_pdb_strand_id 
_struct_ref_seq_dif.seq_num 
_struct_ref_seq_dif.pdbx_pdb_ins_code 
_struct_ref_seq_dif.pdbx_seq_db_name 
_struct_ref_seq_dif.pdbx_seq_db_accession_code 
_struct_ref_seq_dif.db_mon_id 
_struct_ref_seq_dif.pdbx_seq_db_seq_num 
_struct_ref_seq_dif.details 
_struct_ref_seq_dif.pdbx_auth_seq_num 
_struct_ref_seq_dif.pdbx_ordinal 
1 4E9A LEU A 174 ? UNP Q672W7 ? ? 'expression tag' 175 1 
1 4E9A GLU A 175 ? UNP Q672W7 ? ? 'expression tag' 176 2 
1 4E9A HIS A 176 ? UNP Q672W7 ? ? 'expression tag' 177 3 
1 4E9A HIS A 177 ? UNP Q672W7 ? ? 'expression tag' 178 4 
1 4E9A HIS A 178 ? UNP Q672W7 ? ? 'expression tag' 179 5 
1 4E9A HIS A 179 ? UNP Q672W7 ? ? 'expression tag' 180 6 
1 4E9A HIS A 180 ? UNP Q672W7 ? ? 'expression tag' 181 7 
1 4E9A HIS A 181 ? UNP Q672W7 ? ? 'expression tag' 182 8 
# 
loop_
_chem_comp.id 
_chem_comp.type 
_chem_comp.mon_nstd_flag 
_chem_comp.name 
_chem_comp.pdbx_synonyms 
_chem_comp.formula 
_chem_comp.formula_weight 
ALA 'L-peptide linking' y ALANINE                                                   ?     'C3 H7 N O2'     89.093  
ARG 'L-peptide linking' y ARGININE                                                  ?     'C6 H15 N4 O2 1' 175.209 
ASN 'L-peptide linking' y ASPARAGINE                                                ?     'C4 H8 N2 O3'    132.118 
ASP 'L-peptide linking' y 'ASPARTIC ACID'                                           ?     'C4 H7 N O4'     133.103 
CO  non-polymer         . 'COBALT (II) ION'                                         ?     'Co 2'           58.933  
CYS 'L-peptide linking' y CYSTEINE                                                  ?     'C3 H7 N O2 S'   121.158 
DMS non-polymer         . 'DIMETHYL SULFOXIDE'                                      ?     'C2 H6 O S'      78.133  
EPE non-polymer         . '4-(2-HYDROXYETHYL)-1-PIPERAZINE ETHANESULFONIC ACID'     HEPES 'C8 H18 N2 O4 S' 238.305 
GLN 'L-peptide linking' y GLUTAMINE                                                 ?     'C5 H10 N2 O3'   146.144 
GLU 'L-peptide linking' y 'GLUTAMIC ACID'                                           ?     'C5 H9 N O4'     147.129 
GLY 'peptide linking'   y GLYCINE                                                   ?     'C2 H5 N O2'     75.067  
HIS 'L-peptide linking' y HISTIDINE                                                 ?     'C6 H10 N3 O2 1' 156.162 
HOH non-polymer         . WATER                                                     ?     'H2 O'           18.015  
ILE 'L-peptide linking' y ISOLEUCINE                                                ?     'C6 H13 N O2'    131.173 
LEU 'L-peptide linking' y LEUCINE                                                   ?     'C6 H13 N O2'    131.173 
LYS 'L-peptide linking' y LYSINE                                                    ?     'C6 H15 N2 O2 1' 147.195 
MET 'L-peptide linking' y METHIONINE                                                ?     'C5 H11 N O2 S'  149.211 
PHE 'L-peptide linking' y PHENYLALANINE                                             ?     'C9 H11 N O2'    165.189 
PRO 'L-peptide linking' y PROLINE                                                   ?     'C5 H9 N O2'     115.130 
QAP non-polymer         . '2-phenylethyl (2E)-3-(3,4-dihydroxyphenyl)prop-2-enoate' ?     'C17 H16 O4'     284.307 
SER 'L-peptide linking' y SERINE                                                    ?     'C3 H7 N O3'     105.093 
THR 'L-peptide linking' y THREONINE                                                 ?     'C4 H9 N O3'     119.119 
TYR 'L-peptide linking' y TYROSINE                                                  ?     'C9 H11 N O3'    181.189 
VAL 'L-peptide linking' y VALINE                                                    ?     'C5 H11 N O2'    117.146 
# 
_exptl.entry_id          4E9A 
_exptl.method            'X-RAY DIFFRACTION' 
_exptl.crystals_number   1 
# 
_exptl_crystal.id                    1 
_exptl_crystal.density_meas          ? 
_exptl_crystal.density_Matthews      2.39 
_exptl_crystal.density_percent_sol   48.52 
_exptl_crystal.description           ? 
_exptl_crystal.F_000                 ? 
_exptl_crystal.preparation           ? 
# 
_exptl_crystal_grow.crystal_id      1 
_exptl_crystal_grow.method          EVAPORATION 
_exptl_crystal_grow.temp            290 
_exptl_crystal_grow.temp_details    ? 
_exptl_crystal_grow.pH              7.5 
_exptl_crystal_grow.pdbx_details    'HEPES, MPD, pH 7.5, EVAPORATION, temperature 290K' 
_exptl_crystal_grow.pdbx_pH_range   ? 
# 
_diffrn.id                     1 
_diffrn.ambient_temp           100 
_diffrn.ambient_temp_details   ? 
_diffrn.crystal_id             1 
# 
_diffrn_detector.diffrn_id              1 
_diffrn_detector.detector               CCD 
_diffrn_detector.type                   'ADSC QUANTUM 315r' 
_diffrn_detector.pdbx_collection_date   2011-11-22 
_diffrn_detector.details                ? 
# 
_diffrn_radiation.diffrn_id                        1 
_diffrn_radiation.wavelength_id                    1 
_diffrn_radiation.pdbx_monochromatic_or_laue_m_l   M 
_diffrn_radiation.monochromator                    ? 
_diffrn_radiation.pdbx_diffrn_protocol             'SINGLE WAVELENGTH' 
_diffrn_radiation.pdbx_scattering_type             x-ray 
# 
_diffrn_radiation_wavelength.id           1 
_diffrn_radiation_wavelength.wavelength   1 
_diffrn_radiation_wavelength.wt           1.0 
# 
_diffrn_source.diffrn_id                   1 
_diffrn_source.source                      SYNCHROTRON 
_diffrn_source.type                        'SSRF BEAMLINE BL17U' 
_diffrn_source.pdbx_synchrotron_site       SSRF 
_diffrn_source.pdbx_synchrotron_beamline   BL17U 
_diffrn_source.pdbx_wavelength             ? 
_diffrn_source.pdbx_wavelength_list        1 
# 
_reflns.entry_id                     4E9A 
_reflns.observed_criterion_sigma_I   ? 
_reflns.observed_criterion_sigma_F   ? 
_reflns.d_resolution_low             34.484 
_reflns.d_resolution_high            1.66 
_reflns.number_obs                   24141 
_reflns.number_all                   ? 
_reflns.percent_possible_obs         ? 
_reflns.pdbx_Rmerge_I_obs            ? 
_reflns.pdbx_Rsym_value              ? 
_reflns.pdbx_netI_over_sigmaI        ? 
_reflns.B_iso_Wilson_estimate        ? 
_reflns.pdbx_redundancy              ? 
_reflns.R_free_details               ? 
_reflns.limit_h_max                  ? 
_reflns.limit_h_min                  ? 
_reflns.limit_k_max                  ? 
_reflns.limit_k_min                  ? 
_reflns.limit_l_max                  ? 
_reflns.limit_l_min                  ? 
_reflns.observed_criterion_F_max     ? 
_reflns.observed_criterion_F_min     ? 
_reflns.pdbx_chi_squared             ? 
_reflns.pdbx_scaling_rejects         ? 
_reflns.pdbx_ordinal                 1 
_reflns.pdbx_diffrn_id               1 
# 
_refine.entry_id                                 4E9A 
_refine.ls_number_reflns_obs                     24141 
_refine.ls_number_reflns_all                     ? 
_refine.pdbx_ls_sigma_I                          ? 
_refine.pdbx_ls_sigma_F                          1.35 
_refine.pdbx_data_cutoff_high_absF               ? 
_refine.pdbx_data_cutoff_low_absF                ? 
_refine.pdbx_data_cutoff_high_rms_absF           ? 
_refine.ls_d_res_low                             34.48 
_refine.ls_d_res_high                            1.662 
_refine.ls_percent_reflns_obs                    98.84 
_refine.ls_R_factor_obs                          0.2088 
_refine.ls_R_factor_all                          ? 
_refine.ls_R_factor_R_work                       0.2076 
_refine.ls_R_factor_R_free                       0.2302 
_refine.ls_R_factor_R_free_error                 ? 
_refine.ls_R_factor_R_free_error_details         ? 
_refine.ls_percent_reflns_R_free                 5.09 
_refine.ls_number_reflns_R_free                  1229 
_refine.ls_number_parameters                     ? 
_refine.ls_number_restraints                     ? 
_refine.occupancy_min                            ? 
_refine.occupancy_max                            ? 
_refine.correlation_coeff_Fo_to_Fc               ? 
_refine.correlation_coeff_Fo_to_Fc_free          ? 
_refine.B_iso_mean                               ? 
_refine.aniso_B[1][1]                            -0.4800 
_refine.aniso_B[2][2]                            0.3879 
_refine.aniso_B[3][3]                            0.0921 
_refine.aniso_B[1][2]                            0.0000 
_refine.aniso_B[1][3]                            -0.0000 
_refine.aniso_B[2][3]                            -0.0000 
_refine.solvent_model_details                    'FLAT BULK SOLVENT MODEL' 
_refine.solvent_model_param_ksol                 0.377 
_refine.solvent_model_param_bsol                 52.855 
_refine.pdbx_solvent_vdw_probe_radii             1.30 
_refine.pdbx_solvent_ion_probe_radii             ? 
_refine.pdbx_solvent_shrinkage_radii             1.11 
_refine.pdbx_ls_cross_valid_method               ? 
_refine.details                                  ? 
_refine.pdbx_starting_model                      2EW7 
_refine.pdbx_method_to_determine_struct          'MOLECULAR REPLACEMENT' 
_refine.pdbx_isotropic_thermal_model             ? 
_refine.pdbx_stereochemistry_target_values       ML 
_refine.pdbx_stereochem_target_val_spec_case     ? 
_refine.pdbx_R_Free_selection_details            ? 
_refine.pdbx_overall_ESU_R                       ? 
_refine.pdbx_overall_ESU_R_Free                  ? 
_refine.overall_SU_ML                            0.16 
_refine.pdbx_overall_phase_error                 19.82 
_refine.overall_SU_B                             ? 
_refine.overall_SU_R_Cruickshank_DPI             ? 
_refine.ls_redundancy_reflns_obs                 ? 
_refine.B_iso_min                                ? 
_refine.B_iso_max                                ? 
_refine.overall_SU_R_free                        ? 
_refine.ls_wR_factor_R_free                      ? 
_refine.ls_wR_factor_R_work                      ? 
_refine.overall_FOM_free_R_set                   ? 
_refine.overall_FOM_work_R_set                   ? 
_refine.pdbx_diffrn_id                           1 
_refine.pdbx_refine_id                           'X-RAY DIFFRACTION' 
_refine.pdbx_TLS_residual_ADP_flag               ? 
_refine.pdbx_overall_SU_R_free_Cruickshank_DPI   ? 
_refine.pdbx_overall_SU_R_Blow_DPI               ? 
_refine.pdbx_overall_SU_R_free_Blow_DPI          ? 
# 
_refine_hist.pdbx_refine_id                   'X-RAY DIFFRACTION' 
_refine_hist.cycle_id                         LAST 
_refine_hist.pdbx_number_atoms_protein        1308 
_refine_hist.pdbx_number_atoms_nucleic_acid   0 
_refine_hist.pdbx_number_atoms_ligand         45 
_refine_hist.number_atoms_solvent             87 
_refine_hist.number_atoms_total               1440 
_refine_hist.d_res_high                       1.662 
_refine_hist.d_res_low                        34.48 
# 
loop_
_refine_ls_restr.type 
_refine_ls_restr.dev_ideal 
_refine_ls_restr.dev_ideal_target 
_refine_ls_restr.weight 
_refine_ls_restr.number 
_refine_ls_restr.pdbx_restraint_function 
_refine_ls_restr.pdbx_refine_id 
f_bond_d           0.007  ? ? 1372 ? 'X-RAY DIFFRACTION' 
f_angle_d          1.098  ? ? 1841 ? 'X-RAY DIFFRACTION' 
f_dihedral_angle_d 18.000 ? ? 536  ? 'X-RAY DIFFRACTION' 
f_chiral_restr     0.073  ? ? 205  ? 'X-RAY DIFFRACTION' 
f_plane_restr      0.004  ? ? 229  ? 'X-RAY DIFFRACTION' 
# 
loop_
_refine_ls_shell.pdbx_refine_id 
_refine_ls_shell.pdbx_total_number_of_bins_used 
_refine_ls_shell.d_res_high 
_refine_ls_shell.d_res_low 
_refine_ls_shell.number_reflns_R_work 
_refine_ls_shell.R_factor_R_work 
_refine_ls_shell.percent_reflns_obs 
_refine_ls_shell.R_factor_R_free 
_refine_ls_shell.R_factor_R_free_error 
_refine_ls_shell.percent_reflns_R_free 
_refine_ls_shell.number_reflns_R_free 
_refine_ls_shell.number_reflns_all 
_refine_ls_shell.R_factor_all 
_refine_ls_shell.number_reflns_obs 
_refine_ls_shell.redundancy_reflns_obs 
'X-RAY DIFFRACTION' 9 1.6616 1.7282  2458 0.2692 97.00  0.2680 . . 112 . . . . 
'X-RAY DIFFRACTION' 9 1.7282 1.8068  2539 0.2297 100.00 0.2502 . . 141 . . . . 
'X-RAY DIFFRACTION' 9 1.8068 1.9021  2515 0.1931 100.00 0.2115 . . 150 . . . . 
'X-RAY DIFFRACTION' 9 1.9021 2.0212  2536 0.1827 100.00 0.1882 . . 142 . . . . 
'X-RAY DIFFRACTION' 9 2.0212 2.1773  2533 0.1771 100.00 0.2162 . . 146 . . . . 
'X-RAY DIFFRACTION' 9 2.1773 2.3963  2576 0.1930 100.00 0.2070 . . 118 . . . . 
'X-RAY DIFFRACTION' 9 2.3963 2.7429  2577 0.1957 100.00 0.2266 . . 143 . . . . 
'X-RAY DIFFRACTION' 9 2.7429 3.4553  2598 0.1991 99.00  0.2113 . . 124 . . . . 
'X-RAY DIFFRACTION' 9 3.4553 34.4913 2580 0.2280 95.00  0.2546 . . 153 . . . . 
# 
_struct.entry_id                  4E9A 
_struct.title                     'Structure of Peptide Deformylase form Helicobacter Pylori in complex with inhibitor' 
_struct.pdbx_model_details        ? 
_struct.pdbx_CASP_flag            ? 
_struct.pdbx_model_type_details   ? 
# 
_struct_keywords.entry_id        4E9A 
_struct_keywords.pdbx_keywords   HYDROLASE 
_struct_keywords.text            Hydrolase 
# 
loop_
_struct_asym.id 
_struct_asym.pdbx_blank_PDB_chainid_flag 
_struct_asym.pdbx_modified 
_struct_asym.entity_id 
_struct_asym.details 
A N N 1 ? 
B N N 2 ? 
C N N 3 ? 
D N N 4 ? 
E N N 5 ? 
F N N 5 ? 
G N N 6 ? 
# 
_struct_biol.id        1 
_struct_biol.details   ? 
# 
loop_
_struct_conf.conf_type_id 
_struct_conf.id 
_struct_conf.pdbx_PDB_helix_id 
_struct_conf.beg_label_comp_id 
_struct_conf.beg_label_asym_id 
_struct_conf.beg_label_seq_id 
_struct_conf.pdbx_beg_PDB_ins_code 
_struct_conf.end_label_comp_id 
_struct_conf.end_label_asym_id 
_struct_conf.end_label_seq_id 
_struct_conf.pdbx_end_PDB_ins_code 
_struct_conf.beg_auth_comp_id 
_struct_conf.beg_auth_asym_id 
_struct_conf.beg_auth_seq_id 
_struct_conf.end_auth_comp_id 
_struct_conf.end_auth_asym_id 
_struct_conf.end_auth_seq_id 
_struct_conf.pdbx_PDB_helix_class 
_struct_conf.details 
_struct_conf.pdbx_PDB_helix_length 
HELX_P HELX_P1 1 SER A 10  ? THR A 15  ? SER A 11  THR A 16  5 ? 6  
HELX_P HELX_P2 2 ASP A 24  ? SER A 41  ? ASP A 25  SER A 42  1 ? 18 
HELX_P HELX_P3 3 ILE A 49  ? GLY A 52  ? ILE A 50  GLY A 53  5 ? 4  
HELX_P HELX_P4 4 HIS A 70  ? CYS A 74  ? HIS A 71  CYS A 75  5 ? 5  
HELX_P HELX_P5 5 GLU A 129 ? ASN A 143 ? GLU A 130 ASN A 144 1 ? 15 
HELX_P HELX_P6 6 LEU A 146 ? LEU A 151 ? LEU A 147 LEU A 152 5 ? 6  
HELX_P HELX_P7 7 SER A 152 ? LEU A 163 ? SER A 153 LEU A 164 1 ? 12 
# 
_struct_conf_type.id          HELX_P 
_struct_conf_type.criteria    ? 
_struct_conf_type.reference   ? 
# 
loop_
_struct_conn.id 
_struct_conn.conn_type_id 
_struct_conn.pdbx_leaving_atom_flag 
_struct_conn.pdbx_PDB_id 
_struct_conn.ptnr1_label_asym_id 
_struct_conn.ptnr1_label_comp_id 
_struct_conn.ptnr1_label_seq_id 
_struct_conn.ptnr1_label_atom_id 
_struct_conn.pdbx_ptnr1_label_alt_id 
_struct_conn.pdbx_ptnr1_PDB_ins_code 
_struct_conn.pdbx_ptnr1_standard_comp_id 
_struct_conn.ptnr1_symmetry 
_struct_conn.ptnr2_label_asym_id 
_struct_conn.ptnr2_label_comp_id 
_struct_conn.ptnr2_label_seq_id 
_struct_conn.ptnr2_label_atom_id 
_struct_conn.pdbx_ptnr2_label_alt_id 
_struct_conn.pdbx_ptnr2_PDB_ins_code 
_struct_conn.ptnr1_auth_asym_id 
_struct_conn.ptnr1_auth_comp_id 
_struct_conn.ptnr1_auth_seq_id 
_struct_conn.ptnr2_auth_asym_id 
_struct_conn.ptnr2_auth_comp_id 
_struct_conn.ptnr2_auth_seq_id 
_struct_conn.ptnr2_symmetry 
_struct_conn.pdbx_ptnr3_label_atom_id 
_struct_conn.pdbx_ptnr3_label_seq_id 
_struct_conn.pdbx_ptnr3_label_comp_id 
_struct_conn.pdbx_ptnr3_label_asym_id 
_struct_conn.pdbx_ptnr3_label_alt_id 
_struct_conn.pdbx_ptnr3_PDB_ins_code 
_struct_conn.details 
_struct_conn.pdbx_dist_value 
_struct_conn.pdbx_value_order 
_struct_conn.pdbx_role 
metalc1 metalc ? ? A HIS 137 NE2 ? ? ? 1_555 B CO  . CO ? ? A HIS 138 A CO  201 1_555 ? ? ? ? ? ? ? 2.132 ? ? 
metalc2 metalc ? ? A HIS 141 NE2 ? ? ? 1_555 B CO  . CO ? ? A HIS 142 A CO  201 1_555 ? ? ? ? ? ? ? 2.134 ? ? 
metalc3 metalc ? ? B CO  .   CO  ? ? ? 1_555 G HOH . O  ? ? A CO  201 A HOH 332 1_555 ? ? ? ? ? ? ? 2.204 ? ? 
# 
_struct_conn_type.id          metalc 
_struct_conn_type.criteria    ? 
_struct_conn_type.reference   ? 
# 
_struct_mon_prot_cis.pdbx_id                1 
_struct_mon_prot_cis.label_comp_id          TYR 
_struct_mon_prot_cis.label_seq_id           8 
_struct_mon_prot_cis.label_asym_id          A 
_struct_mon_prot_cis.label_alt_id           . 
_struct_mon_prot_cis.pdbx_PDB_ins_code      ? 
_struct_mon_prot_cis.auth_comp_id           TYR 
_struct_mon_prot_cis.auth_seq_id            9 
_struct_mon_prot_cis.auth_asym_id           A 
_struct_mon_prot_cis.pdbx_label_comp_id_2   PRO 
_struct_mon_prot_cis.pdbx_label_seq_id_2    9 
_struct_mon_prot_cis.pdbx_label_asym_id_2   A 
_struct_mon_prot_cis.pdbx_PDB_ins_code_2    ? 
_struct_mon_prot_cis.pdbx_auth_comp_id_2    PRO 
_struct_mon_prot_cis.pdbx_auth_seq_id_2     10 
_struct_mon_prot_cis.pdbx_auth_asym_id_2    A 
_struct_mon_prot_cis.pdbx_PDB_model_num     1 
_struct_mon_prot_cis.pdbx_omega_angle       8.01 
# 
loop_
_struct_sheet.id 
_struct_sheet.type 
_struct_sheet.number_strands 
_struct_sheet.details 
A ? 5 ? 
B ? 2 ? 
# 
loop_
_struct_sheet_order.sheet_id 
_struct_sheet_order.range_id_1 
_struct_sheet_order.range_id_2 
_struct_sheet_order.offset 
_struct_sheet_order.sense 
A 1 2 ? anti-parallel 
A 2 3 ? anti-parallel 
A 3 4 ? anti-parallel 
A 4 5 ? anti-parallel 
B 1 2 ? anti-parallel 
# 
loop_
_struct_sheet_range.sheet_id 
_struct_sheet_range.id 
_struct_sheet_range.beg_label_comp_id 
_struct_sheet_range.beg_label_asym_id 
_struct_sheet_range.beg_label_seq_id 
_struct_sheet_range.pdbx_beg_PDB_ins_code 
_struct_sheet_range.end_label_comp_id 
_struct_sheet_range.end_label_asym_id 
_struct_sheet_range.end_label_seq_id 
_struct_sheet_range.pdbx_end_PDB_ins_code 
_struct_sheet_range.beg_auth_comp_id 
_struct_sheet_range.beg_auth_asym_id 
_struct_sheet_range.beg_auth_seq_id 
_struct_sheet_range.end_auth_comp_id 
_struct_sheet_range.end_auth_asym_id 
_struct_sheet_range.end_auth_seq_id 
A 1 GLY A 45  ? ALA A 47  ? GLY A 46  ALA A 48  
A 2 MET A 57  ? ILE A 60  ? MET A 58  ILE A 61  
A 3 LEU A 75  ? GLY A 86  ? LEU A 76  GLY A 87  
A 4 LYS A 110 ? GLN A 116 ? LYS A 111 GLN A 117 
A 5 VAL A 122 ? SER A 128 ? VAL A 123 SER A 129 
B 1 MET A 89  ? GLU A 93  ? MET A 90  GLU A 94  
B 2 GLU A 103 ? ARG A 107 ? GLU A 104 ARG A 108 
# 
loop_
_pdbx_struct_sheet_hbond.sheet_id 
_pdbx_struct_sheet_hbond.range_id_1 
_pdbx_struct_sheet_hbond.range_id_2 
_pdbx_struct_sheet_hbond.range_1_label_atom_id 
_pdbx_struct_sheet_hbond.range_1_label_comp_id 
_pdbx_struct_sheet_hbond.range_1_label_asym_id 
_pdbx_struct_sheet_hbond.range_1_label_seq_id 
_pdbx_struct_sheet_hbond.range_1_PDB_ins_code 
_pdbx_struct_sheet_hbond.range_1_auth_atom_id 
_pdbx_struct_sheet_hbond.range_1_auth_comp_id 
_pdbx_struct_sheet_hbond.range_1_auth_asym_id 
_pdbx_struct_sheet_hbond.range_1_auth_seq_id 
_pdbx_struct_sheet_hbond.range_2_label_atom_id 
_pdbx_struct_sheet_hbond.range_2_label_comp_id 
_pdbx_struct_sheet_hbond.range_2_label_asym_id 
_pdbx_struct_sheet_hbond.range_2_label_seq_id 
_pdbx_struct_sheet_hbond.range_2_PDB_ins_code 
_pdbx_struct_sheet_hbond.range_2_auth_atom_id 
_pdbx_struct_sheet_hbond.range_2_auth_comp_id 
_pdbx_struct_sheet_hbond.range_2_auth_asym_id 
_pdbx_struct_sheet_hbond.range_2_auth_seq_id 
A 1 2 N LEU A 46  ? N LEU A 47  O ILE A 59  ? O ILE A 60  
A 2 3 N ILE A 60  ? N ILE A 61  O LEU A 75  ? O LEU A 76  
A 3 4 N ILE A 83  ? N ILE A 84  O LYS A 112 ? O LYS A 113 
A 4 5 N TYR A 115 ? N TYR A 116 O LYS A 123 ? O LYS A 124 
B 1 2 N MET A 89  ? N MET A 90  O ARG A 107 ? O ARG A 108 
# 
loop_
_struct_site.id 
_struct_site.pdbx_evidence_code 
_struct_site.pdbx_auth_asym_id 
_struct_site.pdbx_auth_comp_id 
_struct_site.pdbx_auth_seq_id 
_struct_site.pdbx_auth_ins_code 
_struct_site.pdbx_num_residues 
_struct_site.details 
AC1 Software A CO  201 ? 4  'BINDING SITE FOR RESIDUE CO A 201'  
AC2 Software A QAP 202 ? 15 'BINDING SITE FOR RESIDUE QAP A 202' 
AC3 Software A EPE 203 ? 5  'BINDING SITE FOR RESIDUE EPE A 203' 
AC4 Software A DMS 204 ? 3  'BINDING SITE FOR RESIDUE DMS A 204' 
AC5 Software A DMS 205 ? 4  'BINDING SITE FOR RESIDUE DMS A 205' 
# 
loop_
_struct_site_gen.id 
_struct_site_gen.site_id 
_struct_site_gen.pdbx_num_res 
_struct_site_gen.label_comp_id 
_struct_site_gen.label_asym_id 
_struct_site_gen.label_seq_id 
_struct_site_gen.pdbx_auth_ins_code 
_struct_site_gen.auth_comp_id 
_struct_site_gen.auth_asym_id 
_struct_site_gen.auth_seq_id 
_struct_site_gen.label_atom_id 
_struct_site_gen.label_alt_id 
_struct_site_gen.symmetry 
_struct_site_gen.details 
1  AC1 4  CYS A 95  ? CYS A 96  . ? 1_555 ? 
2  AC1 4  HIS A 137 ? HIS A 138 . ? 1_555 ? 
3  AC1 4  HIS A 141 ? HIS A 142 . ? 1_555 ? 
4  AC1 4  HOH G .   ? HOH A 332 . ? 1_555 ? 
5  AC2 15 SER A 41  ? SER A 42  . ? 1_555 ? 
6  AC2 15 GLY A 43  ? GLY A 44  . ? 1_555 ? 
7  AC2 15 ILE A 44  ? ILE A 45  . ? 1_555 ? 
8  AC2 15 GLY A 45  ? GLY A 46  . ? 1_555 ? 
9  AC2 15 GLU A 93  ? GLU A 94  . ? 1_555 ? 
10 AC2 15 GLY A 94  ? GLY A 95  . ? 1_555 ? 
11 AC2 15 CYS A 95  ? CYS A 96  . ? 1_555 ? 
12 AC2 15 LEU A 96  ? LEU A 97  . ? 1_555 ? 
13 AC2 15 PRO A 99  ? PRO A 100 . ? 1_555 ? 
14 AC2 15 GLY A 100 ? GLY A 101 . ? 1_555 ? 
15 AC2 15 TYR A 102 ? TYR A 103 . ? 1_555 ? 
16 AC2 15 LEU A 130 ? LEU A 131 . ? 1_555 ? 
17 AC2 15 HIS A 137 ? HIS A 138 . ? 1_555 ? 
18 AC2 15 GLU A 138 ? GLU A 139 . ? 1_555 ? 
19 AC2 15 HOH G .   ? HOH A 307 . ? 1_555 ? 
20 AC3 5  ILE A 16  ? ILE A 17  . ? 1_555 ? 
21 AC3 5  GLU A 19  ? GLU A 20  . ? 1_555 ? 
22 AC3 5  ARG A 56  ? ARG A 57  . ? 1_555 ? 
23 AC3 5  ASN A 143 ? ASN A 144 . ? 1_555 ? 
24 AC3 5  HOH G .   ? HOH A 358 . ? 1_555 ? 
25 AC4 3  ASN A 61  ? ASN A 62  . ? 1_555 ? 
26 AC4 3  LEU A 62  ? LEU A 63  . ? 1_555 ? 
27 AC4 3  ASP A 73  ? ASP A 74  . ? 1_555 ? 
28 AC5 4  SER A 22  ? SER A 23  . ? 1_555 ? 
29 AC5 4  ASP A 24  ? ASP A 25  . ? 1_555 ? 
30 AC5 4  LYS A 26  ? LYS A 27  . ? 1_555 ? 
31 AC5 4  GLN A 30  ? GLN A 31  . ? 1_555 ? 
# 
_atom_sites.entry_id                    4E9A 
_atom_sites.fract_transf_matrix[1][1]   0.02128766 
_atom_sites.fract_transf_matrix[1][2]   0.00828866 
_atom_sites.fract_transf_matrix[1][3]   -0.00692520 
_atom_sites.fract_transf_matrix[2][1]   0.00721567 
_atom_sites.fract_transf_matrix[2][2]   -0.01778059 
_atom_sites.fract_transf_matrix[2][3]   0.00089925 
_atom_sites.fract_transf_matrix[3][1]   -0.00274014 
_atom_sites.fract_transf_matrix[3][2]   -0.00163708 
_atom_sites.fract_transf_matrix[3][3]   -0.01038242 
_atom_sites.fract_transf_vector[1]      1.944650 
_atom_sites.fract_transf_vector[2]      1.694400 
_atom_sites.fract_transf_vector[3]      0.650234 
# 
loop_
_atom_type.symbol 
C  
CO 
N  
O  
S  
# 
loop_
_atom_site.group_PDB 
_atom_site.id 
_atom_site.type_symbol 
_atom_site.label_atom_id 
_atom_site.label_alt_id 
_atom_site.label_comp_id 
_atom_site.label_asym_id 
_atom_site.label_entity_id 
_atom_site.label_seq_id 
_atom_site.pdbx_PDB_ins_code 
_atom_site.Cartn_x 
_atom_site.Cartn_y 
_atom_site.Cartn_z 
_atom_site.occupancy 
_atom_site.B_iso_or_equiv 
_atom_site.pdbx_formal_charge 
_atom_site.auth_seq_id 
_atom_site.auth_comp_id 
_atom_site.auth_asym_id 
_atom_site.auth_atom_id 
_atom_site.pdbx_PDB_model_num 
ATOM   1    N  N   . ALA A 1 1   ? 18.848  3.065   3.346   1.00 29.14 ? 2   ALA A N   1 
ATOM   2    C  CA  . ALA A 1 1   ? 18.595  4.173   4.263   1.00 30.16 ? 2   ALA A CA  1 
ATOM   3    C  C   . ALA A 1 1   ? 17.149  4.192   4.750   1.00 29.61 ? 2   ALA A C   1 
ATOM   4    O  O   . ALA A 1 1   ? 16.232  3.825   4.008   1.00 30.22 ? 2   ALA A O   1 
ATOM   5    C  CB  . ALA A 1 1   ? 18.928  5.492   3.585   1.00 36.18 ? 2   ALA A CB  1 
ATOM   6    N  N   . LEU A 1 2   ? 16.949  4.631   5.989   1.00 27.95 ? 3   LEU A N   1 
ATOM   7    C  CA  . LEU A 1 2   ? 15.606  4.842   6.536   1.00 27.81 ? 3   LEU A CA  1 
ATOM   8    C  C   . LEU A 1 2   ? 15.023  6.136   5.985   1.00 30.97 ? 3   LEU A C   1 
ATOM   9    O  O   . LEU A 1 2   ? 15.701  7.162   5.939   1.00 31.08 ? 3   LEU A O   1 
ATOM   10   C  CB  . LEU A 1 2   ? 15.651  4.960   8.060   1.00 31.28 ? 3   LEU A CB  1 
ATOM   11   C  CG  . LEU A 1 2   ? 15.371  3.758   8.948   1.00 34.82 ? 3   LEU A CG  1 
ATOM   12   C  CD1 . LEU A 1 2   ? 15.286  4.185   10.414  1.00 30.23 ? 3   LEU A CD1 1 
ATOM   13   C  CD2 . LEU A 1 2   ? 14.082  3.106   8.523   1.00 33.36 ? 3   LEU A CD2 1 
ATOM   14   N  N   . LEU A 1 3   ? 13.762  6.093   5.573   1.00 26.13 ? 4   LEU A N   1 
ATOM   15   C  CA  . LEU A 1 3   ? 13.092  7.287   5.085   1.00 27.14 ? 4   LEU A CA  1 
ATOM   16   C  C   . LEU A 1 3   ? 12.044  7.729   6.086   1.00 27.95 ? 4   LEU A C   1 
ATOM   17   O  O   . LEU A 1 3   ? 11.492  6.915   6.824   1.00 29.66 ? 4   LEU A O   1 
ATOM   18   C  CB  . LEU A 1 3   ? 12.428  7.009   3.739   1.00 26.15 ? 4   LEU A CB  1 
ATOM   19   C  CG  . LEU A 1 3   ? 13.327  6.435   2.644   1.00 27.46 ? 4   LEU A CG  1 
ATOM   20   C  CD1 . LEU A 1 3   ? 12.524  6.131   1.382   1.00 28.77 ? 4   LEU A CD1 1 
ATOM   21   C  CD2 . LEU A 1 3   ? 14.495  7.369   2.331   1.00 29.05 ? 4   LEU A CD2 1 
ATOM   22   N  N   . GLU A 1 4   ? 11.771  9.026   6.107   1.00 27.54 ? 5   GLU A N   1 
ATOM   23   C  CA  . GLU A 1 4   ? 10.723  9.573   6.947   1.00 26.86 ? 5   GLU A CA  1 
ATOM   24   C  C   . GLU A 1 4   ? 9.364   9.127   6.403   1.00 25.25 ? 5   GLU A C   1 
ATOM   25   O  O   . GLU A 1 4   ? 9.111   9.228   5.199   1.00 25.99 ? 5   GLU A O   1 
ATOM   26   C  CB  . GLU A 1 4   ? 10.841  11.099  6.914   1.00 32.20 ? 5   GLU A CB  1 
ATOM   27   C  CG  . GLU A 1 4   ? 9.717   11.883  7.543   1.00 35.78 ? 5   GLU A CG  1 
ATOM   28   C  CD  . GLU A 1 4   ? 9.928   13.379  7.354   1.00 40.90 ? 5   GLU A CD  1 
ATOM   29   O  OE1 . GLU A 1 4   ? 10.906  13.909  7.919   1.00 44.32 ? 5   GLU A OE1 1 
ATOM   30   O  OE2 . GLU A 1 4   ? 9.145   14.015  6.617   1.00 50.18 ? 5   GLU A OE2 1 
ATOM   31   N  N   . ILE A 1 5   ? 8.508   8.596   7.273   1.00 24.29 ? 6   ILE A N   1 
ATOM   32   C  CA  . ILE A 1 5   ? 7.138   8.271   6.862   1.00 23.63 ? 6   ILE A CA  1 
ATOM   33   C  C   . ILE A 1 5   ? 6.236   9.470   7.113   1.00 27.19 ? 6   ILE A C   1 
ATOM   34   O  O   . ILE A 1 5   ? 6.276   10.082  8.185   1.00 27.01 ? 6   ILE A O   1 
ATOM   35   C  CB  . ILE A 1 5   ? 6.601   7.029   7.584   1.00 24.72 ? 6   ILE A CB  1 
ATOM   36   C  CG1 . ILE A 1 5   ? 7.387   5.795   7.137   1.00 25.89 ? 6   ILE A CG1 1 
ATOM   37   C  CG2 . ILE A 1 5   ? 5.106   6.830   7.299   1.00 25.92 ? 6   ILE A CG2 1 
ATOM   38   C  CD1 . ILE A 1 5   ? 7.100   4.544   7.966   1.00 29.69 ? 6   ILE A CD1 1 
ATOM   39   N  N   . ILE A 1 6   ? 5.429   9.805   6.114   1.00 21.16 ? 7   ILE A N   1 
ATOM   40   C  CA  . ILE A 1 6   ? 4.549   10.961  6.175   1.00 22.74 ? 7   ILE A CA  1 
ATOM   41   C  C   . ILE A 1 6   ? 3.234   10.547  6.807   1.00 25.64 ? 7   ILE A C   1 
ATOM   42   O  O   . ILE A 1 6   ? 2.665   9.510   6.443   1.00 25.35 ? 7   ILE A O   1 
ATOM   43   C  CB  . ILE A 1 6   ? 4.307   11.511  4.766   1.00 24.66 ? 7   ILE A CB  1 
ATOM   44   C  CG1 . ILE A 1 6   ? 5.626   12.026  4.188   1.00 28.86 ? 7   ILE A CG1 1 
ATOM   45   C  CG2 . ILE A 1 6   ? 3.271   12.618  4.786   1.00 24.74 ? 7   ILE A CG2 1 
ATOM   46   C  CD1 . ILE A 1 6   ? 5.505   12.468  2.770   1.00 30.79 ? 7   ILE A CD1 1 
ATOM   47   N  N   . HIS A 1 7   ? 2.760   11.337  7.767   1.00 23.50 ? 8   HIS A N   1 
ATOM   48   C  CA  . HIS A 1 7   ? 1.533   11.005  8.487   1.00 25.84 ? 8   HIS A CA  1 
ATOM   49   C  C   . HIS A 1 7   ? 0.364   11.929  8.147   1.00 24.84 ? 8   HIS A C   1 
ATOM   50   O  O   . HIS A 1 7   ? 0.541   13.120  7.880   1.00 25.71 ? 8   HIS A O   1 
ATOM   51   C  CB  . HIS A 1 7   ? 1.749   11.091  10.008  1.00 25.70 ? 8   HIS A CB  1 
ATOM   52   C  CG  . HIS A 1 7   ? 2.828   10.201  10.534  1.00 31.45 ? 8   HIS A CG  1 
ATOM   53   N  ND1 . HIS A 1 7   ? 3.063   8.931   10.052  1.00 30.36 ? 8   HIS A ND1 1 
ATOM   54   C  CD2 . HIS A 1 7   ? 3.733   10.399  11.522  1.00 37.95 ? 8   HIS A CD2 1 
ATOM   55   C  CE1 . HIS A 1 7   ? 4.070   8.390   10.715  1.00 27.56 ? 8   HIS A CE1 1 
ATOM   56   N  NE2 . HIS A 1 7   ? 4.495   9.260   11.611  1.00 38.34 ? 8   HIS A NE2 1 
ATOM   57   N  N   . TYR A 1 8   ? -0.841  11.367  8.196   1.00 24.15 ? 9   TYR A N   1 
ATOM   58   C  CA  . TYR A 1 8   ? -2.068  12.146  8.243   1.00 26.30 ? 9   TYR A CA  1 
ATOM   59   C  C   . TYR A 1 8   ? -1.898  13.208  9.327   1.00 27.63 ? 9   TYR A C   1 
ATOM   60   O  O   . TYR A 1 8   ? -1.362  12.916  10.392  1.00 27.83 ? 9   TYR A O   1 
ATOM   61   C  CB  . TYR A 1 8   ? -3.232  11.212  8.597   1.00 27.34 ? 9   TYR A CB  1 
ATOM   62   C  CG  . TYR A 1 8   ? -4.586  11.884  8.701   1.00 29.05 ? 9   TYR A CG  1 
ATOM   63   C  CD1 . TYR A 1 8   ? -5.449  11.912  7.618   1.00 31.86 ? 9   TYR A CD1 1 
ATOM   64   C  CD2 . TYR A 1 8   ? -5.004  12.466  9.891   1.00 30.02 ? 9   TYR A CD2 1 
ATOM   65   C  CE1 . TYR A 1 8   ? -6.685  12.521  7.700   1.00 33.47 ? 9   TYR A CE1 1 
ATOM   66   C  CE2 . TYR A 1 8   ? -6.236  13.080  9.990   1.00 32.51 ? 9   TYR A CE2 1 
ATOM   67   C  CZ  . TYR A 1 8   ? -7.071  13.101  8.893   1.00 36.45 ? 9   TYR A CZ  1 
ATOM   68   O  OH  . TYR A 1 8   ? -8.301  13.704  8.985   1.00 37.99 ? 9   TYR A OH  1 
ATOM   69   N  N   . PRO A 1 9   ? -2.329  14.440  9.084   1.00 27.85 ? 10  PRO A N   1 
ATOM   70   C  CA  . PRO A 1 9   ? -3.104  14.867  7.938   1.00 29.09 ? 10  PRO A CA  1 
ATOM   71   C  C   . PRO A 1 9   ? -2.331  15.591  6.859   1.00 29.14 ? 10  PRO A C   1 
ATOM   72   O  O   . PRO A 1 9   ? -2.872  16.434  6.216   1.00 29.03 ? 10  PRO A O   1 
ATOM   73   C  CB  . PRO A 1 9   ? -4.074  15.857  8.568   1.00 33.35 ? 10  PRO A CB  1 
ATOM   74   C  CG  . PRO A 1 9   ? -3.336  16.439  9.606   1.00 30.75 ? 10  PRO A CG  1 
ATOM   75   C  CD  . PRO A 1 9   ? -2.383  15.445  10.147  1.00 31.31 ? 10  PRO A CD  1 
ATOM   76   N  N   . SER A 1 10  ? -1.099  15.218  6.638   1.00 26.00 ? 11  SER A N   1 
ATOM   77   C  CA  . SER A 1 10  ? -0.306  15.857  5.583   1.00 28.20 ? 11  SER A CA  1 
ATOM   78   C  C   . SER A 1 10  ? -0.986  15.781  4.219   1.00 26.82 ? 11  SER A C   1 
ATOM   79   O  O   . SER A 1 10  ? -1.455  14.720  3.783   1.00 25.11 ? 11  SER A O   1 
ATOM   80   C  CB  . SER A 1 10  ? 1.101   15.269  5.504   1.00 30.25 ? 11  SER A CB  1 
ATOM   81   O  OG  . SER A 1 10  ? 1.814   15.821  4.403   1.00 27.99 ? 11  SER A OG  1 
ATOM   82   N  N   . LYS A 1 11  ? -1.030  16.924  3.541   1.00 26.56 ? 12  LYS A N   1 
ATOM   83   C  CA  . LYS A 1 11  ? -1.660  17.029  2.229   1.00 28.35 ? 12  LYS A CA  1 
ATOM   84   C  C   . LYS A 1 11  ? -0.835  16.306  1.175   1.00 24.25 ? 12  LYS A C   1 
ATOM   85   O  O   . LYS A 1 11  ? -1.305  16.061  0.063   1.00 24.65 ? 12  LYS A O   1 
ATOM   86   C  CB  . LYS A 1 11  ? -1.787  18.502  1.843   1.00 31.77 ? 12  LYS A CB  1 
ATOM   87   C  CG  . LYS A 1 11  ? -3.155  18.874  1.314   1.00 41.52 ? 12  LYS A CG  1 
ATOM   88   C  CD  . LYS A 1 11  ? -3.426  20.345  1.585   1.00 45.03 ? 12  LYS A CD  1 
ATOM   89   C  CE  . LYS A 1 11  ? -4.860  20.707  1.274   1.00 42.39 ? 12  LYS A CE  1 
ATOM   90   N  NZ  . LYS A 1 11  ? -4.946  22.140  0.863   1.00 46.82 ? 12  LYS A NZ  1 
ATOM   91   N  N   . ILE A 1 12  ? 0.403   15.975  1.521   1.00 23.27 ? 13  ILE A N   1 
ATOM   92   C  CA  . ILE A 1 12  ? 1.256   15.208  0.620   1.00 23.32 ? 13  ILE A CA  1 
ATOM   93   C  C   . ILE A 1 12  ? 0.563   13.888  0.284   1.00 22.17 ? 13  ILE A C   1 
ATOM   94   O  O   . ILE A 1 12  ? 0.669   13.389  -0.831  1.00 19.56 ? 13  ILE A O   1 
ATOM   95   C  CB  . ILE A 1 12  ? 2.641   14.938  1.245   1.00 24.53 ? 13  ILE A CB  1 
ATOM   96   C  CG1 . ILE A 1 12  ? 3.413   16.254  1.393   1.00 29.13 ? 13  ILE A CG1 1 
ATOM   97   C  CG2 . ILE A 1 12  ? 3.436   13.946  0.395   1.00 28.02 ? 13  ILE A CG2 1 
ATOM   98   C  CD1 . ILE A 1 12  ? 4.698   16.147  2.201   1.00 29.57 ? 13  ILE A CD1 1 
ATOM   99   N  N   . LEU A 1 13  ? -0.179  13.347  1.246   1.00 21.09 ? 14  LEU A N   1 
ATOM   100  C  CA  . LEU A 1 13  ? -0.844  12.049  1.062   1.00 20.20 ? 14  LEU A CA  1 
ATOM   101  C  C   . LEU A 1 13  ? -2.035  12.141  0.117   1.00 21.53 ? 14  LEU A C   1 
ATOM   102  O  O   . LEU A 1 13  ? -2.613  11.112  -0.235  1.00 21.87 ? 14  LEU A O   1 
ATOM   103  C  CB  . LEU A 1 13  ? -1.295  11.474  2.405   1.00 21.59 ? 14  LEU A CB  1 
ATOM   104  C  CG  . LEU A 1 13  ? -0.171  11.167  3.394   1.00 22.20 ? 14  LEU A CG  1 
ATOM   105  C  CD1 . LEU A 1 13  ? -0.738  10.941  4.788   1.00 21.44 ? 14  LEU A CD1 1 
ATOM   106  C  CD2 . LEU A 1 13  ? 0.604   9.940   2.929   1.00 21.49 ? 14  LEU A CD2 1 
ATOM   107  N  N   . ARG A 1 14  ? -2.401  13.362  -0.289  1.00 20.76 ? 15  ARG A N   1 
ATOM   108  C  CA  . ARG A 1 14  ? -3.470  13.552  -1.272  1.00 20.82 ? 15  ARG A CA  1 
ATOM   109  C  C   . ARG A 1 14  ? -2.939  13.605  -2.705  1.00 18.72 ? 15  ARG A C   1 
ATOM   110  O  O   . ARG A 1 14  ? -3.697  13.747  -3.672  1.00 20.25 ? 15  ARG A O   1 
ATOM   111  C  CB  . ARG A 1 14  ? -4.267  14.826  -0.965  1.00 21.37 ? 15  ARG A CB  1 
ATOM   112  C  CG  . ARG A 1 14  ? -4.957  14.826  0.382   1.00 27.50 ? 15  ARG A CG  1 
ATOM   113  C  CD  . ARG A 1 14  ? -5.629  13.510  0.631   1.00 29.66 ? 15  ARG A CD  1 
ATOM   114  N  NE  . ARG A 1 14  ? -6.370  13.464  1.896   1.00 29.44 ? 15  ARG A NE  1 
ATOM   115  C  CZ  . ARG A 1 14  ? -7.061  12.398  2.273   1.00 32.31 ? 15  ARG A CZ  1 
ATOM   116  N  NH1 . ARG A 1 14  ? -7.080  11.341  1.479   1.00 25.36 ? 15  ARG A NH1 1 
ATOM   117  N  NH2 . ARG A 1 14  ? -7.729  12.382  3.421   1.00 26.81 ? 15  ARG A NH2 1 
ATOM   118  N  N   . THR A 1 15  ? -1.628  13.477  -2.849  1.00 19.38 ? 16  THR A N   1 
ATOM   119  C  CA  . THR A 1 15  ? -1.000  13.548  -4.165  1.00 19.40 ? 16  THR A CA  1 
ATOM   120  C  C   . THR A 1 15  ? -1.414  12.376  -5.052  1.00 22.24 ? 16  THR A C   1 
ATOM   121  O  O   . THR A 1 15  ? -1.530  11.237  -4.591  1.00 21.95 ? 16  THR A O   1 
ATOM   122  C  CB  . THR A 1 15  ? 0.535   13.547  -4.017  1.00 22.55 ? 16  THR A CB  1 
ATOM   123  O  OG1 . THR A 1 15  ? 0.925   14.652  -3.203  1.00 23.78 ? 16  THR A OG1 1 
ATOM   124  C  CG2 . THR A 1 15  ? 1.232   13.647  -5.370  1.00 25.88 ? 16  THR A CG2 1 
ATOM   125  N  N   . ILE A 1 16  ? -1.647  12.650  -6.332  1.00 18.90 ? 17  ILE A N   1 
ATOM   126  C  CA  . ILE A 1 16  ? -1.790  11.569  -7.305  1.00 19.13 ? 17  ILE A CA  1 
ATOM   127  C  C   . ILE A 1 16  ? -0.403  11.228  -7.830  1.00 20.87 ? 17  ILE A C   1 
ATOM   128  O  O   . ILE A 1 16  ? 0.271   12.069  -8.424  1.00 22.68 ? 17  ILE A O   1 
ATOM   129  C  CB  . ILE A 1 16  ? -2.711  11.956  -8.476  1.00 21.83 ? 17  ILE A CB  1 
ATOM   130  C  CG1 . ILE A 1 16  ? -4.109  12.275  -7.944  1.00 23.68 ? 17  ILE A CG1 1 
ATOM   131  C  CG2 . ILE A 1 16  ? -2.797  10.804  -9.490  1.00 22.52 ? 17  ILE A CG2 1 
ATOM   132  C  CD1 . ILE A 1 16  ? -5.066  12.742  -8.999  1.00 26.42 ? 17  ILE A CD1 1 
ATOM   133  N  N   . SER A 1 17  ? 0.031   9.991   -7.604  1.00 20.21 ? 18  SER A N   1 
ATOM   134  C  CA  . SER A 1 17  ? 1.374   9.601   -8.011  1.00 19.86 ? 18  SER A CA  1 
ATOM   135  C  C   . SER A 1 17  ? 1.450   9.366   -9.521  1.00 20.09 ? 18  SER A C   1 
ATOM   136  O  O   . SER A 1 17  ? 0.446   9.069   -10.167 1.00 19.93 ? 18  SER A O   1 
ATOM   137  C  CB  . SER A 1 17  ? 1.803   8.347   -7.244  1.00 19.08 ? 18  SER A CB  1 
ATOM   138  O  OG  . SER A 1 17  ? 2.056   8.663   -5.878  1.00 19.22 ? 18  SER A OG  1 
ATOM   139  N  N   . LYS A 1 18  ? 2.632   9.460   -10.224 1.00 19.56 ? 19  LYS A N   1 
ATOM   140  C  CA  . LYS A 1 18  ? 2.990   9.361   -11.636 1.00 21.76 ? 19  LYS A CA  1 
ATOM   141  C  C   . LYS A 1 18  ? 3.570   8.006   -12.010 1.00 23.28 ? 19  LYS A C   1 
ATOM   142  O  O   . LYS A 1 18  ? 4.261   7.372   -11.207 1.00 21.22 ? 19  LYS A O   1 
ATOM   143  C  CB  . LYS A 1 18  ? 4.045   10.422  -11.942 1.00 27.07 ? 19  LYS A CB  1 
ATOM   144  C  CG  . LYS A 1 18  ? 3.568   11.837  -11.702 1.00 33.50 ? 19  LYS A CG  1 
ATOM   145  C  CD  . LYS A 1 18  ? 2.431   12.174  -12.645 1.00 40.53 ? 19  LYS A CD  1 
ATOM   146  C  CE  . LYS A 1 18  ? 1.984   13.621  -12.470 1.00 43.99 ? 19  LYS A CE  1 
ATOM   147  N  NZ  . LYS A 1 18  ? 0.846   14.001  -13.361 1.00 50.62 ? 19  LYS A NZ  1 
ATOM   148  N  N   . GLU A 1 19  ? 3.209   7.653   -13.137 1.00 23.17 ? 20  GLU A N   1 
ATOM   149  C  CA  . GLU A 1 19  ? 3.770   6.423   -13.687 1.00 23.82 ? 20  GLU A CA  1 
ATOM   150  C  C   . GLU A 1 19  ? 5.299   6.427   -13.703 1.00 23.95 ? 20  GLU A C   1 
ATOM   151  O  O   . GLU A 1 19  ? 5.935   7.455   -13.958 1.00 24.12 ? 20  GLU A O   1 
ATOM   152  C  CB  . GLU A 1 19  ? 3.234   6.182   -15.101 1.00 26.26 ? 20  GLU A CB  1 
ATOM   153  C  CG  . GLU A 1 19  ? 1.827   5.587   -15.143 1.00 31.01 ? 20  GLU A CG  1 
ATOM   154  C  CD  . GLU A 1 19  ? 0.715   6.616   -14.955 1.00 34.84 ? 20  GLU A CD  1 
ATOM   155  O  OE1 . GLU A 1 19  ? 1.005   7.828   -14.787 1.00 37.16 ? 20  GLU A OE1 1 
ATOM   156  O  OE2 . GLU A 1 19  ? -0.466  6.199   -14.985 1.00 38.79 ? 20  GLU A OE2 1 
ATOM   157  N  N   . VAL A 1 20  ? 5.881   5.275   -13.387 1.00 20.86 ? 21  VAL A N   1 
ATOM   158  C  CA  . VAL A 1 20  ? 7.321   5.070   -13.490 1.00 22.60 ? 21  VAL A CA  1 
ATOM   159  C  C   . VAL A 1 20  ? 7.653   4.719   -14.939 1.00 23.83 ? 21  VAL A C   1 
ATOM   160  O  O   . VAL A 1 20  ? 7.022   3.835   -15.529 1.00 21.76 ? 21  VAL A O   1 
ATOM   161  C  CB  . VAL A 1 20  ? 7.772   3.911   -12.582 1.00 22.14 ? 21  VAL A CB  1 
ATOM   162  C  CG1 . VAL A 1 20  ? 9.263   3.614   -12.781 1.00 22.25 ? 21  VAL A CG1 1 
ATOM   163  C  CG2 . VAL A 1 20  ? 7.479   4.245   -11.124 1.00 23.82 ? 21  VAL A CG2 1 
ATOM   164  N  N   . VAL A 1 21  ? 8.632   5.407   -15.516 1.00 23.46 ? 22  VAL A N   1 
ATOM   165  C  CA  . VAL A 1 21  ? 9.025   5.128   -16.898 1.00 24.35 ? 22  VAL A CA  1 
ATOM   166  C  C   . VAL A 1 21  ? 10.472  4.647   -17.001 1.00 27.14 ? 22  VAL A C   1 
ATOM   167  O  O   . VAL A 1 21  ? 10.849  4.017   -17.988 1.00 33.02 ? 22  VAL A O   1 
ATOM   168  C  CB  . VAL A 1 21  ? 8.805   6.347   -17.845 1.00 29.59 ? 22  VAL A CB  1 
ATOM   169  C  CG1 . VAL A 1 21  ? 7.318   6.668   -17.994 1.00 33.65 ? 22  VAL A CG1 1 
ATOM   170  C  CG2 . VAL A 1 21  ? 9.543   7.557   -17.338 1.00 33.03 ? 22  VAL A CG2 1 
ATOM   171  N  N   . SER A 1 22  ? 11.280  4.947   -15.986 1.00 23.99 ? 23  SER A N   1 
ATOM   172  C  CA  . SER A 1 22  ? 12.685  4.530   -15.977 1.00 28.20 ? 23  SER A CA  1 
ATOM   173  C  C   . SER A 1 22  ? 12.939  3.491   -14.885 1.00 27.93 ? 23  SER A C   1 
ATOM   174  O  O   . SER A 1 22  ? 12.866  3.798   -13.687 1.00 27.41 ? 23  SER A O   1 
ATOM   175  C  CB  . SER A 1 22  ? 13.612  5.747   -15.790 1.00 28.88 ? 23  SER A CB  1 
ATOM   176  O  OG  . SER A 1 22  ? 14.980  5.384   -15.977 1.00 34.76 ? 23  SER A OG  1 
ATOM   177  N  N   . PHE A 1 23  ? 13.201  2.254   -15.298 1.00 24.48 ? 24  PHE A N   1 
ATOM   178  C  CA  . PHE A 1 23  ? 13.432  1.175   -14.347 1.00 22.52 ? 24  PHE A CA  1 
ATOM   179  C  C   . PHE A 1 23  ? 14.931  0.972   -14.168 1.00 25.93 ? 24  PHE A C   1 
ATOM   180  O  O   . PHE A 1 23  ? 15.516  0.015   -14.687 1.00 30.17 ? 24  PHE A O   1 
ATOM   181  C  CB  . PHE A 1 23  ? 12.744  -0.105  -14.820 1.00 24.34 ? 24  PHE A CB  1 
ATOM   182  C  CG  . PHE A 1 23  ? 11.237  -0.017  -14.823 1.00 20.93 ? 24  PHE A CG  1 
ATOM   183  C  CD1 . PHE A 1 23  ? 10.489  -0.668  -13.857 1.00 21.09 ? 24  PHE A CD1 1 
ATOM   184  C  CD2 . PHE A 1 23  ? 10.568  0.727   -15.792 1.00 21.56 ? 24  PHE A CD2 1 
ATOM   185  C  CE1 . PHE A 1 23  ? 9.107   -0.593  -13.862 1.00 21.26 ? 24  PHE A CE1 1 
ATOM   186  C  CE2 . PHE A 1 23  ? 9.185   0.803   -15.795 1.00 24.21 ? 24  PHE A CE2 1 
ATOM   187  C  CZ  . PHE A 1 23  ? 8.461   0.145   -14.830 1.00 22.26 ? 24  PHE A CZ  1 
ATOM   188  N  N   . ASP A 1 24  ? 15.540  1.886   -13.424 1.00 24.50 ? 25  ASP A N   1 
ATOM   189  C  CA  . ASP A 1 24  ? 16.993  1.975   -13.340 1.00 23.31 ? 25  ASP A CA  1 
ATOM   190  C  C   . ASP A 1 24  ? 17.511  1.848   -11.911 1.00 23.21 ? 25  ASP A C   1 
ATOM   191  O  O   . ASP A 1 24  ? 16.752  1.537   -10.979 1.00 21.98 ? 25  ASP A O   1 
ATOM   192  C  CB  . ASP A 1 24  ? 17.434  3.313   -13.949 1.00 25.11 ? 25  ASP A CB  1 
ATOM   193  C  CG  . ASP A 1 24  ? 16.702  4.494   -13.344 1.00 26.53 ? 25  ASP A CG  1 
ATOM   194  O  OD1 . ASP A 1 24  ? 16.254  4.394   -12.177 1.00 24.45 ? 25  ASP A OD1 1 
ATOM   195  O  OD2 . ASP A 1 24  ? 16.553  5.533   -14.033 1.00 27.94 ? 25  ASP A OD2 1 
ATOM   196  N  N   . ALA A 1 25  ? 18.807  2.096   -11.725 1.00 23.11 ? 26  ALA A N   1 
ATOM   197  C  CA  . ALA A 1 25  ? 19.428  1.916   -10.419 1.00 24.50 ? 26  ALA A CA  1 
ATOM   198  C  C   . ALA A 1 25  ? 18.779  2.801   -9.369  1.00 21.48 ? 26  ALA A C   1 
ATOM   199  O  O   . ALA A 1 25  ? 18.614  2.386   -8.228  1.00 24.13 ? 26  ALA A O   1 
ATOM   200  C  CB  . ALA A 1 25  ? 20.925  2.204   -10.482 1.00 23.66 ? 26  ALA A CB  1 
ATOM   201  N  N   . LYS A 1 26  ? 18.440  4.033   -9.745  1.00 20.17 ? 27  LYS A N   1 
ATOM   202  C  CA  . LYS A 1 26  ? 17.779  4.938   -8.815  1.00 20.83 ? 27  LYS A CA  1 
ATOM   203  C  C   . LYS A 1 26  ? 16.447  4.368   -8.328  1.00 20.94 ? 27  LYS A C   1 
ATOM   204  O  O   . LYS A 1 26  ? 16.150  4.414   -7.134  1.00 20.65 ? 27  LYS A O   1 
ATOM   205  C  CB  . LYS A 1 26  ? 17.556  6.305   -9.449  1.00 22.69 ? 27  LYS A CB  1 
ATOM   206  C  CG  . LYS A 1 26  ? 16.922  7.287   -8.488  1.00 23.53 ? 27  LYS A CG  1 
ATOM   207  C  CD  . LYS A 1 26  ? 17.085  8.720   -8.964  1.00 30.26 ? 27  LYS A CD  1 
ATOM   208  C  CE  . LYS A 1 26  ? 16.296  8.984   -10.221 1.00 35.66 ? 27  LYS A CE  1 
ATOM   209  N  NZ  . LYS A 1 26  ? 15.118  9.841   -9.909  1.00 46.12 ? 27  LYS A NZ  1 
ATOM   210  N  N   . LEU A 1 27  ? 15.652  3.832   -9.252  1.00 20.91 ? 28  LEU A N   1 
ATOM   211  C  CA  . LEU A 1 27  ? 14.399  3.162   -8.867  1.00 22.14 ? 28  LEU A CA  1 
ATOM   212  C  C   . LEU A 1 27  ? 14.666  2.065   -7.845  1.00 22.42 ? 28  LEU A C   1 
ATOM   213  O  O   . LEU A 1 27  ? 13.958  1.938   -6.836  1.00 22.85 ? 28  LEU A O   1 
ATOM   214  C  CB  . LEU A 1 27  ? 13.714  2.557   -10.095 1.00 22.30 ? 28  LEU A CB  1 
ATOM   215  C  CG  . LEU A 1 27  ? 12.475  1.715   -9.784  1.00 26.47 ? 28  LEU A CG  1 
ATOM   216  C  CD1 . LEU A 1 27  ? 11.386  2.652   -9.379  1.00 31.47 ? 28  LEU A CD1 1 
ATOM   217  C  CD2 . LEU A 1 27  ? 12.051  0.875   -10.989 1.00 23.80 ? 28  LEU A CD2 1 
ATOM   218  N  N   . HIS A 1 28  ? 15.692  1.266   -8.110  1.00 21.15 ? 29  HIS A N   1 
ATOM   219  C  CA  . HIS A 1 28  ? 16.017  0.147   -7.237  1.00 24.37 ? 29  HIS A CA  1 
ATOM   220  C  C   . HIS A 1 28  ? 16.479  0.636   -5.870  1.00 23.00 ? 29  HIS A C   1 
ATOM   221  O  O   . HIS A 1 28  ? 16.137  0.048   -4.851  1.00 21.90 ? 29  HIS A O   1 
ATOM   222  C  CB  . HIS A 1 28  ? 17.071  -0.739  -7.903  1.00 23.73 ? 29  HIS A CB  1 
ATOM   223  C  CG  . HIS A 1 28  ? 16.602  -1.348  -9.184  1.00 24.39 ? 29  HIS A CG  1 
ATOM   224  N  ND1 . HIS A 1 28  ? 17.434  -2.056  -10.022 1.00 28.16 ? 29  HIS A ND1 1 
ATOM   225  C  CD2 . HIS A 1 28  ? 15.382  -1.349  -9.773  1.00 27.97 ? 29  HIS A CD2 1 
ATOM   226  C  CE1 . HIS A 1 28  ? 16.747  -2.464  -11.076 1.00 29.19 ? 29  HIS A CE1 1 
ATOM   227  N  NE2 . HIS A 1 28  ? 15.497  -2.059  -10.942 1.00 27.27 ? 29  HIS A NE2 1 
ATOM   228  N  N   . GLN A 1 29  ? 17.230  1.734   -5.844  1.00 20.08 ? 30  GLN A N   1 
ATOM   229  C  CA  . GLN A 1 29  ? 17.648  2.317   -4.572  1.00 22.01 ? 30  GLN A CA  1 
ATOM   230  C  C   . GLN A 1 29  ? 16.436  2.768   -3.758  1.00 22.46 ? 30  GLN A C   1 
ATOM   231  O  O   . GLN A 1 29  ? 16.374  2.566   -2.547  1.00 22.41 ? 30  GLN A O   1 
ATOM   232  C  CB  . GLN A 1 29  ? 18.577  3.520   -4.796  1.00 23.02 ? 30  GLN A CB  1 
ATOM   233  C  CG  . GLN A 1 29  ? 19.924  3.184   -5.436  1.00 23.01 ? 30  GLN A CG  1 
ATOM   234  C  CD  . GLN A 1 29  ? 20.741  4.425   -5.805  1.00 27.95 ? 30  GLN A CD  1 
ATOM   235  O  OE1 . GLN A 1 29  ? 20.252  5.317   -6.500  1.00 26.01 ? 30  GLN A OE1 1 
ATOM   236  N  NE2 . GLN A 1 29  ? 21.989  4.487   -5.328  1.00 29.16 ? 30  GLN A NE2 1 
ATOM   237  N  N   . GLN A 1 30  ? 15.485  3.409   -4.430  1.00 21.52 ? 31  GLN A N   1 
ATOM   238  C  CA  . GLN A 1 30  ? 14.284  3.874   -3.760  1.00 22.56 ? 31  GLN A CA  1 
ATOM   239  C  C   . GLN A 1 30  ? 13.468  2.706   -3.219  1.00 20.21 ? 31  GLN A C   1 
ATOM   240  O  O   . GLN A 1 30  ? 12.972  2.765   -2.101  1.00 21.12 ? 31  GLN A O   1 
ATOM   241  C  CB  . GLN A 1 30  ? 13.458  4.735   -4.721  1.00 20.95 ? 31  GLN A CB  1 
ATOM   242  C  CG  . GLN A 1 30  ? 14.177  6.028   -5.116  1.00 23.35 ? 31  GLN A CG  1 
ATOM   243  C  CD  . GLN A 1 30  ? 13.458  6.792   -6.204  1.00 24.28 ? 31  GLN A CD  1 
ATOM   244  O  OE1 . GLN A 1 30  ? 12.823  6.200   -7.080  1.00 26.22 ? 31  GLN A OE1 1 
ATOM   245  N  NE2 . GLN A 1 30  ? 13.566  8.121   -6.164  1.00 27.27 ? 31  GLN A NE2 1 
ATOM   246  N  N   . LEU A 1 31  ? 13.331  1.649   -4.013  1.00 19.45 ? 32  LEU A N   1 
ATOM   247  C  CA  . LEU A 1 31  ? 12.592  0.463   -3.556  1.00 19.47 ? 32  LEU A CA  1 
ATOM   248  C  C   . LEU A 1 31  ? 13.275  -0.191  -2.362  1.00 23.12 ? 32  LEU A C   1 
ATOM   249  O  O   . LEU A 1 31  ? 12.606  -0.614  -1.415  1.00 21.86 ? 32  LEU A O   1 
ATOM   250  C  CB  . LEU A 1 31  ? 12.427  -0.558  -4.682  1.00 21.34 ? 32  LEU A CB  1 
ATOM   251  C  CG  . LEU A 1 31  ? 11.449  -0.173  -5.798  1.00 21.97 ? 32  LEU A CG  1 
ATOM   252  C  CD1 . LEU A 1 31  ? 11.597  -1.109  -6.987  1.00 22.97 ? 32  LEU A CD1 1 
ATOM   253  C  CD2 . LEU A 1 31  ? 10.005  -0.191  -5.299  1.00 23.60 ? 32  LEU A CD2 1 
ATOM   254  N  N   . ASP A 1 32  ? 14.604  -0.276  -2.401  1.00 22.96 ? 33  ASP A N   1 
ATOM   255  C  CA  . ASP A 1 32  ? 15.349  -0.823  -1.271  1.00 23.42 ? 33  ASP A CA  1 
ATOM   256  C  C   . ASP A 1 32  ? 15.135  0.004   -0.004  1.00 23.22 ? 33  ASP A C   1 
ATOM   257  O  O   . ASP A 1 32  ? 14.942  -0.547  1.089   1.00 23.46 ? 33  ASP A O   1 
ATOM   258  C  CB  . ASP A 1 32  ? 16.848  -0.907  -1.578  1.00 25.84 ? 33  ASP A CB  1 
ATOM   259  C  CG  . ASP A 1 32  ? 17.191  -1.972  -2.594  1.00 29.45 ? 33  ASP A CG  1 
ATOM   260  O  OD1 . ASP A 1 32  ? 16.332  -2.823  -2.921  1.00 29.14 ? 33  ASP A OD1 1 
ATOM   261  O  OD2 . ASP A 1 32  ? 18.351  -1.964  -3.058  1.00 30.18 ? 33  ASP A OD2 1 
ATOM   262  N  N   . ASP A 1 33  ? 15.169  1.327   -0.144  1.00 22.24 ? 34  ASP A N   1 
ATOM   263  C  CA  . ASP A 1 33  ? 14.929  2.206   0.994   1.00 23.65 ? 34  ASP A CA  1 
ATOM   264  C  C   . ASP A 1 33  ? 13.498  2.080   1.498   1.00 21.36 ? 34  ASP A C   1 
ATOM   265  O  O   . ASP A 1 33  ? 13.251  2.149   2.700   1.00 22.36 ? 34  ASP A O   1 
ATOM   266  C  CB  . ASP A 1 33  ? 15.234  3.671   0.648   1.00 23.73 ? 34  ASP A CB  1 
ATOM   267  C  CG  . ASP A 1 33  ? 16.720  3.938   0.468   1.00 28.51 ? 34  ASP A CG  1 
ATOM   268  O  OD1 . ASP A 1 33  ? 17.542  3.072   0.831   1.00 27.16 ? 34  ASP A OD1 1 
ATOM   269  O  OD2 . ASP A 1 33  ? 17.065  5.033   -0.026  1.00 30.41 ? 34  ASP A OD2 1 
ATOM   270  N  N   . MET A 1 34  ? 12.550  1.896   0.583   1.00 20.40 ? 35  MET A N   1 
ATOM   271  C  CA  . MET A 1 34  ? 11.173  1.683   1.018   1.00 19.78 ? 35  MET A CA  1 
ATOM   272  C  C   . MET A 1 34  ? 11.049  0.417   1.848   1.00 19.14 ? 35  MET A C   1 
ATOM   273  O  O   . MET A 1 34  ? 10.339  0.396   2.858   1.00 21.40 ? 35  MET A O   1 
ATOM   274  C  CB  . MET A 1 34  ? 10.220  1.631   -0.175  1.00 20.04 ? 35  MET A CB  1 
ATOM   275  C  CG  . MET A 1 34  ? 9.887   3.021   -0.752  1.00 19.38 ? 35  MET A CG  1 
ATOM   276  S  SD  . MET A 1 34  ? 8.988   2.899   -2.308  1.00 21.33 ? 35  MET A SD  1 
ATOM   277  C  CE  . MET A 1 34  ? 7.455   2.172   -1.735  1.00 18.41 ? 35  MET A CE  1 
ATOM   278  N  N   . TYR A 1 35  ? 11.734  -0.636  1.425   1.00 20.33 ? 36  TYR A N   1 
ATOM   279  C  CA  . TYR A 1 35  ? 11.646  -1.905  2.145   1.00 20.68 ? 36  TYR A CA  1 
ATOM   280  C  C   . TYR A 1 35  ? 12.235  -1.757  3.537   1.00 21.94 ? 36  TYR A C   1 
ATOM   281  O  O   . TYR A 1 35  ? 11.635  -2.160  4.525   1.00 20.92 ? 36  TYR A O   1 
ATOM   282  C  CB  . TYR A 1 35  ? 12.357  -3.034  1.397   1.00 20.15 ? 36  TYR A CB  1 
ATOM   283  C  CG  . TYR A 1 35  ? 12.065  -4.378  2.021   1.00 21.84 ? 36  TYR A CG  1 
ATOM   284  C  CD1 . TYR A 1 35  ? 10.849  -5.007  1.810   1.00 24.51 ? 36  TYR A CD1 1 
ATOM   285  C  CD2 . TYR A 1 35  ? 12.990  -5.002  2.848   1.00 24.30 ? 36  TYR A CD2 1 
ATOM   286  C  CE1 . TYR A 1 35  ? 10.555  -6.231  2.393   1.00 27.23 ? 36  TYR A CE1 1 
ATOM   287  C  CE2 . TYR A 1 35  ? 12.712  -6.232  3.435   1.00 24.33 ? 36  TYR A CE2 1 
ATOM   288  C  CZ  . TYR A 1 35  ? 11.490  -6.838  3.205   1.00 26.93 ? 36  TYR A CZ  1 
ATOM   289  O  OH  . TYR A 1 35  ? 11.194  -8.050  3.788   1.00 27.39 ? 36  TYR A OH  1 
ATOM   290  N  N   . GLU A 1 36  ? 13.431  -1.182  3.603   1.00 21.62 ? 37  GLU A N   1 
ATOM   291  C  CA  . GLU A 1 36  ? 14.096  -0.938  4.878   1.00 24.53 ? 37  GLU A CA  1 
ATOM   292  C  C   . GLU A 1 36  ? 13.193  -0.161  5.827   1.00 23.90 ? 37  GLU A C   1 
ATOM   293  O  O   . GLU A 1 36  ? 13.077  -0.477  7.018   1.00 23.21 ? 37  GLU A O   1 
ATOM   294  C  CB  . GLU A 1 36  ? 15.395  -0.165  4.617   1.00 25.85 ? 37  GLU A CB  1 
ATOM   295  C  CG  . GLU A 1 36  ? 16.234  0.087   5.842   1.00 30.19 ? 37  GLU A CG  1 
ATOM   296  C  CD  . GLU A 1 36  ? 17.602  0.649   5.487   1.00 29.71 ? 37  GLU A CD  1 
ATOM   297  O  OE1 . GLU A 1 36  ? 18.241  1.249   6.374   1.00 35.85 ? 37  GLU A OE1 1 
ATOM   298  O  OE2 . GLU A 1 36  ? 18.033  0.499   4.322   1.00 33.14 ? 37  GLU A OE2 1 
ATOM   299  N  N   . THR A 1 37  ? 12.529  0.857   5.287   1.00 21.95 ? 38  THR A N   1 
ATOM   300  C  CA  . THR A 1 37  ? 11.671  1.721   6.072   1.00 20.48 ? 38  THR A CA  1 
ATOM   301  C  C   . THR A 1 37  ? 10.411  0.988   6.547   1.00 22.86 ? 38  THR A C   1 
ATOM   302  O  O   . THR A 1 37  ? 9.991   1.121   7.703   1.00 23.05 ? 38  THR A O   1 
ATOM   303  C  CB  . THR A 1 37  ? 11.275  2.963   5.251   1.00 22.65 ? 38  THR A CB  1 
ATOM   304  O  OG1 . THR A 1 37  ? 12.459  3.692   4.886   1.00 22.85 ? 38  THR A OG1 1 
ATOM   305  C  CG2 . THR A 1 37  ? 10.375  3.866   6.055   1.00 24.15 ? 38  THR A CG2 1 
ATOM   306  N  N   . MET A 1 38  ? 9.800   0.223   5.650   1.00 20.77 ? 39  MET A N   1 
ATOM   307  C  CA  . MET A 1 38  ? 8.578   -0.503  5.985   1.00 20.57 ? 39  MET A CA  1 
ATOM   308  C  C   . MET A 1 38  ? 8.848   -1.499  7.109   1.00 22.87 ? 39  MET A C   1 
ATOM   309  O  O   . MET A 1 38  ? 8.107   -1.561  8.094   1.00 22.94 ? 39  MET A O   1 
ATOM   310  C  CB  . MET A 1 38  ? 8.045   -1.245  4.752   1.00 21.53 ? 39  MET A CB  1 
ATOM   311  C  CG  . MET A 1 38  ? 6.767   -2.020  5.032   1.00 22.44 ? 39  MET A CG  1 
ATOM   312  S  SD  . MET A 1 38  ? 6.166   -2.920  3.589   1.00 23.14 ? 39  MET A SD  1 
ATOM   313  C  CE  . MET A 1 38  ? 7.255   -4.319  3.567   1.00 22.93 ? 39  MET A CE  1 
ATOM   314  N  N   . ILE A 1 39  ? 9.920   -2.273  6.963   1.00 21.75 ? 40  ILE A N   1 
ATOM   315  C  CA  . ILE A 1 39  ? 10.267  -3.282  7.970   1.00 23.64 ? 40  ILE A CA  1 
ATOM   316  C  C   . ILE A 1 39  ? 10.631  -2.664  9.322   1.00 25.09 ? 40  ILE A C   1 
ATOM   317  O  O   . ILE A 1 39  ? 10.216  -3.158  10.373  1.00 24.41 ? 40  ILE A O   1 
ATOM   318  C  CB  . ILE A 1 39  ? 11.408  -4.194  7.487   1.00 25.38 ? 40  ILE A CB  1 
ATOM   319  C  CG1 . ILE A 1 39  ? 10.968  -4.993  6.261   1.00 28.34 ? 40  ILE A CG1 1 
ATOM   320  C  CG2 . ILE A 1 39  ? 11.857  -5.135  8.616   1.00 30.41 ? 40  ILE A CG2 1 
ATOM   321  C  CD1 . ILE A 1 39  ? 9.826   -5.959  6.528   1.00 31.27 ? 40  ILE A CD1 1 
ATOM   322  N  N   . ALA A 1 40  ? 11.395  -1.575  9.308   1.00 22.48 ? 41  ALA A N   1 
ATOM   323  C  CA  . ALA A 1 40  ? 11.788  -0.938  10.567  1.00 24.52 ? 41  ALA A CA  1 
ATOM   324  C  C   . ALA A 1 40  ? 10.581  -0.429  11.350  1.00 26.98 ? 41  ALA A C   1 
ATOM   325  O  O   . ALA A 1 40  ? 10.630  -0.289  12.576  1.00 27.39 ? 41  ALA A O   1 
ATOM   326  C  CB  . ALA A 1 40  ? 12.764  0.188   10.314  1.00 25.50 ? 41  ALA A CB  1 
ATOM   327  N  N   . SER A 1 41  ? 9.489   -0.143  10.644  1.00 23.79 ? 42  SER A N   1 
ATOM   328  C  CA  . SER A 1 41  ? 8.300   0.365   11.318  1.00 24.23 ? 42  SER A CA  1 
ATOM   329  C  C   . SER A 1 41  ? 7.214   -0.690  11.460  1.00 25.09 ? 42  SER A C   1 
ATOM   330  O  O   . SER A 1 41  ? 6.078   -0.367  11.810  1.00 26.52 ? 42  SER A O   1 
ATOM   331  C  CB  . SER A 1 41  ? 7.750   1.600   10.601  1.00 29.81 ? 42  SER A CB  1 
ATOM   332  O  OG  . SER A 1 41  ? 8.500   2.753   10.951  1.00 35.09 ? 42  SER A OG  1 
ATOM   333  N  N   . GLU A 1 42  ? 7.579   -1.936  11.166  1.00 24.34 ? 43  GLU A N   1 
ATOM   334  C  CA  . GLU A 1 42  ? 6.717   -3.102  11.356  1.00 28.11 ? 43  GLU A CA  1 
ATOM   335  C  C   . GLU A 1 42  ? 5.479   -3.059  10.470  1.00 27.44 ? 43  GLU A C   1 
ATOM   336  O  O   . GLU A 1 42  ? 4.384   -3.440  10.894  1.00 28.46 ? 43  GLU A O   1 
ATOM   337  C  CB  . GLU A 1 42  ? 6.313   -3.248  12.832  1.00 32.94 ? 43  GLU A CB  1 
ATOM   338  C  CG  . GLU A 1 42  ? 7.470   -3.118  13.818  1.00 35.28 ? 43  GLU A CG  1 
ATOM   339  C  CD  . GLU A 1 42  ? 7.072   -3.542  15.229  1.00 47.03 ? 43  GLU A CD  1 
ATOM   340  O  OE1 . GLU A 1 42  ? 6.409   -2.746  15.932  1.00 46.72 ? 43  GLU A OE1 1 
ATOM   341  O  OE2 . GLU A 1 42  ? 7.401   -4.684  15.620  1.00 49.61 ? 43  GLU A OE2 1 
ATOM   342  N  N   . GLY A 1 43  ? 5.657   -2.610  9.233   1.00 23.46 ? 44  GLY A N   1 
ATOM   343  C  CA  . GLY A 1 43  ? 4.543   -2.556  8.300   1.00 24.23 ? 44  GLY A CA  1 
ATOM   344  C  C   . GLY A 1 43  ? 4.553   -3.753  7.372   1.00 24.75 ? 44  GLY A C   1 
ATOM   345  O  O   . GLY A 1 43  ? 5.568   -4.427  7.238   1.00 22.32 ? 44  GLY A O   1 
ATOM   346  N  N   . ILE A 1 44  ? 3.416   -4.023  6.734   1.00 21.31 ? 45  ILE A N   1 
ATOM   347  C  CA  . ILE A 1 44  ? 3.347   -5.072  5.734   1.00 20.40 ? 45  ILE A CA  1 
ATOM   348  C  C   . ILE A 1 44  ? 3.102   -4.502  4.341   1.00 20.53 ? 45  ILE A C   1 
ATOM   349  O  O   . ILE A 1 44  ? 3.163   -5.228  3.358   1.00 22.24 ? 45  ILE A O   1 
ATOM   350  C  CB  . ILE A 1 44  ? 2.249   -6.095  6.068   1.00 20.29 ? 45  ILE A CB  1 
ATOM   351  C  CG1 . ILE A 1 44  ? 0.888   -5.405  6.143   1.00 26.27 ? 45  ILE A CG1 1 
ATOM   352  C  CG2 . ILE A 1 44  ? 2.565   -6.780  7.399   1.00 24.59 ? 45  ILE A CG2 1 
ATOM   353  C  CD1 . ILE A 1 44  ? -0.289  -6.375  6.348   1.00 30.25 ? 45  ILE A CD1 1 
ATOM   354  N  N   . GLY A 1 45  ? 2.819   -3.208  4.261   1.00 20.18 ? 46  GLY A N   1 
ATOM   355  C  CA  . GLY A 1 45  ? 2.659   -2.559  2.968   1.00 20.76 ? 46  GLY A CA  1 
ATOM   356  C  C   . GLY A 1 45  ? 3.177   -1.135  3.043   1.00 19.28 ? 46  GLY A C   1 
ATOM   357  O  O   . GLY A 1 45  ? 3.173   -0.533  4.120   1.00 20.57 ? 46  GLY A O   1 
ATOM   358  N  N   . LEU A 1 46  ? 3.657   -0.611  1.918   1.00 19.87 ? 47  LEU A N   1 
ATOM   359  C  CA  . LEU A 1 46  ? 4.078   0.790   1.854   1.00 18.55 ? 47  LEU A CA  1 
ATOM   360  C  C   . LEU A 1 46  ? 4.008   1.285   0.420   1.00 17.90 ? 47  LEU A C   1 
ATOM   361  O  O   . LEU A 1 46  ? 4.525   0.640   -0.488  1.00 19.14 ? 47  LEU A O   1 
ATOM   362  C  CB  . LEU A 1 46  ? 5.516   0.950   2.372   1.00 18.15 ? 47  LEU A CB  1 
ATOM   363  C  CG  . LEU A 1 46  ? 5.990   2.397   2.572   1.00 18.02 ? 47  LEU A CG  1 
ATOM   364  C  CD1 . LEU A 1 46  ? 5.325   3.031   3.792   1.00 22.68 ? 47  LEU A CD1 1 
ATOM   365  C  CD2 . LEU A 1 46  ? 7.520   2.450   2.692   1.00 21.94 ? 47  LEU A CD2 1 
ATOM   366  N  N   . ALA A 1 47  ? 3.377   2.442   0.228   1.00 17.16 ? 48  ALA A N   1 
ATOM   367  C  CA  . ALA A 1 47  ? 3.331   3.103   -1.077  1.00 15.98 ? 48  ALA A CA  1 
ATOM   368  C  C   . ALA A 1 47  ? 4.358   4.232   -1.100  1.00 17.89 ? 48  ALA A C   1 
ATOM   369  O  O   . ALA A 1 47  ? 4.666   4.826   -0.066  1.00 17.87 ? 48  ALA A O   1 
ATOM   370  C  CB  . ALA A 1 47  ? 1.942   3.633   -1.346  1.00 17.16 ? 48  ALA A CB  1 
ATOM   371  N  N   . ALA A 1 48  ? 4.894   4.533   -2.279  1.00 18.15 ? 49  ALA A N   1 
ATOM   372  C  CA  . ALA A 1 48  ? 5.999   5.472   -2.355  1.00 18.98 ? 49  ALA A CA  1 
ATOM   373  C  C   . ALA A 1 48  ? 5.624   6.864   -1.831  1.00 19.09 ? 49  ALA A C   1 
ATOM   374  O  O   . ALA A 1 48  ? 6.449   7.538   -1.224  1.00 19.40 ? 49  ALA A O   1 
ATOM   375  C  CB  . ALA A 1 48  ? 6.547   5.541   -3.778  1.00 20.72 ? 49  ALA A CB  1 
ATOM   376  N  N   . ILE A 1 49  ? 4.379   7.287   -2.026  1.00 18.40 ? 50  ILE A N   1 
ATOM   377  C  CA  . ILE A 1 49  ? 3.957   8.609   -1.519  1.00 19.68 ? 50  ILE A CA  1 
ATOM   378  C  C   . ILE A 1 49  ? 4.073   8.690   0.010   1.00 21.68 ? 50  ILE A C   1 
ATOM   379  O  O   . ILE A 1 49  ? 4.222   9.772   0.573   1.00 19.71 ? 50  ILE A O   1 
ATOM   380  C  CB  . ILE A 1 49  ? 2.522   8.963   -1.986  1.00 17.08 ? 50  ILE A CB  1 
ATOM   381  C  CG1 . ILE A 1 49  ? 2.206   10.451  -1.732  1.00 20.23 ? 50  ILE A CG1 1 
ATOM   382  C  CG2 . ILE A 1 49  ? 1.500   8.018   -1.323  1.00 19.36 ? 50  ILE A CG2 1 
ATOM   383  C  CD1 . ILE A 1 49  ? 3.167   11.393  -2.456  1.00 20.25 ? 50  ILE A CD1 1 
ATOM   384  N  N   . GLN A 1 50  ? 4.047   7.541   0.688   1.00 17.13 ? 51  GLN A N   1 
ATOM   385  C  CA  . GLN A 1 50  ? 4.147   7.557   2.137   1.00 17.08 ? 51  GLN A CA  1 
ATOM   386  C  C   . GLN A 1 50  ? 5.535   7.929   2.622   1.00 20.50 ? 51  GLN A C   1 
ATOM   387  O  O   . GLN A 1 50  ? 5.699   8.265   3.794   1.00 22.68 ? 51  GLN A O   1 
ATOM   388  C  CB  . GLN A 1 50  ? 3.746   6.215   2.731   1.00 18.90 ? 51  GLN A CB  1 
ATOM   389  C  CG  . GLN A 1 50  ? 2.296   5.876   2.524   1.00 19.27 ? 51  GLN A CG  1 
ATOM   390  C  CD  . GLN A 1 50  ? 1.992   4.554   3.146   1.00 20.14 ? 51  GLN A CD  1 
ATOM   391  O  OE1 . GLN A 1 50  ? 1.945   3.529   2.461   1.00 19.75 ? 51  GLN A OE1 1 
ATOM   392  N  NE2 . GLN A 1 50  ? 1.790   4.555   4.471   1.00 19.28 ? 51  GLN A NE2 1 
ATOM   393  N  N   . VAL A 1 51  ? 6.517   7.886   1.727   1.00 18.53 ? 52  VAL A N   1 
ATOM   394  C  CA  . VAL A 1 51  ? 7.847   8.421   2.040   1.00 18.55 ? 52  VAL A CA  1 
ATOM   395  C  C   . VAL A 1 51  ? 8.155   9.652   1.182   1.00 23.94 ? 52  VAL A C   1 
ATOM   396  O  O   . VAL A 1 51  ? 9.318   10.036  1.022   1.00 26.39 ? 52  VAL A O   1 
ATOM   397  C  CB  . VAL A 1 51  ? 8.973   7.362   1.939   1.00 22.30 ? 52  VAL A CB  1 
ATOM   398  C  CG1 . VAL A 1 51  ? 8.842   6.330   3.061   1.00 21.31 ? 52  VAL A CG1 1 
ATOM   399  C  CG2 . VAL A 1 51  ? 8.972   6.684   0.578   1.00 22.53 ? 52  VAL A CG2 1 
ATOM   400  N  N   . GLY A 1 52  ? 7.106   10.273  0.648   1.00 20.74 ? 53  GLY A N   1 
ATOM   401  C  CA  . GLY A 1 52  ? 7.244   11.526  -0.080  1.00 24.64 ? 53  GLY A CA  1 
ATOM   402  C  C   . GLY A 1 52  ? 7.609   11.428  -1.549  1.00 26.32 ? 53  GLY A C   1 
ATOM   403  O  O   . GLY A 1 52  ? 7.944   12.437  -2.173  1.00 25.32 ? 53  GLY A O   1 
ATOM   404  N  N   . LEU A 1 53  ? 7.547   10.225  -2.110  1.00 20.78 ? 54  LEU A N   1 
ATOM   405  C  CA  . LEU A 1 53  ? 7.928   10.010  -3.504  1.00 20.39 ? 54  LEU A CA  1 
ATOM   406  C  C   . LEU A 1 53  ? 6.680   9.762   -4.318  1.00 20.70 ? 54  LEU A C   1 
ATOM   407  O  O   . LEU A 1 53  ? 6.088   8.688   -4.218  1.00 19.94 ? 54  LEU A O   1 
ATOM   408  C  CB  . LEU A 1 53  ? 8.815   8.767   -3.635  1.00 23.26 ? 54  LEU A CB  1 
ATOM   409  C  CG  . LEU A 1 53  ? 10.299  8.771   -3.295  1.00 32.35 ? 54  LEU A CG  1 
ATOM   410  C  CD1 . LEU A 1 53  ? 10.918  7.466   -3.791  1.00 36.00 ? 54  LEU A CD1 1 
ATOM   411  C  CD2 . LEU A 1 53  ? 10.983  9.964   -3.932  1.00 37.03 ? 54  LEU A CD2 1 
ATOM   412  N  N   . PRO A 1 54  ? 6.284   10.727  -5.163  1.00 21.84 ? 55  PRO A N   1 
ATOM   413  C  CA  . PRO A 1 54  ? 5.005   10.593  -5.869  1.00 18.31 ? 55  PRO A CA  1 
ATOM   414  C  C   . PRO A 1 54  ? 5.107   9.712   -7.111  1.00 19.87 ? 55  PRO A C   1 
ATOM   415  O  O   . PRO A 1 54  ? 4.907   10.158  -8.247  1.00 20.23 ? 55  PRO A O   1 
ATOM   416  C  CB  . PRO A 1 54  ? 4.671   12.045  -6.238  1.00 22.08 ? 55  PRO A CB  1 
ATOM   417  C  CG  . PRO A 1 54  ? 6.051   12.660  -6.472  1.00 25.16 ? 55  PRO A CG  1 
ATOM   418  C  CD  . PRO A 1 54  ? 6.952   12.012  -5.450  1.00 22.26 ? 55  PRO A CD  1 
ATOM   419  N  N   . LEU A 1 55  ? 5.416   8.437   -6.888  1.00 18.30 ? 56  LEU A N   1 
ATOM   420  C  CA  . LEU A 1 55  ? 5.554   7.476   -7.974  1.00 18.91 ? 56  LEU A CA  1 
ATOM   421  C  C   . LEU A 1 55  ? 4.592   6.327   -7.769  1.00 16.92 ? 56  LEU A C   1 
ATOM   422  O  O   . LEU A 1 55  ? 4.322   5.933   -6.627  1.00 18.32 ? 56  LEU A O   1 
ATOM   423  C  CB  . LEU A 1 55  ? 6.975   6.924   -8.003  1.00 20.81 ? 56  LEU A CB  1 
ATOM   424  C  CG  . LEU A 1 55  ? 8.050   7.966   -8.285  1.00 22.49 ? 56  LEU A CG  1 
ATOM   425  C  CD1 . LEU A 1 55  ? 9.399   7.289   -8.171  1.00 27.50 ? 56  LEU A CD1 1 
ATOM   426  C  CD2 . LEU A 1 55  ? 7.864   8.560   -9.674  1.00 23.66 ? 56  LEU A CD2 1 
ATOM   427  N  N   . ARG A 1 56  ? 4.078   5.790   -8.872  1.00 16.46 ? 57  ARG A N   1 
ATOM   428  C  CA  . ARG A 1 56  ? 3.090   4.718   -8.798  1.00 16.49 ? 57  ARG A CA  1 
ATOM   429  C  C   . ARG A 1 56  ? 3.789   3.397   -8.569  1.00 19.70 ? 57  ARG A C   1 
ATOM   430  O  O   . ARG A 1 56  ? 3.907   2.571   -9.469  1.00 21.62 ? 57  ARG A O   1 
ATOM   431  C  CB  . ARG A 1 56  ? 2.205   4.682   -10.056 1.00 18.19 ? 57  ARG A CB  1 
ATOM   432  C  CG  . ARG A 1 56  ? 1.428   6.010   -10.210 1.00 18.57 ? 57  ARG A CG  1 
ATOM   433  C  CD  . ARG A 1 56  ? 0.388   5.979   -11.335 1.00 20.48 ? 57  ARG A CD  1 
ATOM   434  N  NE  . ARG A 1 56  ? -0.829  5.258   -10.949 1.00 21.21 ? 57  ARG A NE  1 
ATOM   435  C  CZ  . ARG A 1 56  ? -1.808  5.772   -10.210 1.00 21.65 ? 57  ARG A CZ  1 
ATOM   436  N  NH1 . ARG A 1 56  ? -1.719  7.012   -9.746  1.00 19.55 ? 57  ARG A NH1 1 
ATOM   437  N  NH2 . ARG A 1 56  ? -2.872  5.026   -9.920  1.00 20.79 ? 57  ARG A NH2 1 
ATOM   438  N  N   . MET A 1 57  ? 4.260   3.221   -7.341  1.00 18.47 ? 58  MET A N   1 
ATOM   439  C  CA  . MET A 1 57  ? 4.901   1.977   -6.952  1.00 17.77 ? 58  MET A CA  1 
ATOM   440  C  C   . MET A 1 57  ? 4.641   1.742   -5.469  1.00 19.20 ? 58  MET A C   1 
ATOM   441  O  O   . MET A 1 57  ? 4.488   2.688   -4.692  1.00 19.55 ? 58  MET A O   1 
ATOM   442  C  CB  . MET A 1 57  ? 6.400   2.012   -7.282  1.00 21.02 ? 58  MET A CB  1 
ATOM   443  C  CG  . MET A 1 57  ? 7.212   2.909   -6.424  1.00 23.09 ? 58  MET A CG  1 
ATOM   444  S  SD  . MET A 1 57  ? 8.837   3.100   -7.195  1.00 27.18 ? 58  MET A SD  1 
ATOM   445  C  CE  . MET A 1 57  ? 9.675   3.986   -5.894  1.00 22.73 ? 58  MET A CE  1 
ATOM   446  N  N   . LEU A 1 58  ? 4.556   0.474   -5.086  1.00 18.57 ? 59  LEU A N   1 
ATOM   447  C  CA  . LEU A 1 58  ? 4.222   0.117   -3.718  1.00 16.51 ? 59  LEU A CA  1 
ATOM   448  C  C   . LEU A 1 58  ? 4.865   -1.231  -3.471  1.00 17.31 ? 59  LEU A C   1 
ATOM   449  O  O   . LEU A 1 58  ? 5.178   -1.940  -4.428  1.00 19.11 ? 59  LEU A O   1 
ATOM   450  C  CB  . LEU A 1 58  ? 2.704   0.037   -3.544  1.00 19.04 ? 59  LEU A CB  1 
ATOM   451  C  CG  . LEU A 1 58  ? 1.977   -0.999  -4.405  1.00 18.47 ? 59  LEU A CG  1 
ATOM   452  C  CD1 . LEU A 1 58  ? 1.705   -2.279  -3.618  1.00 19.72 ? 59  LEU A CD1 1 
ATOM   453  C  CD2 . LEU A 1 58  ? 0.678   -0.427  -4.943  1.00 19.13 ? 59  LEU A CD2 1 
ATOM   454  N  N   . ILE A 1 59  ? 5.095   -1.563  -2.203  1.00 17.05 ? 60  ILE A N   1 
ATOM   455  C  CA  . ILE A 1 59  ? 5.609   -2.883  -1.850  1.00 17.50 ? 60  ILE A CA  1 
ATOM   456  C  C   . ILE A 1 59  ? 4.674   -3.527  -0.850  1.00 18.28 ? 60  ILE A C   1 
ATOM   457  O  O   . ILE A 1 59  ? 4.045   -2.847  -0.045  1.00 19.30 ? 60  ILE A O   1 
ATOM   458  C  CB  . ILE A 1 59  ? 7.031   -2.818  -1.257  1.00 19.64 ? 60  ILE A CB  1 
ATOM   459  C  CG1 . ILE A 1 59  ? 7.085   -1.887  -0.055  1.00 20.29 ? 60  ILE A CG1 1 
ATOM   460  C  CG2 . ILE A 1 59  ? 8.040   -2.358  -2.320  1.00 19.63 ? 60  ILE A CG2 1 
ATOM   461  C  CD1 . ILE A 1 59  ? 8.446   -1.858  0.608   1.00 21.62 ? 60  ILE A CD1 1 
ATOM   462  N  N   . ILE A 1 60  ? 4.574   -4.848  -0.910  1.00 17.65 ? 61  ILE A N   1 
ATOM   463  C  CA  . ILE A 1 60  ? 3.769   -5.575  0.057   1.00 19.28 ? 61  ILE A CA  1 
ATOM   464  C  C   . ILE A 1 60  ? 4.582   -6.790  0.460   1.00 19.67 ? 61  ILE A C   1 
ATOM   465  O  O   . ILE A 1 60  ? 5.114   -7.501  -0.399  1.00 22.56 ? 61  ILE A O   1 
ATOM   466  C  CB  . ILE A 1 60  ? 2.421   -6.048  -0.542  1.00 19.68 ? 61  ILE A CB  1 
ATOM   467  C  CG1 . ILE A 1 60  ? 1.472   -4.855  -0.749  1.00 20.08 ? 61  ILE A CG1 1 
ATOM   468  C  CG2 . ILE A 1 60  ? 1.764   -7.071  0.395   1.00 20.88 ? 61  ILE A CG2 1 
ATOM   469  C  CD1 . ILE A 1 60  ? 0.314   -5.150  -1.718  1.00 22.49 ? 61  ILE A CD1 1 
ATOM   470  N  N   . ASN A 1 61  ? 4.715   -7.020  1.761   1.00 21.13 ? 62  ASN A N   1 
ATOM   471  C  CA  . ASN A 1 61  ? 5.325   -8.266  2.205   1.00 20.41 ? 62  ASN A CA  1 
ATOM   472  C  C   . ASN A 1 61  ? 4.595   -8.818  3.409   1.00 21.34 ? 62  ASN A C   1 
ATOM   473  O  O   . ASN A 1 61  ? 4.755   -8.330  4.524   1.00 24.08 ? 62  ASN A O   1 
ATOM   474  C  CB  . ASN A 1 61  ? 6.816   -8.092  2.505   1.00 22.92 ? 62  ASN A CB  1 
ATOM   475  C  CG  . ASN A 1 61  ? 7.557   -9.422  2.500   1.00 29.01 ? 62  ASN A CG  1 
ATOM   476  O  OD1 . ASN A 1 61  ? 7.005   -10.446 2.088   1.00 31.13 ? 62  ASN A OD1 1 
ATOM   477  N  ND2 . ASN A 1 61  ? 8.802   -9.409  2.945   1.00 27.29 ? 62  ASN A ND2 1 
ATOM   478  N  N   . LEU A 1 62  ? 3.754   -9.816  3.154   1.00 24.18 ? 63  LEU A N   1 
ATOM   479  C  CA  . LEU A 1 62  ? 2.951   -10.441 4.192   1.00 28.21 ? 63  LEU A CA  1 
ATOM   480  C  C   . LEU A 1 62  ? 3.792   -11.466 4.937   1.00 26.92 ? 63  LEU A C   1 
ATOM   481  O  O   . LEU A 1 62  ? 4.640   -12.139 4.337   1.00 28.97 ? 63  LEU A O   1 
ATOM   482  C  CB  . LEU A 1 62  ? 1.724   -11.123 3.583   1.00 24.00 ? 63  LEU A CB  1 
ATOM   483  C  CG  . LEU A 1 62  ? 0.809   -10.274 2.696   1.00 26.82 ? 63  LEU A CG  1 
ATOM   484  C  CD1 . LEU A 1 62  ? -0.456  -11.048 2.294   1.00 28.74 ? 63  LEU A CD1 1 
ATOM   485  C  CD2 . LEU A 1 62  ? 0.420   -8.985  3.383   1.00 24.71 ? 63  LEU A CD2 1 
ATOM   486  N  N   . PRO A 1 63  ? 3.574   -11.576 6.258   1.00 29.94 ? 64  PRO A N   1 
ATOM   487  C  CA  . PRO A 1 63  ? 4.258   -12.576 7.084   1.00 35.33 ? 64  PRO A CA  1 
ATOM   488  C  C   . PRO A 1 63  ? 3.839   -13.991 6.689   1.00 36.10 ? 64  PRO A C   1 
ATOM   489  O  O   . PRO A 1 63  ? 2.704   -14.182 6.249   1.00 37.57 ? 64  PRO A O   1 
ATOM   490  C  CB  . PRO A 1 63  ? 3.734   -12.281 8.499   1.00 36.47 ? 64  PRO A CB  1 
ATOM   491  C  CG  . PRO A 1 63  ? 3.175   -10.890 8.439   1.00 37.06 ? 64  PRO A CG  1 
ATOM   492  C  CD  . PRO A 1 63  ? 2.661   -10.730 7.045   1.00 29.60 ? 64  PRO A CD  1 
ATOM   493  N  N   . GLN A 1 64  ? 4.727   -14.943 6.856   1.00 41.18 ? 65  GLN A N   1 
ATOM   494  C  CA  . GLN A 1 64  ? 4.401   -16.343 6.685   1.00 45.99 ? 65  GLN A CA  1 
ATOM   495  C  C   . GLN A 1 64  ? 3.762   -16.898 7.943   1.00 49.04 ? 65  GLN A C   1 
ATOM   496  O  O   . GLN A 1 64  ? 3.196   -16.148 8.711   1.00 46.94 ? 65  GLN A O   1 
ATOM   497  C  CB  . GLN A 1 64  ? 5.653   -17.115 6.394   1.00 46.01 ? 65  GLN A CB  1 
ATOM   498  C  CG  . GLN A 1 64  ? 6.227   -16.837 5.056   1.00 44.86 ? 65  GLN A CG  1 
ATOM   499  C  CD  . GLN A 1 64  ? 7.348   -17.770 4.722   1.00 50.26 ? 65  GLN A CD  1 
ATOM   500  O  OE1 . GLN A 1 64  ? 7.829   -18.501 5.582   1.00 48.74 ? 65  GLN A OE1 1 
ATOM   501  N  NE2 . GLN A 1 64  ? 7.767   -17.770 3.465   1.00 46.13 ? 65  GLN A NE2 1 
ATOM   502  N  N   . GLU A 1 65  ? 3.883   -18.214 8.153   1.00 52.41 ? 66  GLU A N   1 
ATOM   503  C  CA  . GLU A 1 65  ? 3.200   -18.860 9.276   1.00 55.54 ? 66  GLU A CA  1 
ATOM   504  C  C   . GLU A 1 65  ? 3.807   -18.595 10.656  1.00 56.27 ? 66  GLU A C   1 
ATOM   505  O  O   . GLU A 1 65  ? 3.071   -18.463 11.635  1.00 59.82 ? 66  GLU A O   1 
ATOM   506  C  CB  . GLU A 1 65  ? 3.024   -20.365 9.041   1.00 58.99 ? 66  GLU A CB  1 
ATOM   507  C  CG  . GLU A 1 65  ? 1.678   -20.724 8.422   1.00 59.98 ? 66  GLU A CG  1 
ATOM   508  C  CD  . GLU A 1 65  ? 1.323   -22.192 8.581   1.00 66.41 ? 66  GLU A CD  1 
ATOM   509  O  OE1 . GLU A 1 65  ? 1.166   -22.650 9.735   1.00 67.16 ? 66  GLU A OE1 1 
ATOM   510  O  OE2 . GLU A 1 65  ? 1.197   -22.884 7.547   1.00 68.97 ? 66  GLU A OE2 1 
ATOM   511  N  N   . ASP A 1 66  ? 5.132   -18.515 10.750  1.00 56.19 ? 67  ASP A N   1 
ATOM   512  C  CA  . ASP A 1 66  ? 5.746   -18.182 12.034  1.00 56.05 ? 67  ASP A CA  1 
ATOM   513  C  C   . ASP A 1 66  ? 5.773   -16.675 12.294  1.00 55.14 ? 67  ASP A C   1 
ATOM   514  O  O   . ASP A 1 66  ? 6.492   -16.199 13.176  1.00 57.74 ? 67  ASP A O   1 
ATOM   515  C  CB  . ASP A 1 66  ? 7.144   -18.803 12.189  1.00 60.32 ? 67  ASP A CB  1 
ATOM   516  C  CG  . ASP A 1 66  ? 7.981   -18.705 10.927  1.00 58.91 ? 67  ASP A CG  1 
ATOM   517  O  OD1 . ASP A 1 66  ? 7.397   -18.642 9.823   1.00 59.42 ? 67  ASP A OD1 1 
ATOM   518  O  OD2 . ASP A 1 66  ? 9.227   -18.706 11.041  1.00 63.27 ? 67  ASP A OD2 1 
ATOM   519  N  N   . GLY A 1 67  ? 4.974   -15.934 11.529  1.00 54.13 ? 68  GLY A N   1 
ATOM   520  C  CA  . GLY A 1 67  ? 4.846   -14.498 11.704  1.00 49.79 ? 68  GLY A CA  1 
ATOM   521  C  C   . GLY A 1 67  ? 6.087   -13.748 11.266  1.00 49.00 ? 68  GLY A C   1 
ATOM   522  O  O   . GLY A 1 67  ? 6.360   -12.647 11.747  1.00 52.86 ? 68  GLY A O   1 
ATOM   523  N  N   . VAL A 1 68  ? 6.840   -14.344 10.347  1.00 44.70 ? 69  VAL A N   1 
ATOM   524  C  CA  . VAL A 1 68  ? 8.076   -13.739 9.874   1.00 45.14 ? 69  VAL A CA  1 
ATOM   525  C  C   . VAL A 1 68  ? 7.951   -13.266 8.426   1.00 39.14 ? 69  VAL A C   1 
ATOM   526  O  O   . VAL A 1 68  ? 7.382   -13.961 7.580   1.00 40.47 ? 69  VAL A O   1 
ATOM   527  C  CB  . VAL A 1 68  ? 9.255   -14.721 10.005  1.00 48.55 ? 69  VAL A CB  1 
ATOM   528  C  CG1 . VAL A 1 68  ? 9.513   -15.041 11.468  1.00 51.30 ? 69  VAL A CG1 1 
ATOM   529  C  CG2 . VAL A 1 68  ? 8.960   -15.990 9.241   1.00 52.93 ? 69  VAL A CG2 1 
ATOM   530  N  N   . GLN A 1 69  ? 8.471   -12.072 8.153   1.00 39.65 ? 70  GLN A N   1 
ATOM   531  C  CA  . GLN A 1 69  ? 8.500   -11.550 6.793   1.00 33.46 ? 70  GLN A CA  1 
ATOM   532  C  C   . GLN A 1 69  ? 9.795   -11.939 6.116   1.00 38.43 ? 70  GLN A C   1 
ATOM   533  O  O   . GLN A 1 69  ? 10.880  -11.526 6.534   1.00 42.94 ? 70  GLN A O   1 
ATOM   534  C  CB  . GLN A 1 69  ? 8.367   -10.029 6.788   1.00 32.73 ? 70  GLN A CB  1 
ATOM   535  C  CG  . GLN A 1 69  ? 7.009   -9.539  7.208   1.00 31.88 ? 70  GLN A CG  1 
ATOM   536  C  CD  . GLN A 1 69  ? 6.993   -8.049  7.465   1.00 33.47 ? 70  GLN A CD  1 
ATOM   537  O  OE1 . GLN A 1 69  ? 7.616   -7.562  8.412   1.00 30.09 ? 70  GLN A OE1 1 
ATOM   538  N  NE2 . GLN A 1 69  ? 6.289   -7.313  6.614   1.00 25.71 ? 70  GLN A NE2 1 
ATOM   539  N  N   . HIS A 1 70  ? 9.682   -12.741 5.070   1.00 34.48 ? 71  HIS A N   1 
ATOM   540  C  CA  . HIS A 1 70  ? 10.849  -13.108 4.299   1.00 37.18 ? 71  HIS A CA  1 
ATOM   541  C  C   . HIS A 1 70  ? 10.918  -12.236 3.063   1.00 36.92 ? 71  HIS A C   1 
ATOM   542  O  O   . HIS A 1 70  ? 9.927   -12.071 2.357   1.00 33.34 ? 71  HIS A O   1 
ATOM   543  C  CB  . HIS A 1 70  ? 10.807  -14.589 3.931   1.00 39.49 ? 71  HIS A CB  1 
ATOM   544  C  CG  . HIS A 1 70  ? 10.996  -15.496 5.103   1.00 43.17 ? 71  HIS A CG  1 
ATOM   545  N  ND1 . HIS A 1 70  ? 12.244  -15.859 5.567   1.00 45.23 ? 71  HIS A ND1 1 
ATOM   546  C  CD2 . HIS A 1 70  ? 10.104  -16.093 5.926   1.00 47.01 ? 71  HIS A CD2 1 
ATOM   547  C  CE1 . HIS A 1 70  ? 12.109  -16.650 6.613   1.00 47.49 ? 71  HIS A CE1 1 
ATOM   548  N  NE2 . HIS A 1 70  ? 10.818  -16.813 6.851   1.00 49.55 ? 71  HIS A NE2 1 
ATOM   549  N  N   . LYS A 1 71  ? 12.096  -11.675 2.828   1.00 35.06 ? 72  LYS A N   1 
ATOM   550  C  CA  . LYS A 1 71  ? 12.326  -10.728 1.750   1.00 32.92 ? 72  LYS A CA  1 
ATOM   551  C  C   . LYS A 1 71  ? 11.951  -11.284 0.378   1.00 36.63 ? 72  LYS A C   1 
ATOM   552  O  O   . LYS A 1 71  ? 11.497  -10.548 -0.501  1.00 34.70 ? 72  LYS A O   1 
ATOM   553  C  CB  . LYS A 1 71  ? 13.799  -10.336 1.756   1.00 39.86 ? 72  LYS A CB  1 
ATOM   554  C  CG  . LYS A 1 71  ? 14.093  -8.975  1.186   1.00 37.56 ? 72  LYS A CG  1 
ATOM   555  C  CD  . LYS A 1 71  ? 15.536  -8.590  1.481   1.00 43.04 ? 72  LYS A CD  1 
ATOM   556  C  CE  . LYS A 1 71  ? 15.794  -7.165  1.054   1.00 46.58 ? 72  LYS A CE  1 
ATOM   557  N  NZ  . LYS A 1 71  ? 15.168  -6.914  -0.275  1.00 46.58 ? 72  LYS A NZ  1 
ATOM   558  N  N   . GLU A 1 72  ? 12.148  -12.586 0.195   1.00 36.69 ? 73  GLU A N   1 
ATOM   559  C  CA  . GLU A 1 72  ? 11.857  -13.230 -1.084  1.00 39.62 ? 73  GLU A CA  1 
ATOM   560  C  C   . GLU A 1 72  ? 10.362  -13.233 -1.388  1.00 33.22 ? 73  GLU A C   1 
ATOM   561  O  O   . GLU A 1 72  ? 9.956   -13.477 -2.528  1.00 37.96 ? 73  GLU A O   1 
ATOM   562  C  CB  . GLU A 1 72  ? 12.383  -14.669 -1.090  1.00 41.16 ? 73  GLU A CB  1 
ATOM   563  C  CG  . GLU A 1 72  ? 11.536  -15.640 -0.276  1.00 41.60 ? 73  GLU A CG  1 
ATOM   564  C  CD  . GLU A 1 72  ? 12.261  -16.161 0.947   1.00 49.18 ? 73  GLU A CD  1 
ATOM   565  O  OE1 . GLU A 1 72  ? 13.083  -15.407 1.516   1.00 49.69 ? 73  GLU A OE1 1 
ATOM   566  O  OE2 . GLU A 1 72  ? 12.009  -17.323 1.340   1.00 55.04 ? 73  GLU A OE2 1 
ATOM   567  N  N   . ASP A 1 73  ? 9.552   -12.969 -0.366  1.00 30.17 ? 74  ASP A N   1 
ATOM   568  C  CA  . ASP A 1 73  ? 8.100   -12.965 -0.508  1.00 31.58 ? 74  ASP A CA  1 
ATOM   569  C  C   . ASP A 1 73  ? 7.595   -11.570 -0.875  1.00 28.64 ? 74  ASP A C   1 
ATOM   570  O  O   . ASP A 1 73  ? 6.411   -11.381 -1.137  1.00 29.40 ? 74  ASP A O   1 
ATOM   571  C  CB  . ASP A 1 73  ? 7.420   -13.421 0.792   1.00 34.89 ? 74  ASP A CB  1 
ATOM   572  C  CG  . ASP A 1 73  ? 7.664   -14.893 1.118   1.00 40.34 ? 74  ASP A CG  1 
ATOM   573  O  OD1 . ASP A 1 73  ? 8.027   -15.671 0.210   1.00 39.74 ? 74  ASP A OD1 1 
ATOM   574  O  OD2 . ASP A 1 73  ? 7.479   -15.273 2.297   1.00 38.53 ? 74  ASP A OD2 1 
ATOM   575  N  N   . CYS A 1 74  ? 8.495   -10.591 -0.898  1.00 27.26 ? 75  CYS A N   1 
ATOM   576  C  CA  . CYS A 1 74  ? 8.081   -9.208  -1.119  1.00 23.92 ? 75  CYS A CA  1 
ATOM   577  C  C   . CYS A 1 74  ? 7.628   -8.977  -2.553  1.00 25.71 ? 75  CYS A C   1 
ATOM   578  O  O   . CYS A 1 74  ? 8.296   -9.387  -3.502  1.00 26.44 ? 75  CYS A O   1 
ATOM   579  C  CB  . CYS A 1 74  ? 9.214   -8.238  -0.773  1.00 25.26 ? 75  CYS A CB  1 
ATOM   580  S  SG  . CYS A 1 74  ? 8.680   -6.490  -0.819  1.00 28.60 ? 75  CYS A SG  1 
ATOM   581  N  N   . LEU A 1 75  ? 6.480   -8.326  -2.709  1.00 21.29 ? 76  LEU A N   1 
ATOM   582  C  CA  . LEU A 1 75  ? 6.006   -7.947  -4.029  1.00 20.34 ? 76  LEU A CA  1 
ATOM   583  C  C   . LEU A 1 75  ? 6.337   -6.481  -4.246  1.00 22.47 ? 76  LEU A C   1 
ATOM   584  O  O   . LEU A 1 75  ? 6.053   -5.643  -3.392  1.00 21.04 ? 76  LEU A O   1 
ATOM   585  C  CB  . LEU A 1 75  ? 4.496   -8.145  -4.130  1.00 20.36 ? 76  LEU A CB  1 
ATOM   586  C  CG  . LEU A 1 75  ? 3.977   -9.581  -4.147  1.00 24.49 ? 76  LEU A CG  1 
ATOM   587  C  CD1 . LEU A 1 75  ? 2.456   -9.593  -4.045  1.00 27.10 ? 76  LEU A CD1 1 
ATOM   588  C  CD2 . LEU A 1 75  ? 4.420   -10.284 -5.415  1.00 27.01 ? 76  LEU A CD2 1 
ATOM   589  N  N   . GLU A 1 76  ? 6.942   -6.182  -5.389  1.00 20.95 ? 77  GLU A N   1 
ATOM   590  C  CA  . GLU A 1 76  ? 7.205   -4.807  -5.784  1.00 20.91 ? 77  GLU A CA  1 
ATOM   591  C  C   . GLU A 1 76  ? 6.307   -4.522  -6.966  1.00 23.06 ? 77  GLU A C   1 
ATOM   592  O  O   . GLU A 1 76  ? 6.504   -5.072  -8.052  1.00 21.81 ? 77  GLU A O   1 
ATOM   593  C  CB  . GLU A 1 76  ? 8.677   -4.639  -6.167  1.00 21.77 ? 77  GLU A CB  1 
ATOM   594  C  CG  . GLU A 1 76  ? 9.619   -4.858  -4.998  1.00 22.19 ? 77  GLU A CG  1 
ATOM   595  C  CD  . GLU A 1 76  ? 11.069  -4.611  -5.360  1.00 25.10 ? 77  GLU A CD  1 
ATOM   596  O  OE1 . GLU A 1 76  ? 11.818  -4.097  -4.494  1.00 26.31 ? 77  GLU A OE1 1 
ATOM   597  O  OE2 . GLU A 1 76  ? 11.457  -4.922  -6.511  1.00 25.15 ? 77  GLU A OE2 1 
ATOM   598  N  N   . ILE A 1 77  ? 5.319   -3.663  -6.743  1.00 18.54 ? 78  ILE A N   1 
ATOM   599  C  CA  . ILE A 1 77  ? 4.230   -3.455  -7.698  1.00 19.10 ? 78  ILE A CA  1 
ATOM   600  C  C   . ILE A 1 77  ? 4.298   -2.047  -8.269  1.00 21.09 ? 78  ILE A C   1 
ATOM   601  O  O   . ILE A 1 77  ? 4.086   -1.054  -7.563  1.00 20.29 ? 78  ILE A O   1 
ATOM   602  C  CB  . ILE A 1 77  ? 2.872   -3.744  -7.021  1.00 19.89 ? 78  ILE A CB  1 
ATOM   603  C  CG1 . ILE A 1 77  ? 2.734   -5.258  -6.772  1.00 18.51 ? 78  ILE A CG1 1 
ATOM   604  C  CG2 . ILE A 1 77  ? 1.695   -3.217  -7.863  1.00 19.34 ? 78  ILE A CG2 1 
ATOM   605  C  CD1 . ILE A 1 77  ? 1.606   -5.629  -5.791  1.00 19.37 ? 78  ILE A CD1 1 
ATOM   606  N  N   . ILE A 1 78  ? 4.633   -1.972  -9.554  1.00 19.32 ? 79  ILE A N   1 
ATOM   607  C  CA  . ILE A 1 78  ? 4.863   -0.691  -10.218 1.00 19.18 ? 79  ILE A CA  1 
ATOM   608  C  C   . ILE A 1 78  ? 3.862   -0.494  -11.354 1.00 18.88 ? 79  ILE A C   1 
ATOM   609  O  O   . ILE A 1 78  ? 3.550   -1.434  -12.085 1.00 19.99 ? 79  ILE A O   1 
ATOM   610  C  CB  . ILE A 1 78  ? 6.306   -0.638  -10.757 1.00 18.47 ? 79  ILE A CB  1 
ATOM   611  C  CG1 . ILE A 1 78  ? 7.292   -0.950  -9.626  1.00 20.80 ? 79  ILE A CG1 1 
ATOM   612  C  CG2 . ILE A 1 78  ? 6.588   0.724   -11.392 1.00 20.16 ? 79  ILE A CG2 1 
ATOM   613  C  CD1 . ILE A 1 78  ? 8.731   -1.117  -10.089 1.00 21.04 ? 79  ILE A CD1 1 
ATOM   614  N  N   . ASN A 1 79  ? 3.332   0.721   -11.487 1.00 18.74 ? 80  ASN A N   1 
ATOM   615  C  CA  . ASN A 1 79  ? 2.317   1.009   -12.505 1.00 18.76 ? 80  ASN A CA  1 
ATOM   616  C  C   . ASN A 1 79  ? 1.106   0.058   -12.521 1.00 18.63 ? 80  ASN A C   1 
ATOM   617  O  O   . ASN A 1 79  ? 0.684   -0.411  -13.581 1.00 19.95 ? 80  ASN A O   1 
ATOM   618  C  CB  . ASN A 1 79  ? 2.970   1.055   -13.892 1.00 19.97 ? 80  ASN A CB  1 
ATOM   619  C  CG  . ASN A 1 79  ? 4.046   2.118   -13.988 1.00 22.42 ? 80  ASN A CG  1 
ATOM   620  O  OD1 . ASN A 1 79  ? 3.995   3.126   -13.280 1.00 21.57 ? 80  ASN A OD1 1 
ATOM   621  N  ND2 . ASN A 1 79  ? 5.034   1.901   -14.863 1.00 21.31 ? 80  ASN A ND2 1 
ATOM   622  N  N   . PRO A 1 80  ? 0.530   -0.226  -11.350 1.00 17.77 ? 81  PRO A N   1 
ATOM   623  C  CA  . PRO A 1 80  ? -0.554  -1.218  -11.312 1.00 18.41 ? 81  PRO A CA  1 
ATOM   624  C  C   . PRO A 1 80  ? -1.848  -0.703  -11.928 1.00 21.48 ? 81  PRO A C   1 
ATOM   625  O  O   . PRO A 1 80  ? -2.133  0.503   -11.876 1.00 20.70 ? 81  PRO A O   1 
ATOM   626  C  CB  . PRO A 1 80  ? -0.780  -1.426  -9.816  1.00 18.63 ? 81  PRO A CB  1 
ATOM   627  C  CG  . PRO A 1 80  ? -0.377  -0.123  -9.191  1.00 20.08 ? 81  PRO A CG  1 
ATOM   628  C  CD  . PRO A 1 80  ? 0.777   0.389   -10.030 1.00 19.74 ? 81  PRO A CD  1 
ATOM   629  N  N   . LYS A 1 81  ? -2.624  -1.623  -12.493 1.00 18.65 ? 82  LYS A N   1 
ATOM   630  C  CA  . LYS A 1 81  ? -3.960  -1.327  -13.000 1.00 20.31 ? 82  LYS A CA  1 
ATOM   631  C  C   . LYS A 1 81  ? -4.844  -2.496  -12.626 1.00 21.56 ? 82  LYS A C   1 
ATOM   632  O  O   . LYS A 1 81  ? -4.395  -3.642  -12.651 1.00 20.76 ? 82  LYS A O   1 
ATOM   633  C  CB  . LYS A 1 81  ? -3.936  -1.221  -14.523 1.00 27.34 ? 82  LYS A CB  1 
ATOM   634  C  CG  . LYS A 1 81  ? -3.218  0.001   -15.078 1.00 32.33 ? 82  LYS A CG  1 
ATOM   635  C  CD  . LYS A 1 81  ? -3.428  0.111   -16.585 1.00 40.60 ? 82  LYS A CD  1 
ATOM   636  C  CE  . LYS A 1 81  ? -2.778  1.373   -17.138 1.00 46.51 ? 82  LYS A CE  1 
ATOM   637  N  NZ  . LYS A 1 81  ? -3.443  2.603   -16.624 1.00 49.78 ? 82  LYS A NZ  1 
ATOM   638  N  N   . PHE A 1 82  ? -6.102  -2.236  -12.291 1.00 23.51 ? 83  PHE A N   1 
ATOM   639  C  CA  . PHE A 1 82  ? -7.018  -3.354  -12.073 1.00 22.00 ? 83  PHE A CA  1 
ATOM   640  C  C   . PHE A 1 82  ? -7.541  -3.923  -13.391 1.00 24.85 ? 83  PHE A C   1 
ATOM   641  O  O   . PHE A 1 82  ? -7.953  -3.167  -14.272 1.00 27.23 ? 83  PHE A O   1 
ATOM   642  C  CB  . PHE A 1 82  ? -8.220  -2.910  -11.242 1.00 22.38 ? 83  PHE A CB  1 
ATOM   643  C  CG  . PHE A 1 82  ? -7.899  -2.626  -9.807  1.00 22.84 ? 83  PHE A CG  1 
ATOM   644  C  CD1 . PHE A 1 82  ? -7.748  -1.319  -9.368  1.00 25.26 ? 83  PHE A CD1 1 
ATOM   645  C  CD2 . PHE A 1 82  ? -7.748  -3.662  -8.896  1.00 23.59 ? 83  PHE A CD2 1 
ATOM   646  C  CE1 . PHE A 1 82  ? -7.464  -1.048  -8.042  1.00 27.92 ? 83  PHE A CE1 1 
ATOM   647  C  CE2 . PHE A 1 82  ? -7.461  -3.394  -7.564  1.00 24.63 ? 83  PHE A CE2 1 
ATOM   648  C  CZ  . PHE A 1 82  ? -7.314  -2.087  -7.142  1.00 26.64 ? 83  PHE A CZ  1 
ATOM   649  N  N   . ILE A 1 83  ? -7.539  -5.250  -13.499 1.00 21.81 ? 84  ILE A N   1 
ATOM   650  C  CA  . ILE A 1 83  ? -8.123  -5.968  -14.637 1.00 21.56 ? 84  ILE A CA  1 
ATOM   651  C  C   . ILE A 1 83  ? -9.527  -6.430  -14.259 1.00 26.43 ? 84  ILE A C   1 
ATOM   652  O  O   . ILE A 1 83  ? -10.462 -6.347  -15.052 1.00 27.49 ? 84  ILE A O   1 
ATOM   653  C  CB  . ILE A 1 83  ? -7.317  -7.242  -14.999 1.00 25.53 ? 84  ILE A CB  1 
ATOM   654  C  CG1 . ILE A 1 83  ? -5.876  -6.919  -15.376 1.00 31.32 ? 84  ILE A CG1 1 
ATOM   655  C  CG2 . ILE A 1 83  ? -7.974  -8.022  -16.146 1.00 29.18 ? 84  ILE A CG2 1 
ATOM   656  C  CD1 . ILE A 1 83  ? -5.062  -8.180  -15.694 1.00 28.87 ? 84  ILE A CD1 1 
ATOM   657  N  N   . GLU A 1 84  ? -9.654  -6.942  -13.041 1.00 23.39 ? 85  GLU A N   1 
ATOM   658  C  CA  . GLU A 1 84  ? -10.912 -7.498  -12.565 1.00 23.80 ? 85  GLU A CA  1 
ATOM   659  C  C   . GLU A 1 84  ? -11.050 -7.222  -11.081 1.00 23.28 ? 85  GLU A C   1 
ATOM   660  O  O   . GLU A 1 84  ? -10.058 -7.215  -10.362 1.00 22.25 ? 85  GLU A O   1 
ATOM   661  C  CB  . GLU A 1 84  ? -10.937 -9.010  -12.772 1.00 29.74 ? 85  GLU A CB  1 
ATOM   662  C  CG  . GLU A 1 84  ? -10.961 -9.473  -14.205 1.00 36.63 ? 85  GLU A CG  1 
ATOM   663  C  CD  . GLU A 1 84  ? -11.573 -10.849 -14.342 1.00 46.46 ? 85  GLU A CD  1 
ATOM   664  O  OE1 . GLU A 1 84  ? -11.334 -11.701 -13.456 1.00 47.91 ? 85  GLU A OE1 1 
ATOM   665  O  OE2 . GLU A 1 84  ? -12.299 -11.074 -15.334 1.00 54.60 ? 85  GLU A OE2 1 
ATOM   666  N  N   . THR A 1 85  ? -12.288 -7.007  -10.634 1.00 24.91 ? 86  THR A N   1 
ATOM   667  C  CA  . THR A 1 85  ? -12.605 -6.900  -9.213  1.00 23.72 ? 86  THR A CA  1 
ATOM   668  C  C   . THR A 1 85  ? -13.880 -7.697  -8.960  1.00 27.90 ? 86  THR A C   1 
ATOM   669  O  O   . THR A 1 85  ? -14.723 -7.820  -9.852  1.00 31.00 ? 86  THR A O   1 
ATOM   670  C  CB  . THR A 1 85  ? -12.786 -5.430  -8.762  1.00 27.34 ? 86  THR A CB  1 
ATOM   671  O  OG1 . THR A 1 85  ? -13.776 -4.783  -9.575  1.00 30.91 ? 86  THR A OG1 1 
ATOM   672  C  CG2 . THR A 1 85  ? -11.480 -4.668  -8.893  1.00 25.40 ? 86  THR A CG2 1 
ATOM   673  N  N   . GLY A 1 86  ? -14.019 -8.256  -7.762  1.00 24.92 ? 87  GLY A N   1 
ATOM   674  C  CA  . GLY A 1 86  ? -15.170 -9.100  -7.488  1.00 25.88 ? 87  GLY A CA  1 
ATOM   675  C  C   . GLY A 1 86  ? -15.541 -9.161  -6.022  1.00 25.00 ? 87  GLY A C   1 
ATOM   676  O  O   . GLY A 1 86  ? -14.670 -9.126  -5.153  1.00 25.08 ? 87  GLY A O   1 
ATOM   677  N  N   . GLY A 1 87  ? -16.842 -9.242  -5.752  1.00 25.42 ? 88  GLY A N   1 
ATOM   678  C  CA  . GLY A 1 87  ? -17.316 -9.443  -4.398  1.00 24.89 ? 88  GLY A CA  1 
ATOM   679  C  C   . GLY A 1 87  ? -17.109 -8.262  -3.474  1.00 24.55 ? 88  GLY A C   1 
ATOM   680  O  O   . GLY A 1 87  ? -16.793 -7.151  -3.899  1.00 25.58 ? 88  GLY A O   1 
ATOM   681  N  N   . SER A 1 88  ? -17.307 -8.515  -2.190  1.00 23.96 ? 89  SER A N   1 
ATOM   682  C  CA  . SER A 1 88  ? -17.181 -7.492  -1.169  1.00 24.80 ? 89  SER A CA  1 
ATOM   683  C  C   . SER A 1 88  ? -16.907 -8.177  0.148   1.00 22.89 ? 89  SER A C   1 
ATOM   684  O  O   . SER A 1 88  ? -17.362 -9.302  0.373   1.00 22.84 ? 89  SER A O   1 
ATOM   685  C  CB  . SER A 1 88  ? -18.471 -6.679  -1.075  1.00 31.58 ? 89  SER A CB  1 
ATOM   686  O  OG  . SER A 1 88  ? -18.444 -5.832  0.051   1.00 38.69 ? 89  SER A OG  1 
ATOM   687  N  N   . MET A 1 89  ? -16.134 -7.516  1.003   1.00 21.23 ? 90  MET A N   1 
ATOM   688  C  CA  . MET A 1 89  ? -15.873 -8.020  2.342   1.00 21.72 ? 90  MET A CA  1 
ATOM   689  C  C   . MET A 1 89  ? -15.398 -6.908  3.250   1.00 23.83 ? 90  MET A C   1 
ATOM   690  O  O   . MET A 1 89  ? -14.820 -5.924  2.794   1.00 22.38 ? 90  MET A O   1 
ATOM   691  C  CB  . MET A 1 89  ? -14.836 -9.146  2.318   1.00 27.92 ? 90  MET A CB  1 
ATOM   692  C  CG  . MET A 1 89  ? -13.476 -8.712  1.870   1.00 27.52 ? 90  MET A CG  1 
ATOM   693  S  SD  . MET A 1 89  ? -12.316 -10.086 1.958   1.00 30.73 ? 90  MET A SD  1 
ATOM   694  C  CE  . MET A 1 89  ? -10.873 -9.284  1.293   1.00 31.55 ? 90  MET A CE  1 
ATOM   695  N  N   . MET A 1 90  ? -15.647 -7.049  4.544   1.00 21.57 ? 91  MET A N   1 
ATOM   696  C  CA  . MET A 1 90  ? -15.154 -6.061  5.493   1.00 23.62 ? 91  MET A CA  1 
ATOM   697  C  C   . MET A 1 90  ? -13.805 -6.531  6.001   1.00 25.07 ? 91  MET A C   1 
ATOM   698  O  O   . MET A 1 90  ? -13.616 -7.718  6.251   1.00 25.69 ? 91  MET A O   1 
ATOM   699  C  CB  . MET A 1 90  ? -16.134 -5.907  6.660   1.00 25.27 ? 91  MET A CB  1 
ATOM   700  C  CG  . MET A 1 90  ? -17.556 -5.548  6.236   1.00 25.58 ? 91  MET A CG  1 
ATOM   701  S  SD  . MET A 1 90  ? -17.583 -3.990  5.337   1.00 29.12 ? 91  MET A SD  1 
ATOM   702  C  CE  . MET A 1 90  ? -16.981 -2.868  6.584   1.00 28.30 ? 91  MET A CE  1 
ATOM   703  N  N   . TYR A 1 91  ? -12.853 -5.612  6.135   1.00 21.96 ? 92  TYR A N   1 
ATOM   704  C  CA  . TYR A 1 91  ? -11.553 -5.981  6.661   1.00 23.61 ? 92  TYR A CA  1 
ATOM   705  C  C   . TYR A 1 91  ? -11.041 -4.869  7.547   1.00 26.45 ? 92  TYR A C   1 
ATOM   706  O  O   . TYR A 1 91  ? -11.127 -3.685  7.191   1.00 23.57 ? 92  TYR A O   1 
ATOM   707  C  CB  . TYR A 1 91  ? -10.562 -6.231  5.517   1.00 22.99 ? 92  TYR A CB  1 
ATOM   708  C  CG  . TYR A 1 91  ? -9.514  -7.262  5.847   1.00 25.55 ? 92  TYR A CG  1 
ATOM   709  C  CD1 . TYR A 1 91  ? -9.683  -8.584  5.467   1.00 30.02 ? 92  TYR A CD1 1 
ATOM   710  C  CD2 . TYR A 1 91  ? -8.359  -6.913  6.533   1.00 29.21 ? 92  TYR A CD2 1 
ATOM   711  C  CE1 . TYR A 1 91  ? -8.739  -9.538  5.763   1.00 33.44 ? 92  TYR A CE1 1 
ATOM   712  C  CE2 . TYR A 1 91  ? -7.398  -7.865  6.838   1.00 29.89 ? 92  TYR A CE2 1 
ATOM   713  C  CZ  . TYR A 1 91  ? -7.600  -9.174  6.443   1.00 31.47 ? 92  TYR A CZ  1 
ATOM   714  O  OH  . TYR A 1 91  ? -6.666  -10.138 6.732   1.00 39.56 ? 92  TYR A OH  1 
ATOM   715  N  N   . LYS A 1 92  ? -10.504 -5.254  8.703   1.00 25.07 ? 93  LYS A N   1 
ATOM   716  C  CA  . LYS A 1 92  ? -9.951  -4.291  9.645   1.00 25.50 ? 93  LYS A CA  1 
ATOM   717  C  C   . LYS A 1 92  ? -8.545  -3.907  9.197   1.00 25.19 ? 93  LYS A C   1 
ATOM   718  O  O   . LYS A 1 92  ? -7.673  -4.763  9.072   1.00 26.58 ? 93  LYS A O   1 
ATOM   719  C  CB  . LYS A 1 92  ? -9.929  -4.877  11.066  1.00 29.53 ? 93  LYS A CB  1 
ATOM   720  C  CG  . LYS A 1 92  ? -9.476  -3.886  12.136  1.00 33.24 ? 93  LYS A CG  1 
ATOM   721  C  CD  . LYS A 1 92  ? -10.076 -4.206  13.526  1.00 37.76 ? 93  LYS A CD  1 
ATOM   722  C  CE  . LYS A 1 92  ? -11.485 -3.626  13.685  1.00 37.71 ? 93  LYS A CE  1 
ATOM   723  N  NZ  . LYS A 1 92  ? -11.850 -3.382  15.117  1.00 40.88 ? 93  LYS A NZ  1 
ATOM   724  N  N   . GLU A 1 93  ? -8.347  -2.619  8.933   1.00 24.12 ? 94  GLU A N   1 
ATOM   725  C  CA  . GLU A 1 93  ? -7.092  -2.128  8.362   1.00 23.09 ? 94  GLU A CA  1 
ATOM   726  C  C   . GLU A 1 93  ? -6.383  -1.150  9.280   1.00 22.95 ? 94  GLU A C   1 
ATOM   727  O  O   . GLU A 1 93  ? -7.002  -0.545  10.149  1.00 23.51 ? 94  GLU A O   1 
ATOM   728  C  CB  . GLU A 1 93  ? -7.361  -1.435  7.014   1.00 22.80 ? 94  GLU A CB  1 
ATOM   729  C  CG  . GLU A 1 93  ? -7.971  -2.356  5.988   1.00 21.80 ? 94  GLU A CG  1 
ATOM   730  C  CD  . GLU A 1 93  ? -8.122  -1.709  4.627   1.00 25.53 ? 94  GLU A CD  1 
ATOM   731  O  OE1 . GLU A 1 93  ? -7.455  -0.684  4.352   1.00 24.23 ? 94  GLU A OE1 1 
ATOM   732  O  OE2 . GLU A 1 93  ? -8.916  -2.231  3.823   1.00 23.83 ? 94  GLU A OE2 1 
ATOM   733  N  N   . GLY A 1 94  ? -5.079  -1.001  9.062   1.00 22.76 ? 95  GLY A N   1 
ATOM   734  C  CA  . GLY A 1 94  ? -4.306  0.073   9.657   1.00 24.87 ? 95  GLY A CA  1 
ATOM   735  C  C   . GLY A 1 94  ? -3.420  0.649   8.566   1.00 23.52 ? 95  GLY A C   1 
ATOM   736  O  O   . GLY A 1 94  ? -3.505  0.218   7.419   1.00 22.06 ? 95  GLY A O   1 
ATOM   737  N  N   . CYS A 1 95  ? -2.563  1.603   8.912   1.00 20.06 ? 96  CYS A N   1 
ATOM   738  C  CA  . CYS A 1 95  ? -1.739  2.280   7.914   1.00 21.17 ? 96  CYS A CA  1 
ATOM   739  C  C   . CYS A 1 95  ? -0.574  2.942   8.617   1.00 23.96 ? 96  CYS A C   1 
ATOM   740  O  O   . CYS A 1 95  ? -0.783  3.605   9.626   1.00 23.68 ? 96  CYS A O   1 
ATOM   741  C  CB  . CYS A 1 95  ? -2.571  3.352   7.201   1.00 21.09 ? 96  CYS A CB  1 
ATOM   742  S  SG  . CYS A 1 95  ? -1.700  4.258   5.873   1.00 21.73 ? 96  CYS A SG  1 
ATOM   743  N  N   . LEU A 1 96  ? 0.637   2.788   8.082   1.00 20.28 ? 97  LEU A N   1 
ATOM   744  C  CA  . LEU A 1 96  ? 1.810   3.456   8.658   1.00 19.77 ? 97  LEU A CA  1 
ATOM   745  C  C   . LEU A 1 96  ? 1.659   4.981   8.665   1.00 21.20 ? 97  LEU A C   1 
ATOM   746  O  O   . LEU A 1 96  ? 2.299   5.672   9.458   1.00 22.33 ? 97  LEU A O   1 
ATOM   747  C  CB  . LEU A 1 96  ? 3.096   3.036   7.931   1.00 20.92 ? 97  LEU A CB  1 
ATOM   748  C  CG  . LEU A 1 96  ? 3.641   1.645   8.250   1.00 24.97 ? 97  LEU A CG  1 
ATOM   749  C  CD1 . LEU A 1 96  ? 4.749   1.229   7.287   1.00 26.97 ? 97  LEU A CD1 1 
ATOM   750  C  CD2 . LEU A 1 96  ? 4.177   1.639   9.664   1.00 27.82 ? 97  LEU A CD2 1 
ATOM   751  N  N   . SER A 1 97  ? 0.808   5.502   7.782   1.00 21.46 ? 98  SER A N   1 
ATOM   752  C  CA  . SER A 1 97  ? 0.572   6.942   7.689   1.00 21.75 ? 98  SER A CA  1 
ATOM   753  C  C   . SER A 1 97  ? -0.546  7.421   8.611   1.00 23.10 ? 98  SER A C   1 
ATOM   754  O  O   . SER A 1 97  ? -0.793  8.621   8.726   1.00 25.21 ? 98  SER A O   1 
ATOM   755  C  CB  . SER A 1 97  ? 0.288   7.353   6.240   1.00 22.13 ? 98  SER A CB  1 
ATOM   756  O  OG  . SER A 1 97  ? 1.474   7.303   5.469   1.00 21.94 ? 98  SER A OG  1 
ATOM   757  N  N   . VAL A 1 98  ? -1.233  6.482   9.256   1.00 23.11 ? 99  VAL A N   1 
ATOM   758  C  CA  . VAL A 1 98  ? -2.269  6.813   10.242  1.00 22.66 ? 99  VAL A CA  1 
ATOM   759  C  C   . VAL A 1 98  ? -2.022  5.931   11.465  1.00 24.54 ? 99  VAL A C   1 
ATOM   760  O  O   . VAL A 1 98  ? -2.843  5.078   11.802  1.00 26.19 ? 99  VAL A O   1 
ATOM   761  C  CB  . VAL A 1 98  ? -3.695  6.573   9.698   1.00 24.20 ? 99  VAL A CB  1 
ATOM   762  C  CG1 . VAL A 1 98  ? -4.736  7.311   10.558  1.00 24.29 ? 99  VAL A CG1 1 
ATOM   763  C  CG2 . VAL A 1 98  ? -3.822  7.013   8.238   1.00 24.92 ? 99  VAL A CG2 1 
ATOM   764  N  N   . PRO A 1 99  ? -0.874  6.128   12.131  1.00 26.22 ? 100 PRO A N   1 
ATOM   765  C  CA  . PRO A 1 99  ? -0.462  5.178   13.176  1.00 26.26 ? 100 PRO A CA  1 
ATOM   766  C  C   . PRO A 1 99  ? -1.393  5.157   14.391  1.00 29.29 ? 100 PRO A C   1 
ATOM   767  O  O   . PRO A 1 99  ? -1.896  6.205   14.809  1.00 33.05 ? 100 PRO A O   1 
ATOM   768  C  CB  . PRO A 1 99  ? 0.932   5.680   13.582  1.00 29.10 ? 100 PRO A CB  1 
ATOM   769  C  CG  . PRO A 1 99  ? 0.930   7.135   13.205  1.00 28.34 ? 100 PRO A CG  1 
ATOM   770  C  CD  . PRO A 1 99  ? 0.112   7.210   11.949  1.00 25.01 ? 100 PRO A CD  1 
ATOM   771  N  N   . GLY A 1 100 ? -1.628  3.964   14.927  1.00 27.91 ? 101 GLY A N   1 
ATOM   772  C  CA  . GLY A 1 100 ? -2.436  3.812   16.125  1.00 32.65 ? 101 GLY A CA  1 
ATOM   773  C  C   . GLY A 1 100 ? -3.930  3.681   15.887  1.00 30.76 ? 101 GLY A C   1 
ATOM   774  O  O   . GLY A 1 100 ? -4.697  3.492   16.839  1.00 32.17 ? 101 GLY A O   1 
ATOM   775  N  N   . PHE A 1 101 ? -4.358  3.790   14.630  1.00 26.82 ? 102 PHE A N   1 
ATOM   776  C  CA  . PHE A 1 101 ? -5.777  3.679   14.313  1.00 26.42 ? 102 PHE A CA  1 
ATOM   777  C  C   . PHE A 1 101 ? -6.103  2.497   13.411  1.00 27.14 ? 102 PHE A C   1 
ATOM   778  O  O   . PHE A 1 101 ? -5.441  2.287   12.397  1.00 25.88 ? 102 PHE A O   1 
ATOM   779  C  CB  . PHE A 1 101 ? -6.304  4.954   13.662  1.00 25.60 ? 102 PHE A CB  1 
ATOM   780  C  CG  . PHE A 1 101 ? -7.793  4.944   13.472  1.00 31.57 ? 102 PHE A CG  1 
ATOM   781  C  CD1 . PHE A 1 101 ? -8.636  5.090   14.560  1.00 34.04 ? 102 PHE A CD1 1 
ATOM   782  C  CD2 . PHE A 1 101 ? -8.347  4.766   12.215  1.00 32.27 ? 102 PHE A CD2 1 
ATOM   783  C  CE1 . PHE A 1 101 ? -10.002 5.073   14.396  1.00 39.02 ? 102 PHE A CE1 1 
ATOM   784  C  CE2 . PHE A 1 101 ? -9.719  4.746   12.041  1.00 33.21 ? 102 PHE A CE2 1 
ATOM   785  C  CZ  . PHE A 1 101 ? -10.547 4.898   13.136  1.00 37.10 ? 102 PHE A CZ  1 
ATOM   786  N  N   . TYR A 1 102 ? -7.132  1.737   13.791  1.00 26.16 ? 103 TYR A N   1 
ATOM   787  C  CA  . TYR A 1 102 ? -7.552  0.547   13.047  1.00 24.97 ? 103 TYR A CA  1 
ATOM   788  C  C   . TYR A 1 102 ? -9.060  0.509   12.944  1.00 29.48 ? 103 TYR A C   1 
ATOM   789  O  O   . TYR A 1 102 ? -9.762  0.728   13.936  1.00 30.58 ? 103 TYR A O   1 
ATOM   790  C  CB  . TYR A 1 102 ? -7.047  -0.728  13.734  1.00 28.70 ? 103 TYR A CB  1 
ATOM   791  C  CG  . TYR A 1 102 ? -5.596  -0.638  14.124  1.00 28.51 ? 103 TYR A CG  1 
ATOM   792  C  CD1 . TYR A 1 102 ? -5.224  -0.142  15.366  1.00 30.75 ? 103 TYR A CD1 1 
ATOM   793  C  CD2 . TYR A 1 102 ? -4.593  -1.014  13.240  1.00 29.14 ? 103 TYR A CD2 1 
ATOM   794  C  CE1 . TYR A 1 102 ? -3.906  -0.035  15.720  1.00 31.13 ? 103 TYR A CE1 1 
ATOM   795  C  CE2 . TYR A 1 102 ? -3.266  -0.908  13.593  1.00 29.73 ? 103 TYR A CE2 1 
ATOM   796  C  CZ  . TYR A 1 102 ? -2.932  -0.419  14.834  1.00 30.61 ? 103 TYR A CZ  1 
ATOM   797  O  OH  . TYR A 1 102 ? -1.611  -0.301  15.200  1.00 34.13 ? 103 TYR A OH  1 
ATOM   798  N  N   . GLU A 1 103 ? -9.569  0.245   11.744  1.00 26.18 ? 104 GLU A N   1 
ATOM   799  C  CA  . GLU A 1 103 ? -11.020 0.189   11.562  1.00 28.63 ? 104 GLU A CA  1 
ATOM   800  C  C   . GLU A 1 103 ? -11.388 -0.631  10.340  1.00 29.93 ? 104 GLU A C   1 
ATOM   801  O  O   . GLU A 1 103 ? -10.576 -0.779  9.426   1.00 26.11 ? 104 GLU A O   1 
ATOM   802  C  CB  . GLU A 1 103 ? -11.596 1.601   11.446  1.00 30.98 ? 104 GLU A CB  1 
ATOM   803  C  CG  . GLU A 1 103 ? -13.110 1.670   11.559  1.00 38.47 ? 104 GLU A CG  1 
ATOM   804  C  CD  . GLU A 1 103 ? -13.652 0.847   12.717  1.00 40.64 ? 104 GLU A CD  1 
ATOM   805  O  OE1 . GLU A 1 103 ? -14.104 -0.293  12.476  1.00 37.49 ? 104 GLU A OE1 1 
ATOM   806  O  OE2 . GLU A 1 103 ? -13.629 1.339   13.866  1.00 45.95 ? 104 GLU A OE2 1 
ATOM   807  N  N   . GLU A 1 104 ? -12.602 -1.174  10.330  1.00 28.21 ? 105 GLU A N   1 
ATOM   808  C  CA  . GLU A 1 104 ? -13.080 -1.955  9.194   1.00 27.20 ? 105 GLU A CA  1 
ATOM   809  C  C   . GLU A 1 104 ? -13.408 -1.099  7.977   1.00 27.66 ? 105 GLU A C   1 
ATOM   810  O  O   . GLU A 1 104 ? -14.075 -0.059  8.080   1.00 27.64 ? 105 GLU A O   1 
ATOM   811  C  CB  . GLU A 1 104 ? -14.308 -2.789  9.581   1.00 32.43 ? 105 GLU A CB  1 
ATOM   812  C  CG  . GLU A 1 104 ? -13.974 -3.989  10.444  1.00 36.90 ? 105 GLU A CG  1 
ATOM   813  C  CD  . GLU A 1 104 ? -15.144 -4.941  10.572  1.00 43.25 ? 105 GLU A CD  1 
ATOM   814  O  OE1 . GLU A 1 104 ? -16.272 -4.548  10.189  1.00 40.23 ? 105 GLU A OE1 1 
ATOM   815  O  OE2 . GLU A 1 104 ? -14.931 -6.079  11.041  1.00 52.50 ? 105 GLU A OE2 1 
ATOM   816  N  N   . VAL A 1 105 ? -12.943 -1.568  6.822   1.00 24.81 ? 106 VAL A N   1 
ATOM   817  C  CA  . VAL A 1 105 ? -13.178 -0.931  5.535   1.00 25.18 ? 106 VAL A CA  1 
ATOM   818  C  C   . VAL A 1 105 ? -13.817 -1.975  4.636   1.00 21.97 ? 106 VAL A C   1 
ATOM   819  O  O   . VAL A 1 105 ? -13.494 -3.158  4.745   1.00 22.01 ? 106 VAL A O   1 
ATOM   820  C  CB  . VAL A 1 105 ? -11.829 -0.481  4.895   1.00 22.77 ? 106 VAL A CB  1 
ATOM   821  C  CG1 . VAL A 1 105 ? -12.042 0.061   3.503   1.00 25.68 ? 106 VAL A CG1 1 
ATOM   822  C  CG2 . VAL A 1 105 ? -11.154 0.572   5.765   1.00 29.14 ? 106 VAL A CG2 1 
ATOM   823  N  N   . GLU A 1 106 ? -14.717 -1.556  3.749   1.00 21.52 ? 107 GLU A N   1 
ATOM   824  C  CA  . GLU A 1 106 ? -15.274 -2.487  2.766   1.00 21.00 ? 107 GLU A CA  1 
ATOM   825  C  C   . GLU A 1 106 ? -14.340 -2.513  1.560   1.00 22.49 ? 107 GLU A C   1 
ATOM   826  O  O   . GLU A 1 106 ? -13.981 -1.465  1.017   1.00 25.58 ? 107 GLU A O   1 
ATOM   827  C  CB  . GLU A 1 106 ? -16.691 -2.066  2.328   1.00 25.22 ? 107 GLU A CB  1 
ATOM   828  C  CG  . GLU A 1 106 ? -17.374 -3.083  1.397   1.00 25.78 ? 107 GLU A CG  1 
ATOM   829  C  CD  . GLU A 1 106 ? -18.825 -2.751  1.065   1.00 34.15 ? 107 GLU A CD  1 
ATOM   830  O  OE1 . GLU A 1 106 ? -19.309 -3.204  0.007   1.00 35.05 ? 107 GLU A OE1 1 
ATOM   831  O  OE2 . GLU A 1 106 ? -19.496 -2.067  1.863   1.00 39.83 ? 107 GLU A OE2 1 
ATOM   832  N  N   . ARG A 1 107 ? -13.949 -3.717  1.157   1.00 21.24 ? 108 ARG A N   1 
ATOM   833  C  CA  . ARG A 1 107 ? -13.040 -3.916  0.035   1.00 20.43 ? 108 ARG A CA  1 
ATOM   834  C  C   . ARG A 1 107 ? -13.625 -4.954  -0.902  1.00 25.11 ? 108 ARG A C   1 
ATOM   835  O  O   . ARG A 1 107 ? -14.535 -5.704  -0.522  1.00 24.43 ? 108 ARG A O   1 
ATOM   836  C  CB  . ARG A 1 107 ? -11.717 -4.462  0.554   1.00 20.35 ? 108 ARG A CB  1 
ATOM   837  C  CG  . ARG A 1 107 ? -10.924 -3.502  1.431   1.00 21.51 ? 108 ARG A CG  1 
ATOM   838  C  CD  . ARG A 1 107 ? -10.449 -2.306  0.632   1.00 22.22 ? 108 ARG A CD  1 
ATOM   839  N  NE  . ARG A 1 107 ? -9.575  -1.443  1.431   1.00 21.61 ? 108 ARG A NE  1 
ATOM   840  C  CZ  . ARG A 1 107 ? -9.070  -0.292  1.004   1.00 22.58 ? 108 ARG A CZ  1 
ATOM   841  N  NH1 . ARG A 1 107 ? -9.343  0.141   -0.225  1.00 22.04 ? 108 ARG A NH1 1 
ATOM   842  N  NH2 . ARG A 1 107 ? -8.291  0.423   1.808   1.00 22.74 ? 108 ARG A NH2 1 
ATOM   843  N  N   . PHE A 1 108 ? -13.095 -5.023  -2.121  1.00 22.06 ? 109 PHE A N   1 
ATOM   844  C  CA  . PHE A 1 108 ? -13.425 -6.147  -2.984  1.00 22.24 ? 109 PHE A CA  1 
ATOM   845  C  C   . PHE A 1 108 ? -12.835 -7.387  -2.355  1.00 20.69 ? 109 PHE A C   1 
ATOM   846  O  O   . PHE A 1 108 ? -11.758 -7.338  -1.756  1.00 20.79 ? 109 PHE A O   1 
ATOM   847  C  CB  . PHE A 1 108 ? -12.830 -5.961  -4.387  1.00 20.99 ? 109 PHE A CB  1 
ATOM   848  C  CG  . PHE A 1 108 ? -13.434 -4.833  -5.151  1.00 22.80 ? 109 PHE A CG  1 
ATOM   849  C  CD1 . PHE A 1 108 ? -12.684 -3.710  -5.441  1.00 24.96 ? 109 PHE A CD1 1 
ATOM   850  C  CD2 . PHE A 1 108 ? -14.754 -4.892  -5.582  1.00 25.30 ? 109 PHE A CD2 1 
ATOM   851  C  CE1 . PHE A 1 108 ? -13.239 -2.654  -6.150  1.00 29.40 ? 109 PHE A CE1 1 
ATOM   852  C  CE2 . PHE A 1 108 ? -15.313 -3.844  -6.293  1.00 28.33 ? 109 PHE A CE2 1 
ATOM   853  C  CZ  . PHE A 1 108 ? -14.550 -2.721  -6.578  1.00 30.59 ? 109 PHE A CZ  1 
ATOM   854  N  N   . GLU A 1 109 ? -13.531 -8.513  -2.459  1.00 22.43 ? 110 GLU A N   1 
ATOM   855  C  CA  . GLU A 1 109 ? -12.985 -9.710  -1.849  1.00 25.25 ? 110 GLU A CA  1 
ATOM   856  C  C   . GLU A 1 109 ? -11.931 -10.360 -2.743  1.00 24.30 ? 110 GLU A C   1 
ATOM   857  O  O   . GLU A 1 109 ? -11.061 -11.088 -2.266  1.00 25.96 ? 110 GLU A O   1 
ATOM   858  C  CB  . GLU A 1 109 ? -14.098 -10.685 -1.431  1.00 30.83 ? 110 GLU A CB  1 
ATOM   859  C  CG  . GLU A 1 109 ? -14.585 -11.626 -2.481  1.00 31.06 ? 110 GLU A CG  1 
ATOM   860  C  CD  . GLU A 1 109 ? -15.723 -12.484 -1.947  1.00 26.63 ? 110 GLU A CD  1 
ATOM   861  O  OE1 . GLU A 1 109 ? -16.832 -11.934 -1.835  1.00 27.30 ? 110 GLU A OE1 1 
ATOM   862  O  OE2 . GLU A 1 109 ? -15.490 -13.666 -1.609  1.00 31.09 ? 110 GLU A OE2 1 
ATOM   863  N  N   . LYS A 1 110 ? -11.989 -10.075 -4.040  1.00 23.88 ? 111 LYS A N   1 
ATOM   864  C  CA  . LYS A 1 110 ? -11.028 -10.650 -4.973  1.00 23.41 ? 111 LYS A CA  1 
ATOM   865  C  C   . LYS A 1 110 ? -10.660 -9.610  -6.033  1.00 23.83 ? 111 LYS A C   1 
ATOM   866  O  O   . LYS A 1 110 ? -11.527 -8.883  -6.525  1.00 22.90 ? 111 LYS A O   1 
ATOM   867  C  CB  . LYS A 1 110 ? -11.626 -11.901 -5.629  1.00 26.07 ? 111 LYS A CB  1 
ATOM   868  C  CG  . LYS A 1 110 ? -10.694 -12.622 -6.558  1.00 34.40 ? 111 LYS A CG  1 
ATOM   869  C  CD  . LYS A 1 110 ? -10.798 -14.125 -6.325  1.00 41.05 ? 111 LYS A CD  1 
ATOM   870  C  CE  . LYS A 1 110 ? -9.799  -14.874 -7.178  1.00 43.89 ? 111 LYS A CE  1 
ATOM   871  N  NZ  . LYS A 1 110 ? -9.478  -16.217 -6.623  1.00 51.88 ? 111 LYS A NZ  1 
ATOM   872  N  N   . VAL A 1 111 ? -9.370  -9.522  -6.363  1.00 22.43 ? 112 VAL A N   1 
ATOM   873  C  CA  . VAL A 1 111 ? -8.917  -8.609  -7.415  1.00 21.03 ? 112 VAL A CA  1 
ATOM   874  C  C   . VAL A 1 111 ? -7.922  -9.280  -8.346  1.00 22.85 ? 112 VAL A C   1 
ATOM   875  O  O   . VAL A 1 111 ? -7.272  -10.257 -7.977  1.00 21.34 ? 112 VAL A O   1 
ATOM   876  C  CB  . VAL A 1 111 ? -8.264  -7.307  -6.843  1.00 20.30 ? 112 VAL A CB  1 
ATOM   877  C  CG1 . VAL A 1 111 ? -9.227  -6.597  -5.894  1.00 22.78 ? 112 VAL A CG1 1 
ATOM   878  C  CG2 . VAL A 1 111 ? -6.956  -7.633  -6.121  1.00 20.59 ? 112 VAL A CG2 1 
ATOM   879  N  N   . LYS A 1 112 ? -7.814  -8.751  -9.560  1.00 20.18 ? 113 LYS A N   1 
ATOM   880  C  CA  . LYS A 1 112 ? -6.757  -9.166  -10.474 1.00 20.64 ? 113 LYS A CA  1 
ATOM   881  C  C   . LYS A 1 112 ? -6.120  -7.895  -11.000 1.00 20.99 ? 113 LYS A C   1 
ATOM   882  O  O   . LYS A 1 112 ? -6.816  -7.013  -11.510 1.00 22.09 ? 113 LYS A O   1 
ATOM   883  C  CB  . LYS A 1 112 ? -7.321  -9.994  -11.637 1.00 24.15 ? 113 LYS A CB  1 
ATOM   884  C  CG  . LYS A 1 112 ? -6.227  -10.534 -12.573 1.00 24.99 ? 113 LYS A CG  1 
ATOM   885  C  CD  . LYS A 1 112 ? -6.803  -11.243 -13.801 1.00 32.41 ? 113 LYS A CD  1 
ATOM   886  C  CE  . LYS A 1 112 ? -7.413  -12.575 -13.434 1.00 36.44 ? 113 LYS A CE  1 
ATOM   887  N  NZ  . LYS A 1 112 ? -7.971  -13.300 -14.630 1.00 39.93 ? 113 LYS A NZ  1 
ATOM   888  N  N   . ILE A 1 113 ? -4.804  -7.780  -10.849 1.00 19.25 ? 114 ILE A N   1 
ATOM   889  C  CA  . ILE A 1 113 ? -4.116  -6.582  -11.310 1.00 20.16 ? 114 ILE A CA  1 
ATOM   890  C  C   . ILE A 1 113 ? -3.056  -6.920  -12.341 1.00 19.34 ? 114 ILE A C   1 
ATOM   891  O  O   . ILE A 1 113 ? -2.581  -8.057  -12.416 1.00 20.64 ? 114 ILE A O   1 
ATOM   892  C  CB  . ILE A 1 113 ? -3.452  -5.799  -10.148 1.00 20.21 ? 114 ILE A CB  1 
ATOM   893  C  CG1 . ILE A 1 113 ? -2.450  -6.680  -9.401  1.00 20.14 ? 114 ILE A CG1 1 
ATOM   894  C  CG2 . ILE A 1 113 ? -4.513  -5.257  -9.178  1.00 21.88 ? 114 ILE A CG2 1 
ATOM   895  C  CD1 . ILE A 1 113 ? -1.529  -5.867  -8.443  1.00 22.08 ? 114 ILE A CD1 1 
ATOM   896  N  N   . GLU A 1 114 ? -2.692  -5.919  -13.131 1.00 17.84 ? 115 GLU A N   1 
ATOM   897  C  CA  . GLU A 1 114 ? -1.531  -6.014  -14.006 1.00 20.13 ? 115 GLU A CA  1 
ATOM   898  C  C   . GLU A 1 114 ? -0.559  -4.940  -13.559 1.00 20.38 ? 115 GLU A C   1 
ATOM   899  O  O   . GLU A 1 114 ? -0.967  -3.836  -13.182 1.00 20.45 ? 115 GLU A O   1 
ATOM   900  C  CB  . GLU A 1 114 ? -1.950  -5.793  -15.460 1.00 23.38 ? 115 GLU A CB  1 
ATOM   901  C  CG  . GLU A 1 114 ? -0.814  -5.762  -16.464 1.00 27.24 ? 115 GLU A CG  1 
ATOM   902  C  CD  . GLU A 1 114 ? -1.334  -5.613  -17.882 1.00 34.00 ? 115 GLU A CD  1 
ATOM   903  O  OE1 . GLU A 1 114 ? -2.475  -6.053  -18.141 1.00 37.35 ? 115 GLU A OE1 1 
ATOM   904  O  OE2 . GLU A 1 114 ? -0.615  -5.048  -18.729 1.00 38.87 ? 115 GLU A OE2 1 
ATOM   905  N  N   . TYR A 1 115 ? 0.728   -5.261  -13.550 1.00 19.25 ? 116 TYR A N   1 
ATOM   906  C  CA  . TYR A 1 115 ? 1.729   -4.304  -13.080 1.00 17.59 ? 116 TYR A CA  1 
ATOM   907  C  C   . TYR A 1 115 ? 3.085   -4.677  -13.631 1.00 19.65 ? 116 TYR A C   1 
ATOM   908  O  O   . TYR A 1 115 ? 3.190   -5.647  -14.376 1.00 19.48 ? 116 TYR A O   1 
ATOM   909  C  CB  . TYR A 1 115 ? 1.772   -4.288  -11.544 1.00 17.80 ? 116 TYR A CB  1 
ATOM   910  C  CG  . TYR A 1 115 ? 2.205   -5.580  -10.870 1.00 16.76 ? 116 TYR A CG  1 
ATOM   911  C  CD1 . TYR A 1 115 ? 3.523   -5.782  -10.503 1.00 18.77 ? 116 TYR A CD1 1 
ATOM   912  C  CD2 . TYR A 1 115 ? 1.279   -6.566  -10.551 1.00 20.81 ? 116 TYR A CD2 1 
ATOM   913  C  CE1 . TYR A 1 115 ? 3.924   -6.931  -9.860  1.00 21.65 ? 116 TYR A CE1 1 
ATOM   914  C  CE2 . TYR A 1 115 ? 1.668   -7.728  -9.910  1.00 21.70 ? 116 TYR A CE2 1 
ATOM   915  C  CZ  . TYR A 1 115 ? 2.997   -7.899  -9.568  1.00 22.09 ? 116 TYR A CZ  1 
ATOM   916  O  OH  . TYR A 1 115 ? 3.411   -9.045  -8.920  1.00 25.66 ? 116 TYR A OH  1 
ATOM   917  N  N   . GLN A 1 116 ? 4.114   -3.901  -13.278 1.00 19.14 ? 117 GLN A N   1 
ATOM   918  C  CA  . GLN A 1 116 ? 5.495   -4.225  -13.639 1.00 19.90 ? 117 GLN A CA  1 
ATOM   919  C  C   . GLN A 1 116 ? 6.340   -4.393  -12.387 1.00 21.66 ? 117 GLN A C   1 
ATOM   920  O  O   . GLN A 1 116 ? 6.103   -3.729  -11.372 1.00 20.00 ? 117 GLN A O   1 
ATOM   921  C  CB  . GLN A 1 116 ? 6.100   -3.119  -14.514 1.00 20.72 ? 117 GLN A CB  1 
ATOM   922  C  CG  . GLN A 1 116 ? 5.516   -3.039  -15.914 1.00 22.11 ? 117 GLN A CG  1 
ATOM   923  C  CD  . GLN A 1 116 ? 5.878   -1.748  -16.619 1.00 26.25 ? 117 GLN A CD  1 
ATOM   924  O  OE1 . GLN A 1 116 ? 5.335   -0.690  -16.308 1.00 24.17 ? 117 GLN A OE1 1 
ATOM   925  N  NE2 . GLN A 1 116 ? 6.809   -1.826  -17.566 1.00 27.25 ? 117 GLN A NE2 1 
ATOM   926  N  N   . ASN A 1 117 ? 7.319   -5.295  -12.429 1.00 20.45 ? 118 ASN A N   1 
ATOM   927  C  CA  . ASN A 1 117 ? 8.243   -5.393  -11.306 1.00 19.79 ? 118 ASN A CA  1 
ATOM   928  C  C   . ASN A 1 117 ? 9.426   -4.455  -11.529 1.00 19.84 ? 118 ASN A C   1 
ATOM   929  O  O   . ASN A 1 117 ? 9.391   -3.613  -12.436 1.00 21.74 ? 118 ASN A O   1 
ATOM   930  C  CB  . ASN A 1 117 ? 8.670   -6.855  -11.030 1.00 21.79 ? 118 ASN A CB  1 
ATOM   931  C  CG  . ASN A 1 117 ? 9.563   -7.433  -12.112 1.00 25.18 ? 118 ASN A CG  1 
ATOM   932  O  OD1 . ASN A 1 117 ? 9.948   -6.747  -13.070 1.00 22.99 ? 118 ASN A OD1 1 
ATOM   933  N  ND2 . ASN A 1 117 ? 9.905   -8.721  -11.960 1.00 24.46 ? 118 ASN A ND2 1 
ATOM   934  N  N   . ARG A 1 118 ? 10.463  -4.568  -10.708 1.00 23.06 ? 119 ARG A N   1 
ATOM   935  C  CA  . ARG A 1 118 ? 11.533  -3.574  -10.770 1.00 20.83 ? 119 ARG A CA  1 
ATOM   936  C  C   . ARG A 1 118 ? 12.378  -3.682  -12.032 1.00 23.60 ? 119 ARG A C   1 
ATOM   937  O  O   . ARG A 1 118 ? 13.156  -2.774  -12.333 1.00 22.65 ? 119 ARG A O   1 
ATOM   938  C  CB  . ARG A 1 118 ? 12.428  -3.648  -9.526  1.00 21.96 ? 119 ARG A CB  1 
ATOM   939  C  CG  . ARG A 1 118 ? 13.311  -4.903  -9.466  1.00 23.96 ? 119 ARG A CG  1 
ATOM   940  C  CD  . ARG A 1 118 ? 14.517  -4.654  -8.566  1.00 23.19 ? 119 ARG A CD  1 
ATOM   941  N  NE  . ARG A 1 118 ? 14.112  -4.352  -7.197  1.00 22.58 ? 119 ARG A NE  1 
ATOM   942  C  CZ  . ARG A 1 118 ? 14.946  -3.941  -6.246  1.00 24.70 ? 119 ARG A CZ  1 
ATOM   943  N  NH1 . ARG A 1 118 ? 14.491  -3.670  -5.035  1.00 25.80 ? 119 ARG A NH1 1 
ATOM   944  N  NH2 . ARG A 1 118 ? 16.237  -3.797  -6.516  1.00 28.24 ? 119 ARG A NH2 1 
ATOM   945  N  N   . PHE A 1 119 ? 12.233  -4.790  -12.754 1.00 23.01 ? 120 PHE A N   1 
ATOM   946  C  CA  . PHE A 1 119 ? 12.947  -4.994  -14.016 1.00 22.94 ? 120 PHE A CA  1 
ATOM   947  C  C   . PHE A 1 119 ? 12.059  -4.699  -15.219 1.00 26.52 ? 120 PHE A C   1 
ATOM   948  O  O   . PHE A 1 119 ? 12.407  -5.046  -16.348 1.00 26.43 ? 120 PHE A O   1 
ATOM   949  C  CB  . PHE A 1 119 ? 13.480  -6.428  -14.090 1.00 26.06 ? 120 PHE A CB  1 
ATOM   950  C  CG  . PHE A 1 119 ? 14.337  -6.803  -12.920 1.00 25.85 ? 120 PHE A CG  1 
ATOM   951  C  CD1 . PHE A 1 119 ? 13.980  -7.854  -12.096 1.00 28.76 ? 120 PHE A CD1 1 
ATOM   952  C  CD2 . PHE A 1 119 ? 15.485  -6.081  -12.629 1.00 29.61 ? 120 PHE A CD2 1 
ATOM   953  C  CE1 . PHE A 1 119 ? 14.763  -8.196  -11.006 1.00 33.60 ? 120 PHE A CE1 1 
ATOM   954  C  CE2 . PHE A 1 119 ? 16.274  -6.417  -11.538 1.00 30.46 ? 120 PHE A CE2 1 
ATOM   955  C  CZ  . PHE A 1 119 ? 15.911  -7.475  -10.728 1.00 33.51 ? 120 PHE A CZ  1 
ATOM   956  N  N   . ALA A 1 120 ? 10.916  -4.060  -14.952 1.00 23.20 ? 121 ALA A N   1 
ATOM   957  C  CA  . ALA A 1 120 ? 9.925   -3.663  -15.959 1.00 23.05 ? 121 ALA A CA  1 
ATOM   958  C  C   . ALA A 1 120 ? 9.166   -4.830  -16.577 1.00 23.49 ? 121 ALA A C   1 
ATOM   959  O  O   . ALA A 1 120 ? 8.435   -4.643  -17.552 1.00 25.40 ? 121 ALA A O   1 
ATOM   960  C  CB  . ALA A 1 120 ? 10.551  -2.764  -17.064 1.00 22.87 ? 121 ALA A CB  1 
ATOM   961  N  N   . GLU A 1 121 ? 9.329   -6.019  -15.998 1.00 23.17 ? 122 GLU A N   1 
ATOM   962  C  CA  . GLU A 1 121 ? 8.602   -7.208  -16.454 1.00 20.08 ? 122 GLU A CA  1 
ATOM   963  C  C   . GLU A 1 121 ? 7.121   -7.066  -16.129 1.00 23.35 ? 122 GLU A C   1 
ATOM   964  O  O   . GLU A 1 121 ? 6.777   -6.745  -14.999 1.00 22.86 ? 122 GLU A O   1 
ATOM   965  C  CB  . GLU A 1 121 ? 9.164   -8.465  -15.775 1.00 23.19 ? 122 GLU A CB  1 
ATOM   966  C  CG  . GLU A 1 121 ? 10.620  -8.788  -16.127 1.00 27.18 ? 122 GLU A CG  1 
ATOM   967  C  CD  . GLU A 1 121 ? 11.217  -9.876  -15.238 1.00 30.36 ? 122 GLU A CD  1 
ATOM   968  O  OE1 . GLU A 1 121 ? 10.529  -10.359 -14.302 1.00 27.39 ? 122 GLU A OE1 1 
ATOM   969  O  OE2 . GLU A 1 121 ? 12.386  -10.258 -15.470 1.00 34.02 ? 122 GLU A OE2 1 
ATOM   970  N  N   . VAL A 1 122 ? 6.250   -7.307  -17.112 1.00 20.27 ? 123 VAL A N   1 
ATOM   971  C  CA  . VAL A 1 122 ? 4.799   -7.218  -16.891 1.00 20.95 ? 123 VAL A CA  1 
ATOM   972  C  C   . VAL A 1 122 ? 4.274   -8.466  -16.192 1.00 22.71 ? 123 VAL A C   1 
ATOM   973  O  O   . VAL A 1 122 ? 4.619   -9.573  -16.584 1.00 22.23 ? 123 VAL A O   1 
ATOM   974  C  CB  . VAL A 1 122 ? 4.064   -7.038  -18.224 1.00 22.78 ? 123 VAL A CB  1 
ATOM   975  C  CG1 . VAL A 1 122 ? 2.553   -7.041  -18.010 1.00 24.28 ? 123 VAL A CG1 1 
ATOM   976  C  CG2 . VAL A 1 122 ? 4.504   -5.738  -18.883 1.00 24.36 ? 123 VAL A CG2 1 
ATOM   977  N  N   . LYS A 1 123 ? 3.446   -8.278  -15.161 1.00 19.92 ? 124 LYS A N   1 
ATOM   978  C  CA  . LYS A 1 123 ? 2.886   -9.384  -14.384 1.00 20.03 ? 124 LYS A CA  1 
ATOM   979  C  C   . LYS A 1 123 ? 1.388   -9.246  -14.311 1.00 21.31 ? 124 LYS A C   1 
ATOM   980  O  O   . LYS A 1 123 ? 0.858   -8.139  -14.325 1.00 21.10 ? 124 LYS A O   1 
ATOM   981  C  CB  . LYS A 1 123 ? 3.386   -9.349  -12.935 1.00 21.72 ? 124 LYS A CB  1 
ATOM   982  C  CG  . LYS A 1 123 ? 4.886   -9.244  -12.783 1.00 21.73 ? 124 LYS A CG  1 
ATOM   983  C  CD  . LYS A 1 123 ? 5.580   -10.467 -13.357 1.00 22.24 ? 124 LYS A CD  1 
ATOM   984  C  CE  . LYS A 1 123 ? 7.077   -10.198 -13.395 1.00 23.86 ? 124 LYS A CE  1 
ATOM   985  N  NZ  . LYS A 1 123 ? 7.846   -11.265 -14.098 1.00 21.44 ? 124 LYS A NZ  1 
ATOM   986  N  N   . VAL A 1 124 ? 0.701   -10.377 -14.224 1.00 19.02 ? 125 VAL A N   1 
ATOM   987  C  CA  . VAL A 1 124 ? -0.715  -10.392 -13.878 1.00 20.45 ? 125 VAL A CA  1 
ATOM   988  C  C   . VAL A 1 124 ? -0.832  -11.170 -12.574 1.00 22.36 ? 125 VAL A C   1 
ATOM   989  O  O   . VAL A 1 124 ? -0.258  -12.254 -12.435 1.00 20.70 ? 125 VAL A O   1 
ATOM   990  C  CB  . VAL A 1 124 ? -1.545  -11.061 -14.984 1.00 22.19 ? 125 VAL A CB  1 
ATOM   991  C  CG1 . VAL A 1 124 ? -2.983  -11.342 -14.498 1.00 22.46 ? 125 VAL A CG1 1 
ATOM   992  C  CG2 . VAL A 1 124 ? -1.528  -10.203 -16.241 1.00 23.41 ? 125 VAL A CG2 1 
ATOM   993  N  N   . LEU A 1 125 ? -1.539  -10.610 -11.602 1.00 18.93 ? 126 LEU A N   1 
ATOM   994  C  CA  . LEU A 1 125 ? -1.659  -11.265 -10.302 1.00 20.04 ? 126 LEU A CA  1 
ATOM   995  C  C   . LEU A 1 125 ? -3.088  -11.266 -9.798  1.00 23.07 ? 126 LEU A C   1 
ATOM   996  O  O   . LEU A 1 125 ? -3.724  -10.215 -9.747  1.00 21.47 ? 126 LEU A O   1 
ATOM   997  C  CB  . LEU A 1 125 ? -0.768  -10.550 -9.278  1.00 20.35 ? 126 LEU A CB  1 
ATOM   998  C  CG  . LEU A 1 125 ? -0.841  -11.042 -7.826  1.00 21.43 ? 126 LEU A CG  1 
ATOM   999  C  CD1 . LEU A 1 125 ? -0.254  -12.447 -7.709  1.00 22.39 ? 126 LEU A CD1 1 
ATOM   1000 C  CD2 . LEU A 1 125 ? -0.127  -10.077 -6.875  1.00 24.56 ? 126 LEU A CD2 1 
ATOM   1001 N  N   . GLU A 1 126 ? -3.588  -12.441 -9.411  1.00 21.22 ? 127 GLU A N   1 
ATOM   1002 C  CA  . GLU A 1 126 ? -4.905  -12.536 -8.787  1.00 22.78 ? 127 GLU A CA  1 
ATOM   1003 C  C   . GLU A 1 126 ? -4.728  -12.674 -7.274  1.00 22.71 ? 127 GLU A C   1 
ATOM   1004 O  O   . GLU A 1 126 ? -3.817  -13.355 -6.819  1.00 24.60 ? 127 GLU A O   1 
ATOM   1005 C  CB  . GLU A 1 126 ? -5.652  -13.745 -9.343  1.00 25.76 ? 127 GLU A CB  1 
ATOM   1006 C  CG  . GLU A 1 126 ? -7.165  -13.644 -9.256  1.00 36.24 ? 127 GLU A CG  1 
ATOM   1007 C  CD  . GLU A 1 126 ? -7.846  -14.777 -10.003 1.00 43.01 ? 127 GLU A CD  1 
ATOM   1008 O  OE1 . GLU A 1 126 ? -7.951  -15.881 -9.432  1.00 47.85 ? 127 GLU A OE1 1 
ATOM   1009 O  OE2 . GLU A 1 126 ? -8.246  -14.570 -11.169 1.00 46.40 ? 127 GLU A OE2 1 
ATOM   1010 N  N   . ALA A 1 127 ? -5.584  -12.019 -6.491  1.00 21.66 ? 128 ALA A N   1 
ATOM   1011 C  CA  . ALA A 1 127 ? -5.412  -12.007 -5.042  1.00 21.24 ? 128 ALA A CA  1 
ATOM   1012 C  C   . ALA A 1 127 ? -6.748  -12.050 -4.348  1.00 22.92 ? 128 ALA A C   1 
ATOM   1013 O  O   . ALA A 1 127 ? -7.735  -11.530 -4.872  1.00 21.46 ? 128 ALA A O   1 
ATOM   1014 C  CB  . ALA A 1 127 ? -4.654  -10.750 -4.609  1.00 23.31 ? 128 ALA A CB  1 
ATOM   1015 N  N   . SER A 1 128 ? -6.762  -12.642 -3.158  1.00 23.14 ? 129 SER A N   1 
ATOM   1016 C  CA  . SER A 1 128 ? -7.945  -12.627 -2.304  1.00 23.15 ? 129 SER A CA  1 
ATOM   1017 C  C   . SER A 1 128 ? -7.517  -12.354 -0.865  1.00 23.91 ? 129 SER A C   1 
ATOM   1018 O  O   . SER A 1 128 ? -6.328  -12.263 -0.579  1.00 25.42 ? 129 SER A O   1 
ATOM   1019 C  CB  . SER A 1 128 ? -8.683  -13.965 -2.391  1.00 29.37 ? 129 SER A CB  1 
ATOM   1020 O  OG  . SER A 1 128 ? -7.826  -15.021 -2.009  1.00 30.80 ? 129 SER A OG  1 
ATOM   1021 N  N   . GLU A 1 129 ? -8.454  -12.241 0.041   1.00 26.75 ? 130 GLU A N   1 
ATOM   1022 C  CA  . GLU A 1 129 ? -8.132  -12.166 1.450   1.00 29.17 ? 130 GLU A CA  1 
ATOM   1023 C  C   . GLU A 1 129 ? -7.177  -11.014 1.760   1.00 24.48 ? 130 GLU A C   1 
ATOM   1024 O  O   . GLU A 1 129 ? -7.300  -9.968  1.218   1.00 23.77 ? 130 GLU A O   1 
ATOM   1025 C  CB  . GLU A 1 129 ? -7.596  -13.514 1.978   1.00 32.22 ? 130 GLU A CB  1 
ATOM   1026 C  CG  . GLU A 1 129 ? -8.604  -14.667 1.905   1.00 35.95 ? 130 GLU A CG  1 
ATOM   1027 C  CD  . GLU A 1 129 ? -8.051  -16.041 2.298   1.00 45.19 ? 130 GLU A CD  1 
ATOM   1028 O  OE1 . GLU A 1 129 ? -8.628  -17.057 1.921   1.00 48.90 ? 130 GLU A OE1 1 
ATOM   1029 O  OE2 . GLU A 1 129 ? -7.057  -16.127 3.001   1.00 50.96 ? 130 GLU A OE2 1 
ATOM   1030 N  N   . LEU A 1 130 ? -6.218  -11.237 2.618   1.00 24.48 ? 131 LEU A N   1 
ATOM   1031 C  CA  . LEU A 1 130 ? -5.316  -10.159 3.059   1.00 26.04 ? 131 LEU A CA  1 
ATOM   1032 C  C   . LEU A 1 130 ? -4.543  -9.551  1.900   1.00 24.89 ? 131 LEU A C   1 
ATOM   1033 O  O   . LEU A 1 130 ? -4.349  -8.333  1.852   1.00 22.03 ? 131 LEU A O   1 
ATOM   1034 C  CB  . LEU A 1 130 ? -4.335  -10.661 4.120   1.00 26.59 ? 131 LEU A CB  1 
ATOM   1035 C  CG  . LEU A 1 130 ? -3.312  -9.639  4.630   1.00 25.54 ? 131 LEU A CG  1 
ATOM   1036 C  CD1 . LEU A 1 130 ? -3.983  -8.362  5.114   1.00 23.81 ? 131 LEU A CD1 1 
ATOM   1037 C  CD2 . LEU A 1 130 ? -2.442  -10.240 5.737   1.00 28.38 ? 131 LEU A CD2 1 
ATOM   1038 N  N   . LEU A 1 131 ? -4.077  -10.388 0.979   1.00 22.88 ? 132 LEU A N   1 
ATOM   1039 C  CA  . LEU A 1 131 ? -3.292  -9.849  -0.140  1.00 20.31 ? 132 LEU A CA  1 
ATOM   1040 C  C   . LEU A 1 131 ? -4.155  -8.908  -0.981  1.00 20.74 ? 132 LEU A C   1 
ATOM   1041 O  O   . LEU A 1 131 ? -3.696  -7.848  -1.389  1.00 20.28 ? 132 LEU A O   1 
ATOM   1042 C  CB  . LEU A 1 131 ? -2.690  -10.969 -0.999  1.00 21.89 ? 132 LEU A CB  1 
ATOM   1043 C  CG  . LEU A 1 131 ? -1.851  -10.499 -2.190  1.00 23.29 ? 132 LEU A CG  1 
ATOM   1044 C  CD1 . LEU A 1 131 ? -0.665  -9.642  -1.728  1.00 21.88 ? 132 LEU A CD1 1 
ATOM   1045 C  CD2 . LEU A 1 131 ? -1.359  -11.692 -2.983  1.00 26.29 ? 132 LEU A CD2 1 
ATOM   1046 N  N   . ALA A 1 132 ? -5.414  -9.282  -1.236  1.00 19.16 ? 133 ALA A N   1 
ATOM   1047 C  CA  . ALA A 1 132 ? -6.310  -8.407  -1.997  1.00 20.87 ? 133 ALA A CA  1 
ATOM   1048 C  C   . ALA A 1 132 ? -6.552  -7.093  -1.283  1.00 21.34 ? 133 ALA A C   1 
ATOM   1049 O  O   . ALA A 1 132 ? -6.668  -6.052  -1.919  1.00 19.78 ? 133 ALA A O   1 
ATOM   1050 C  CB  . ALA A 1 132 ? -7.639  -9.090  -2.275  1.00 21.67 ? 133 ALA A CB  1 
ATOM   1051 N  N   . VAL A 1 133 ? -6.692  -7.152  0.039   1.00 22.00 ? 134 VAL A N   1 
ATOM   1052 C  CA  . VAL A 1 133 ? -6.911  -5.937  0.832   1.00 19.22 ? 134 VAL A CA  1 
ATOM   1053 C  C   . VAL A 1 133 ? -5.672  -5.053  0.746   1.00 21.01 ? 134 VAL A C   1 
ATOM   1054 O  O   . VAL A 1 133 ? -5.781  -3.847  0.504   1.00 19.60 ? 134 VAL A O   1 
ATOM   1055 C  CB  . VAL A 1 133 ? -7.220  -6.270  2.296   1.00 22.07 ? 134 VAL A CB  1 
ATOM   1056 C  CG1 . VAL A 1 133 ? -7.308  -4.993  3.123   1.00 23.91 ? 134 VAL A CG1 1 
ATOM   1057 C  CG2 . VAL A 1 133 ? -8.534  -7.022  2.367   1.00 25.98 ? 134 VAL A CG2 1 
ATOM   1058 N  N   . ALA A 1 134 ? -4.496  -5.652  0.925   1.00 19.36 ? 135 ALA A N   1 
ATOM   1059 C  CA  . ALA A 1 134 ? -3.242  -4.893  0.849   1.00 18.89 ? 135 ALA A CA  1 
ATOM   1060 C  C   . ALA A 1 134 ? -3.065  -4.227  -0.515  1.00 19.43 ? 135 ALA A C   1 
ATOM   1061 O  O   . ALA A 1 134 ? -2.641  -3.072  -0.601  1.00 19.83 ? 135 ALA A O   1 
ATOM   1062 C  CB  . ALA A 1 134 ? -2.044  -5.781  1.157   1.00 21.15 ? 135 ALA A CB  1 
ATOM   1063 N  N   . ILE A 1 135 ? -3.381  -4.956  -1.580  1.00 19.25 ? 136 ILE A N   1 
ATOM   1064 C  CA  . ILE A 1 135 ? -3.274  -4.394  -2.926  1.00 17.62 ? 136 ILE A CA  1 
ATOM   1065 C  C   . ILE A 1 135 ? -4.196  -3.186  -3.076  1.00 18.52 ? 136 ILE A C   1 
ATOM   1066 O  O   . ILE A 1 135 ? -3.791  -2.151  -3.587  1.00 19.91 ? 136 ILE A O   1 
ATOM   1067 C  CB  . ILE A 1 135 ? -3.581  -5.460  -3.991  1.00 18.73 ? 136 ILE A CB  1 
ATOM   1068 C  CG1 . ILE A 1 135 ? -2.425  -6.467  -4.057  1.00 19.17 ? 136 ILE A CG1 1 
ATOM   1069 C  CG2 . ILE A 1 135 ? -3.827  -4.802  -5.367  1.00 19.30 ? 136 ILE A CG2 1 
ATOM   1070 C  CD1 . ILE A 1 135 ? -2.725  -7.669  -4.906  1.00 20.79 ? 136 ILE A CD1 1 
ATOM   1071 N  N   . GLN A 1 136 ? -5.436  -3.308  -2.607  1.00 18.40 ? 137 GLN A N   1 
ATOM   1072 C  CA  . GLN A 1 136 ? -6.400  -2.217  -2.764  1.00 17.59 ? 137 GLN A CA  1 
ATOM   1073 C  C   . GLN A 1 136 ? -6.017  -1.008  -1.924  1.00 17.49 ? 137 GLN A C   1 
ATOM   1074 O  O   . GLN A 1 136 ? -6.101  0.127   -2.395  1.00 18.88 ? 137 GLN A O   1 
ATOM   1075 C  CB  . GLN A 1 136 ? -7.818  -2.689  -2.382  1.00 17.71 ? 137 GLN A CB  1 
ATOM   1076 C  CG  . GLN A 1 136 ? -8.379  -3.712  -3.333  1.00 18.51 ? 137 GLN A CG  1 
ATOM   1077 C  CD  . GLN A 1 136 ? -9.664  -4.328  -2.805  1.00 17.54 ? 137 GLN A CD  1 
ATOM   1078 O  OE1 . GLN A 1 136 ? -10.701 -3.667  -2.764  1.00 20.99 ? 137 GLN A OE1 1 
ATOM   1079 N  NE2 . GLN A 1 136 ? -9.591  -5.585  -2.391  1.00 19.17 ? 137 GLN A NE2 1 
ATOM   1080 N  N   . HIS A 1 137 ? -5.613  -1.260  -0.679  1.00 17.91 ? 138 HIS A N   1 
ATOM   1081 C  CA  . HIS A 1 137 ? -5.168  -0.210  0.229   1.00 17.79 ? 138 HIS A CA  1 
ATOM   1082 C  C   . HIS A 1 137 ? -3.979  0.550   -0.352  1.00 16.75 ? 138 HIS A C   1 
ATOM   1083 O  O   . HIS A 1 137 ? -3.945  1.788   -0.342  1.00 18.28 ? 138 HIS A O   1 
ATOM   1084 C  CB  . HIS A 1 137 ? -4.811  -0.846  1.571   1.00 20.68 ? 138 HIS A CB  1 
ATOM   1085 C  CG  . HIS A 1 137 ? -4.301  0.116   2.590   1.00 19.45 ? 138 HIS A CG  1 
ATOM   1086 N  ND1 . HIS A 1 137 ? -4.961  0.353   3.778   1.00 20.33 ? 138 HIS A ND1 1 
ATOM   1087 C  CD2 . HIS A 1 137 ? -3.169  0.852   2.639   1.00 21.01 ? 138 HIS A CD2 1 
ATOM   1088 C  CE1 . HIS A 1 137 ? -4.277  1.217   4.498   1.00 20.53 ? 138 HIS A CE1 1 
ATOM   1089 N  NE2 . HIS A 1 137 ? -3.181  1.534   3.829   1.00 17.92 ? 138 HIS A NE2 1 
ATOM   1090 N  N   . GLU A 1 138 ? -2.996  -0.176  -0.866  1.00 18.85 ? 139 GLU A N   1 
ATOM   1091 C  CA  . GLU A 1 138 ? -1.793  0.502   -1.364  1.00 18.41 ? 139 GLU A CA  1 
ATOM   1092 C  C   . GLU A 1 138 ? -2.045  1.236   -2.677  1.00 17.66 ? 139 GLU A C   1 
ATOM   1093 O  O   . GLU A 1 138 ? -1.531  2.331   -2.895  1.00 17.60 ? 139 GLU A O   1 
ATOM   1094 C  CB  . GLU A 1 138 ? -0.611  -0.479  -1.478  1.00 17.91 ? 139 GLU A CB  1 
ATOM   1095 C  CG  . GLU A 1 138 ? -0.218  -1.133  -0.142  1.00 18.23 ? 139 GLU A CG  1 
ATOM   1096 C  CD  . GLU A 1 138 ? 0.174   -0.138  0.917   1.00 22.59 ? 139 GLU A CD  1 
ATOM   1097 O  OE1 . GLU A 1 138 ? 0.641   0.945   0.531   1.00 21.22 ? 139 GLU A OE1 1 
ATOM   1098 O  OE2 . GLU A 1 138 ? 0.003   -0.423  2.137   1.00 23.28 ? 139 GLU A OE2 1 
ATOM   1099 N  N   . ILE A 1 139 ? -2.831  0.637   -3.562  1.00 19.46 ? 140 ILE A N   1 
ATOM   1100 C  CA  . ILE A 1 139 ? -3.183  1.329   -4.800  1.00 17.57 ? 140 ILE A CA  1 
ATOM   1101 C  C   . ILE A 1 139 ? -3.973  2.601   -4.496  1.00 18.41 ? 140 ILE A C   1 
ATOM   1102 O  O   . ILE A 1 139 ? -3.749  3.633   -5.132  1.00 19.80 ? 140 ILE A O   1 
ATOM   1103 C  CB  . ILE A 1 139 ? -3.928  0.404   -5.774  1.00 17.64 ? 140 ILE A CB  1 
ATOM   1104 C  CG1 . ILE A 1 139 ? -2.959  -0.648  -6.307  1.00 19.29 ? 140 ILE A CG1 1 
ATOM   1105 C  CG2 . ILE A 1 139 ? -4.531  1.210   -6.926  1.00 20.29 ? 140 ILE A CG2 1 
ATOM   1106 C  CD1 . ILE A 1 139 ? -3.598  -1.666  -7.255  1.00 20.71 ? 140 ILE A CD1 1 
ATOM   1107 N  N   . ASP A 1 140 ? -4.852  2.551   -3.494  1.00 18.77 ? 141 ASP A N   1 
ATOM   1108 C  CA  . ASP A 1 140 ? -5.552  3.763   -3.059  1.00 17.60 ? 141 ASP A CA  1 
ATOM   1109 C  C   . ASP A 1 140 ? -4.570  4.901   -2.747  1.00 18.24 ? 141 ASP A C   1 
ATOM   1110 O  O   . ASP A 1 140 ? -4.818  6.048   -3.108  1.00 18.54 ? 141 ASP A O   1 
ATOM   1111 C  CB  . ASP A 1 140 ? -6.421  3.494   -1.825  1.00 18.84 ? 141 ASP A CB  1 
ATOM   1112 C  CG  . ASP A 1 140 ? -7.826  3.027   -2.177  1.00 24.88 ? 141 ASP A CG  1 
ATOM   1113 O  OD1 . ASP A 1 140 ? -8.181  3.001   -3.377  1.00 26.61 ? 141 ASP A OD1 1 
ATOM   1114 O  OD2 . ASP A 1 140 ? -8.583  2.686   -1.239  1.00 23.29 ? 141 ASP A OD2 1 
ATOM   1115 N  N   . HIS A 1 141 ? -3.465  4.590   -2.075  1.00 17.58 ? 142 HIS A N   1 
ATOM   1116 C  CA  . HIS A 1 141 ? -2.433  5.605   -1.796  1.00 18.15 ? 142 HIS A CA  1 
ATOM   1117 C  C   . HIS A 1 141 ? -1.921  6.298   -3.051  1.00 18.55 ? 142 HIS A C   1 
ATOM   1118 O  O   . HIS A 1 141 ? -1.647  7.505   -3.031  1.00 18.37 ? 142 HIS A O   1 
ATOM   1119 C  CB  . HIS A 1 141 ? -1.220  4.990   -1.093  1.00 18.05 ? 142 HIS A CB  1 
ATOM   1120 C  CG  . HIS A 1 141 ? -1.384  4.840   0.381   1.00 17.97 ? 142 HIS A CG  1 
ATOM   1121 N  ND1 . HIS A 1 141 ? -1.669  5.905   1.210   1.00 18.61 ? 142 HIS A ND1 1 
ATOM   1122 C  CD2 . HIS A 1 141 ? -1.254  3.759   1.180   1.00 19.06 ? 142 HIS A CD2 1 
ATOM   1123 C  CE1 . HIS A 1 141 ? -1.718  5.485   2.459   1.00 17.86 ? 142 HIS A CE1 1 
ATOM   1124 N  NE2 . HIS A 1 141 ? -1.479  4.183   2.465   1.00 17.61 ? 142 HIS A NE2 1 
ATOM   1125 N  N   . LEU A 1 142 ? -1.794  5.551   -4.142  1.00 17.78 ? 143 LEU A N   1 
ATOM   1126 C  CA  . LEU A 1 142 ? -1.261  6.112   -5.384  1.00 18.18 ? 143 LEU A CA  1 
ATOM   1127 C  C   . LEU A 1 142 ? -2.219  7.151   -5.948  1.00 20.47 ? 143 LEU A C   1 
ATOM   1128 O  O   . LEU A 1 142 ? -1.825  7.993   -6.764  1.00 19.33 ? 143 LEU A O   1 
ATOM   1129 C  CB  . LEU A 1 142 ? -1.050  5.033   -6.447  1.00 18.50 ? 143 LEU A CB  1 
ATOM   1130 C  CG  . LEU A 1 142 ? -0.277  3.760   -6.120  1.00 24.40 ? 143 LEU A CG  1 
ATOM   1131 C  CD1 . LEU A 1 142 ? 0.118   3.042   -7.405  1.00 20.35 ? 143 LEU A CD1 1 
ATOM   1132 C  CD2 . LEU A 1 142 ? 0.928   3.996   -5.219  1.00 22.46 ? 143 LEU A CD2 1 
ATOM   1133 N  N   . ASN A 1 143 ? -3.478  7.056   -5.532  1.00 19.52 ? 144 ASN A N   1 
ATOM   1134 C  CA  . ASN A 1 143 ? -4.519  7.979   -5.963  1.00 20.76 ? 144 ASN A CA  1 
ATOM   1135 C  C   . ASN A 1 143 ? -4.896  8.999   -4.888  1.00 20.80 ? 144 ASN A C   1 
ATOM   1136 O  O   . ASN A 1 143 ? -5.924  9.649   -4.977  1.00 20.80 ? 144 ASN A O   1 
ATOM   1137 C  CB  . ASN A 1 143 ? -5.748  7.201   -6.445  1.00 19.38 ? 144 ASN A CB  1 
ATOM   1138 C  CG  . ASN A 1 143 ? -5.446  6.364   -7.652  1.00 23.79 ? 144 ASN A CG  1 
ATOM   1139 O  OD1 . ASN A 1 143 ? -4.624  6.746   -8.484  1.00 22.86 ? 144 ASN A OD1 1 
ATOM   1140 N  ND2 . ASN A 1 143 ? -6.086  5.209   -7.757  1.00 22.49 ? 144 ASN A ND2 1 
ATOM   1141 N  N   . GLY A 1 144 ? -4.045  9.145   -3.878  1.00 18.74 ? 145 GLY A N   1 
ATOM   1142 C  CA  . GLY A 1 144 ? -4.283  10.136  -2.845  1.00 18.51 ? 145 GLY A CA  1 
ATOM   1143 C  C   . GLY A 1 144 ? -5.360  9.768   -1.835  1.00 21.33 ? 145 GLY A C   1 
ATOM   1144 O  O   . GLY A 1 144 ? -5.885  10.639  -1.135  1.00 18.74 ? 145 GLY A O   1 
ATOM   1145 N  N   . VAL A 1 145 ? -5.680  8.481   -1.742  1.00 19.14 ? 146 VAL A N   1 
ATOM   1146 C  CA  . VAL A 1 145 ? -6.777  8.012   -0.874  1.00 17.87 ? 146 VAL A CA  1 
ATOM   1147 C  C   . VAL A 1 145 ? -6.235  7.227   0.319   1.00 21.39 ? 146 VAL A C   1 
ATOM   1148 O  O   . VAL A 1 145 ? -5.360  6.365   0.162   1.00 21.17 ? 146 VAL A O   1 
ATOM   1149 C  CB  . VAL A 1 145 ? -7.770  7.137   -1.651  1.00 18.51 ? 146 VAL A CB  1 
ATOM   1150 C  CG1 . VAL A 1 145 ? -8.851  6.578   -0.718  1.00 21.66 ? 146 VAL A CG1 1 
ATOM   1151 C  CG2 . VAL A 1 145 ? -8.427  7.948   -2.773  1.00 23.48 ? 146 VAL A CG2 1 
ATOM   1152 N  N   . LEU A 1 146 ? -6.770  7.537   1.503   1.00 20.79 ? 147 LEU A N   1 
ATOM   1153 C  CA  . LEU A 1 146 ? -6.403  6.890   2.767   1.00 19.89 ? 147 LEU A CA  1 
ATOM   1154 C  C   . LEU A 1 146 ? -7.586  6.048   3.228   1.00 21.31 ? 147 LEU A C   1 
ATOM   1155 O  O   . LEU A 1 146 ? -8.729  6.360   2.889   1.00 22.19 ? 147 LEU A O   1 
ATOM   1156 C  CB  . LEU A 1 146 ? -6.113  7.952   3.826   1.00 19.65 ? 147 LEU A CB  1 
ATOM   1157 C  CG  . LEU A 1 146 ? -4.963  8.904   3.540   1.00 23.11 ? 147 LEU A CG  1 
ATOM   1158 C  CD1 . LEU A 1 146 ? -4.835  9.938   4.650   1.00 24.64 ? 147 LEU A CD1 1 
ATOM   1159 C  CD2 . LEU A 1 146 ? -3.679  8.106   3.392   1.00 21.36 ? 147 LEU A CD2 1 
ATOM   1160 N  N   . PHE A 1 147 ? -7.340  4.996   4.009   1.00 21.48 ? 148 PHE A N   1 
ATOM   1161 C  CA  . PHE A 1 147 ? -8.439  4.097   4.367   1.00 20.72 ? 148 PHE A CA  1 
ATOM   1162 C  C   . PHE A 1 147 ? -9.505  4.792   5.218   1.00 24.23 ? 148 PHE A C   1 
ATOM   1163 O  O   . PHE A 1 147 ? -10.674 4.415   5.164   1.00 23.10 ? 148 PHE A O   1 
ATOM   1164 C  CB  . PHE A 1 147 ? -7.925  2.794   5.019   1.00 22.40 ? 148 PHE A CB  1 
ATOM   1165 C  CG  . PHE A 1 147 ? -7.591  2.917   6.479   1.00 23.17 ? 148 PHE A CG  1 
ATOM   1166 C  CD1 . PHE A 1 147 ? -6.346  3.380   6.891   1.00 24.49 ? 148 PHE A CD1 1 
ATOM   1167 C  CD2 . PHE A 1 147 ? -8.507  2.522   7.439   1.00 25.78 ? 148 PHE A CD2 1 
ATOM   1168 C  CE1 . PHE A 1 147 ? -6.034  3.475   8.240   1.00 24.85 ? 148 PHE A CE1 1 
ATOM   1169 C  CE2 . PHE A 1 147 ? -8.209  2.612   8.788   1.00 26.07 ? 148 PHE A CE2 1 
ATOM   1170 C  CZ  . PHE A 1 147 ? -6.969  3.086   9.193   1.00 24.00 ? 148 PHE A CZ  1 
ATOM   1171 N  N   . VAL A 1 148 ? -9.112  5.829   5.958   1.00 21.88 ? 149 VAL A N   1 
ATOM   1172 C  CA  . VAL A 1 148 ? -10.063 6.561   6.789   1.00 23.16 ? 149 VAL A CA  1 
ATOM   1173 C  C   . VAL A 1 148 ? -11.082 7.321   5.939   1.00 26.95 ? 149 VAL A C   1 
ATOM   1174 O  O   . VAL A 1 148 ? -12.149 7.693   6.430   1.00 30.26 ? 149 VAL A O   1 
ATOM   1175 C  CB  . VAL A 1 148 ? -9.357  7.509   7.766   1.00 24.29 ? 149 VAL A CB  1 
ATOM   1176 C  CG1 . VAL A 1 148 ? -8.487  6.709   8.735   1.00 27.24 ? 149 VAL A CG1 1 
ATOM   1177 C  CG2 . VAL A 1 148 ? -8.520  8.542   6.992   1.00 24.82 ? 149 VAL A CG2 1 
ATOM   1178 N  N   . ASP A 1 149 ? -10.760 7.534   4.662   1.00 24.12 ? 150 ASP A N   1 
ATOM   1179 C  CA  . ASP A 1 149 ? -11.680 8.188   3.737   1.00 26.96 ? 150 ASP A CA  1 
ATOM   1180 C  C   . ASP A 1 149 ? -12.881 7.304   3.433   1.00 29.70 ? 150 ASP A C   1 
ATOM   1181 O  O   . ASP A 1 149 ? -13.922 7.789   2.980   1.00 31.17 ? 150 ASP A O   1 
ATOM   1182 C  CB  . ASP A 1 149 ? -10.983 8.503   2.414   1.00 24.68 ? 150 ASP A CB  1 
ATOM   1183 C  CG  . ASP A 1 149 ? -9.799  9.429   2.572   1.00 27.27 ? 150 ASP A CG  1 
ATOM   1184 O  OD1 . ASP A 1 149 ? -8.938  9.421   1.660   1.00 25.03 ? 150 ASP A OD1 1 
ATOM   1185 O  OD2 . ASP A 1 149 ? -9.724  10.170  3.581   1.00 26.53 ? 150 ASP A OD2 1 
ATOM   1186 N  N   . LYS A 1 150 ? -12.721 6.005   3.669   1.00 25.86 ? 151 LYS A N   1 
ATOM   1187 C  CA  . LYS A 1 150 ? -13.704 5.005   3.249   1.00 31.17 ? 151 LYS A CA  1 
ATOM   1188 C  C   . LYS A 1 150 ? -14.617 4.566   4.391   1.00 31.88 ? 151 LYS A C   1 
ATOM   1189 O  O   . LYS A 1 150 ? -15.530 3.767   4.196   1.00 37.27 ? 151 LYS A O   1 
ATOM   1190 C  CB  . LYS A 1 150 ? -12.987 3.791   2.644   1.00 30.05 ? 151 LYS A CB  1 
ATOM   1191 C  CG  . LYS A 1 150 ? -12.000 4.178   1.554   1.00 33.13 ? 151 LYS A CG  1 
ATOM   1192 C  CD  . LYS A 1 150 ? -11.961 3.169   0.423   1.00 39.95 ? 151 LYS A CD  1 
ATOM   1193 C  CE  . LYS A 1 150 ? -11.843 3.885   -0.925  1.00 38.07 ? 151 LYS A CE  1 
ATOM   1194 N  NZ  . LYS A 1 150 ? -11.225 3.015   -1.969  1.00 39.75 ? 151 LYS A NZ  1 
ATOM   1195 N  N   . LEU A 1 151 ? -14.373 5.107   5.577   1.00 32.11 ? 152 LEU A N   1 
ATOM   1196 C  CA  . LEU A 1 151 ? -15.149 4.736   6.753   1.00 38.86 ? 152 LEU A CA  1 
ATOM   1197 C  C   . LEU A 1 151 ? -16.592 5.210   6.649   1.00 42.77 ? 152 LEU A C   1 
ATOM   1198 O  O   . LEU A 1 151 ? -16.899 6.191   5.969   1.00 41.41 ? 152 LEU A O   1 
ATOM   1199 C  CB  . LEU A 1 151 ? -14.517 5.314   8.023   1.00 40.78 ? 152 LEU A CB  1 
ATOM   1200 C  CG  . LEU A 1 151 ? -13.070 4.921   8.307   1.00 34.28 ? 152 LEU A CG  1 
ATOM   1201 C  CD1 . LEU A 1 151 ? -12.577 5.575   9.580   1.00 36.13 ? 152 LEU A CD1 1 
ATOM   1202 C  CD2 . LEU A 1 151 ? -12.920 3.411   8.393   1.00 38.45 ? 152 LEU A CD2 1 
ATOM   1203 N  N   . SER A 1 152 ? -17.477 4.545   7.362   1.00 47.12 ? 153 SER A N   1 
ATOM   1204 C  CA  . SER A 1 152 ? -18.867 4.915   7.409   1.00 49.29 ? 153 SER A CA  1 
ATOM   1205 C  C   . SER A 1 152 ? -19.078 6.142   8.242   1.00 54.41 ? 153 SER A C   1 
ATOM   1206 O  O   . SER A 1 152 ? -18.153 6.674   8.822   1.00 54.54 ? 153 SER A O   1 
ATOM   1207 C  CB  . SER A 1 152 ? -19.596 3.830   8.124   1.00 52.65 ? 153 SER A CB  1 
ATOM   1208 O  OG  . SER A 1 152 ? -19.373 4.051   9.488   1.00 54.56 ? 153 SER A OG  1 
ATOM   1209 N  N   . ILE A 1 153 ? -20.336 6.552   8.339   1.00 56.05 ? 154 ILE A N   1 
ATOM   1210 C  CA  . ILE A 1 153 ? -20.732 7.661   9.193   1.00 57.96 ? 154 ILE A CA  1 
ATOM   1211 C  C   . ILE A 1 153 ? -20.238 7.432   10.616  1.00 56.78 ? 154 ILE A C   1 
ATOM   1212 O  O   . ILE A 1 153 ? -19.542 8.272   11.195  1.00 58.92 ? 154 ILE A O   1 
ATOM   1213 C  CB  . ILE A 1 153 ? -22.271 7.766   9.226   1.00 59.16 ? 154 ILE A CB  1 
ATOM   1214 C  CG1 . ILE A 1 153 ? -22.812 8.079   7.828   1.00 60.88 ? 154 ILE A CG1 1 
ATOM   1215 C  CG2 . ILE A 1 153 ? -22.724 8.791   10.259  1.00 63.12 ? 154 ILE A CG2 1 
ATOM   1216 C  CD1 . ILE A 1 153 ? -24.324 8.162   7.755   1.00 62.93 ? 154 ILE A CD1 1 
ATOM   1217 N  N   . LEU A 1 154 ? -20.605 6.277   11.163  1.00 57.38 ? 155 LEU A N   1 
ATOM   1218 C  CA  . LEU A 1 154 ? -20.267 5.882   12.529  1.00 56.44 ? 155 LEU A CA  1 
ATOM   1219 C  C   . LEU A 1 154 ? -18.763 5.909   12.810  1.00 55.99 ? 155 LEU A C   1 
ATOM   1220 O  O   . LEU A 1 154 ? -18.332 6.293   13.900  1.00 55.14 ? 155 LEU A O   1 
ATOM   1221 C  CB  . LEU A 1 154 ? -20.813 4.472   12.791  1.00 58.33 ? 155 LEU A CB  1 
ATOM   1222 C  CG  . LEU A 1 154 ? -20.623 3.819   14.162  1.00 58.40 ? 155 LEU A CG  1 
ATOM   1223 C  CD1 . LEU A 1 154 ? -21.691 4.283   15.146  1.00 60.92 ? 155 LEU A CD1 1 
ATOM   1224 C  CD2 . LEU A 1 154 ? -20.611 2.291   14.056  1.00 58.28 ? 155 LEU A CD2 1 
ATOM   1225 N  N   . LYS A 1 155 ? -17.969 5.513   11.819  1.00 53.18 ? 156 LYS A N   1 
ATOM   1226 C  CA  . LYS A 1 155 ? -16.552 5.229   12.042  1.00 50.70 ? 156 LYS A CA  1 
ATOM   1227 C  C   . LYS A 1 155 ? -15.614 6.431   11.995  1.00 50.56 ? 156 LYS A C   1 
ATOM   1228 O  O   . LYS A 1 155 ? -14.589 6.448   12.689  1.00 47.36 ? 156 LYS A O   1 
ATOM   1229 C  CB  . LYS A 1 155 ? -16.076 4.133   11.090  1.00 51.07 ? 156 LYS A CB  1 
ATOM   1230 C  CG  . LYS A 1 155 ? -16.588 2.765   11.482  1.00 48.92 ? 156 LYS A CG  1 
ATOM   1231 C  CD  . LYS A 1 155 ? -16.517 2.617   12.995  1.00 52.91 ? 156 LYS A CD  1 
ATOM   1232 C  CE  . LYS A 1 155 ? -17.096 1.300   13.477  1.00 53.37 ? 156 LYS A CE  1 
ATOM   1233 N  NZ  . LYS A 1 155 ? -17.023 1.204   14.966  1.00 55.23 ? 156 LYS A NZ  1 
ATOM   1234 N  N   . ARG A 1 156 ? -15.955 7.430   11.187  1.00 48.69 ? 157 ARG A N   1 
ATOM   1235 C  CA  . ARG A 1 156 ? -15.146 8.639   11.098  1.00 49.23 ? 157 ARG A CA  1 
ATOM   1236 C  C   . ARG A 1 156 ? -15.146 9.387   12.425  1.00 48.70 ? 157 ARG A C   1 
ATOM   1237 O  O   . ARG A 1 156 ? -14.140 9.972   12.825  1.00 51.46 ? 157 ARG A O   1 
ATOM   1238 C  CB  . ARG A 1 156 ? -15.644 9.541   9.959   1.00 50.11 ? 157 ARG A CB  1 
ATOM   1239 C  CG  . ARG A 1 156 ? -15.350 8.976   8.576   1.00 47.50 ? 157 ARG A CG  1 
ATOM   1240 C  CD  . ARG A 1 156 ? -15.896 9.837   7.449   1.00 49.33 ? 157 ARG A CD  1 
ATOM   1241 N  NE  . ARG A 1 156 ? -15.483 9.317   6.143   1.00 48.95 ? 157 ARG A NE  1 
ATOM   1242 C  CZ  . ARG A 1 156 ? -16.324 8.950   5.180   1.00 47.94 ? 157 ARG A CZ  1 
ATOM   1243 N  NH1 . ARG A 1 156 ? -17.633 9.054   5.366   1.00 53.07 ? 157 ARG A NH1 1 
ATOM   1244 N  NH2 . ARG A 1 156 ? -15.860 8.481   4.028   1.00 47.92 ? 157 ARG A NH2 1 
ATOM   1245 N  N   . LYS A 1 157 ? -16.281 9.354   13.111  1.00 52.45 ? 158 LYS A N   1 
ATOM   1246 C  CA  . LYS A 1 157 ? -16.417 10.041  14.388  1.00 48.92 ? 158 LYS A CA  1 
ATOM   1247 C  C   . LYS A 1 157 ? -15.605 9.339   15.468  1.00 48.51 ? 158 LYS A C   1 
ATOM   1248 O  O   . LYS A 1 157 ? -15.015 9.991   16.329  1.00 50.45 ? 158 LYS A O   1 
ATOM   1249 C  CB  . LYS A 1 157 ? -17.888 10.137  14.781  1.00 55.21 ? 158 LYS A CB  1 
ATOM   1250 C  CG  . LYS A 1 157 ? -18.762 10.677  13.659  1.00 56.84 ? 158 LYS A CG  1 
ATOM   1251 C  CD  . LYS A 1 157 ? -18.176 11.947  13.049  1.00 56.64 ? 158 LYS A CD  1 
ATOM   1252 C  CE  . LYS A 1 157 ? -18.448 12.000  11.555  1.00 57.49 ? 158 LYS A CE  1 
ATOM   1253 N  NZ  . LYS A 1 157 ? -18.811 13.376  11.123  1.00 60.19 ? 158 LYS A NZ  1 
ATOM   1254 N  N   . LYS A 1 158 ? -15.573 8.010   15.413  1.00 47.92 ? 159 LYS A N   1 
ATOM   1255 C  CA  . LYS A 1 158 ? -14.675 7.239   16.263  1.00 48.14 ? 159 LYS A CA  1 
ATOM   1256 C  C   . LYS A 1 158 ? -13.233 7.615   15.932  1.00 47.33 ? 159 LYS A C   1 
ATOM   1257 O  O   . LYS A 1 158 ? -12.413 7.797   16.834  1.00 46.87 ? 159 LYS A O   1 
ATOM   1258 C  CB  . LYS A 1 158 ? -14.899 5.733   16.082  1.00 49.05 ? 159 LYS A CB  1 
ATOM   1259 C  CG  . LYS A 1 158 ? -13.907 4.856   16.838  1.00 49.13 ? 159 LYS A CG  1 
ATOM   1260 C  CD  . LYS A 1 158 ? -14.336 3.394   16.817  1.00 50.08 ? 159 LYS A CD  1 
ATOM   1261 C  CE  . LYS A 1 158 ? -13.346 2.499   17.553  1.00 52.86 ? 159 LYS A CE  1 
ATOM   1262 N  NZ  . LYS A 1 158 ? -12.030 2.429   16.857  1.00 47.66 ? 159 LYS A NZ  1 
ATOM   1263 N  N   . PHE A 1 159 ? -12.934 7.752   14.639  1.00 45.93 ? 160 PHE A N   1 
ATOM   1264 C  CA  . PHE A 1 159 ? -11.608 8.187   14.209  1.00 45.04 ? 160 PHE A CA  1 
ATOM   1265 C  C   . PHE A 1 159 ? -11.280 9.580   14.724  1.00 46.71 ? 160 PHE A C   1 
ATOM   1266 O  O   . PHE A 1 159 ? -10.187 9.824   15.237  1.00 47.94 ? 160 PHE A O   1 
ATOM   1267 C  CB  . PHE A 1 159 ? -11.460 8.166   12.683  1.00 44.05 ? 160 PHE A CB  1 
ATOM   1268 C  CG  . PHE A 1 159 ? -10.127 8.684   12.207  1.00 41.52 ? 160 PHE A CG  1 
ATOM   1269 C  CD1 . PHE A 1 159 ? -10.049 9.748   11.320  1.00 42.62 ? 160 PHE A CD1 1 
ATOM   1270 C  CD2 . PHE A 1 159 ? -8.946  8.118   12.673  1.00 39.02 ? 160 PHE A CD2 1 
ATOM   1271 C  CE1 . PHE A 1 159 ? -8.817  10.228  10.892  1.00 38.40 ? 160 PHE A CE1 1 
ATOM   1272 C  CE2 . PHE A 1 159 ? -7.713  8.592   12.255  1.00 37.17 ? 160 PHE A CE2 1 
ATOM   1273 C  CZ  . PHE A 1 159 ? -7.645  9.646   11.363  1.00 33.50 ? 160 PHE A CZ  1 
ATOM   1274 N  N   . GLU A 1 160 ? -12.220 10.503  14.575  1.00 48.03 ? 161 GLU A N   1 
ATOM   1275 C  CA  . GLU A 1 160 ? -11.996 11.861  15.062  1.00 51.81 ? 161 GLU A CA  1 
ATOM   1276 C  C   . GLU A 1 160 ? -11.974 11.934  16.592  1.00 49.63 ? 161 GLU A C   1 
ATOM   1277 O  O   . GLU A 1 160 ? -11.270 12.765  17.167  1.00 49.27 ? 161 GLU A O   1 
ATOM   1278 C  CB  . GLU A 1 160 ? -13.015 12.841  14.472  1.00 54.45 ? 161 GLU A CB  1 
ATOM   1279 C  CG  . GLU A 1 160 ? -12.796 13.127  12.987  1.00 57.57 ? 161 GLU A CG  1 
ATOM   1280 C  CD  . GLU A 1 160 ? -13.310 14.497  12.565  1.00 66.31 ? 161 GLU A CD  1 
ATOM   1281 O  OE1 . GLU A 1 160 ? -12.962 15.501  13.228  1.00 68.00 ? 161 GLU A OE1 1 
ATOM   1282 O  OE2 . GLU A 1 160 ? -14.059 14.571  11.564  1.00 66.40 ? 161 GLU A OE2 1 
ATOM   1283 N  N   . LYS A 1 161 ? -12.742 11.064  17.247  1.00 49.47 ? 162 LYS A N   1 
ATOM   1284 C  CA  . LYS A 1 161 ? -12.693 10.968  18.706  1.00 47.92 ? 162 LYS A CA  1 
ATOM   1285 C  C   . LYS A 1 161 ? -11.312 10.507  19.158  1.00 48.84 ? 162 LYS A C   1 
ATOM   1286 O  O   . LYS A 1 161 ? -10.725 11.077  20.078  1.00 48.19 ? 162 LYS A O   1 
ATOM   1287 C  CB  . LYS A 1 161 ? -13.753 9.999   19.240  1.00 48.89 ? 162 LYS A CB  1 
ATOM   1288 C  CG  . LYS A 1 161 ? -13.719 9.837   20.760  1.00 50.16 ? 162 LYS A CG  1 
ATOM   1289 C  CD  . LYS A 1 161 ? -14.585 8.676   21.237  1.00 47.49 ? 162 LYS A CD  1 
ATOM   1290 C  CE  . LYS A 1 161 ? -13.884 7.336   21.043  1.00 50.02 ? 162 LYS A CE  1 
ATOM   1291 N  NZ  . LYS A 1 161 ? -14.827 6.178   21.164  1.00 47.53 ? 162 LYS A NZ  1 
ATOM   1292 N  N   . GLU A 1 162 ? -10.792 9.472   18.504  1.00 48.85 ? 163 GLU A N   1 
ATOM   1293 C  CA  . GLU A 1 162 ? -9.488  8.932   18.877  1.00 49.81 ? 163 GLU A CA  1 
ATOM   1294 C  C   . GLU A 1 162 ? -8.352  9.896   18.536  1.00 51.30 ? 163 GLU A C   1 
ATOM   1295 O  O   . GLU A 1 162 ? -7.247  9.785   19.070  1.00 52.39 ? 163 GLU A O   1 
ATOM   1296 C  CB  . GLU A 1 162 ? -9.272  7.545   18.255  1.00 49.64 ? 163 GLU A CB  1 
ATOM   1297 C  CG  . GLU A 1 162 ? -9.919  6.434   19.079  1.00 47.79 ? 163 GLU A CG  1 
ATOM   1298 C  CD  . GLU A 1 162 ? -10.006 5.109   18.353  1.00 50.65 ? 163 GLU A CD  1 
ATOM   1299 O  OE1 . GLU A 1 162 ? -9.040  4.733   17.651  1.00 49.15 ? 163 GLU A OE1 1 
ATOM   1300 O  OE2 . GLU A 1 162 ? -11.050 4.438   18.492  1.00 51.26 ? 163 GLU A OE2 1 
ATOM   1301 N  N   . LEU A 1 163 ? -8.648  10.854  17.662  1.00 50.35 ? 164 LEU A N   1 
ATOM   1302 C  CA  . LEU A 1 163 ? -7.695  11.889  17.266  1.00 50.77 ? 164 LEU A CA  1 
ATOM   1303 C  C   . LEU A 1 163 ? -7.420  12.842  18.424  1.00 53.33 ? 164 LEU A C   1 
ATOM   1304 O  O   . LEU A 1 163 ? -8.314  13.568  18.866  1.00 51.19 ? 164 LEU A O   1 
ATOM   1305 C  CB  . LEU A 1 163 ? -8.256  12.666  16.072  1.00 50.72 ? 164 LEU A CB  1 
ATOM   1306 C  CG  . LEU A 1 163 ? -7.404  13.695  15.333  1.00 53.94 ? 164 LEU A CG  1 
ATOM   1307 C  CD1 . LEU A 1 163 ? -7.298  13.326  13.856  1.00 51.59 ? 164 LEU A CD1 1 
ATOM   1308 C  CD2 . LEU A 1 163 ? -7.999  15.089  15.494  1.00 57.19 ? 164 LEU A CD2 1 
HETATM 1309 CO CO  . CO  B 2 .   ? -1.461  2.773   4.065   1.00 20.34 ? 201 CO  A CO  1 
HETATM 1310 C  C1  . QAP C 3 .   ? -1.753  -1.672  4.659   1.00 30.67 ? 202 QAP A C1  1 
HETATM 1311 O  O1  . QAP C 3 .   ? -0.501  -1.189  6.655   1.00 30.00 ? 202 QAP A O1  1 
HETATM 1312 C  C2  . QAP C 3 .   ? -2.714  -2.727  5.108   1.00 31.69 ? 202 QAP A C2  1 
HETATM 1313 O  O2  . QAP C 3 .   ? -0.946  1.879   13.271  1.00 30.86 ? 202 QAP A O2  1 
HETATM 1314 C  C3  . QAP C 3 .   ? -0.435  -1.640  5.359   1.00 30.10 ? 202 QAP A C3  1 
HETATM 1315 O  O3  . QAP C 3 .   ? 1.381   2.067   14.656  1.00 39.96 ? 202 QAP A O3  1 
HETATM 1316 C  C4  . QAP C 3 .   ? -3.507  -2.509  6.222   1.00 35.33 ? 202 QAP A C4  1 
HETATM 1317 O  O4  . QAP C 3 .   ? 1.572   -1.881  7.107   1.00 29.79 ? 202 QAP A O4  1 
HETATM 1318 C  C5  . QAP C 3 .   ? -2.797  -3.930  4.424   1.00 35.65 ? 202 QAP A C5  1 
HETATM 1319 C  C6  . QAP C 3 .   ? 1.225   -0.140  11.137  1.00 34.12 ? 202 QAP A C6  1 
HETATM 1320 C  C7  . QAP C 3 .   ? -4.384  -3.483  6.663   1.00 34.84 ? 202 QAP A C7  1 
HETATM 1321 C  C8  . QAP C 3 .   ? -3.683  -4.910  4.860   1.00 35.19 ? 202 QAP A C8  1 
HETATM 1322 C  C9  . QAP C 3 .   ? -4.471  -4.678  5.976   1.00 31.58 ? 202 QAP A C9  1 
HETATM 1323 C  C10 . QAP C 3 .   ? 0.085   0.504   11.601  1.00 30.85 ? 202 QAP A C10 1 
HETATM 1324 C  C11 . QAP C 3 .   ? 2.406   -0.052  11.866  1.00 36.04 ? 202 QAP A C11 1 
HETATM 1325 C  C12 . QAP C 3 .   ? 1.192   -0.948  9.881   1.00 31.82 ? 202 QAP A C12 1 
HETATM 1326 C  C13 . QAP C 3 .   ? 0.157   1.231   12.785  1.00 31.28 ? 202 QAP A C13 1 
HETATM 1327 C  C14 . QAP C 3 .   ? 0.564   -1.310  7.506   1.00 30.71 ? 202 QAP A C14 1 
HETATM 1328 C  C15 . QAP C 3 .   ? 1.342   1.328   13.495  1.00 38.14 ? 202 QAP A C15 1 
HETATM 1329 C  C16 . QAP C 3 .   ? 2.480   0.687   13.039  1.00 35.56 ? 202 QAP A C16 1 
HETATM 1330 C  C17 . QAP C 3 .   ? 0.574   -0.495  8.755   1.00 29.81 ? 202 QAP A C17 1 
HETATM 1331 N  N1  . EPE D 4 .   ? -6.494  8.494   -11.919 1.00 36.02 ? 203 EPE A N1  1 
HETATM 1332 C  C2  . EPE D 4 .   ? -6.459  8.909   -13.290 1.00 36.89 ? 203 EPE A C2  1 
HETATM 1333 C  C3  . EPE D 4 .   ? -5.832  7.842   -14.123 1.00 36.66 ? 203 EPE A C3  1 
HETATM 1334 N  N4  . EPE D 4 .   ? -4.567  7.400   -13.615 1.00 36.00 ? 203 EPE A N4  1 
HETATM 1335 C  C5  . EPE D 4 .   ? -4.633  7.012   -12.236 1.00 34.14 ? 203 EPE A C5  1 
HETATM 1336 C  C6  . EPE D 4 .   ? -5.207  8.124   -11.427 1.00 34.69 ? 203 EPE A C6  1 
HETATM 1337 C  C7  . EPE D 4 .   ? -3.731  6.530   -14.433 1.00 39.07 ? 203 EPE A C7  1 
HETATM 1338 C  C8  . EPE D 4 .   ? -4.100  6.477   -15.917 1.00 42.78 ? 203 EPE A C8  1 
HETATM 1339 O  O8  . EPE D 4 .   ? -3.849  7.463   -16.622 1.00 47.95 ? 203 EPE A O8  1 
HETATM 1340 C  C9  . EPE D 4 .   ? -7.338  9.298   -11.058 1.00 36.80 ? 203 EPE A C9  1 
HETATM 1341 C  C10 . EPE D 4 .   ? -7.371  8.774   -9.659  1.00 36.83 ? 203 EPE A C10 1 
HETATM 1342 S  S   . EPE D 4 .   ? -8.601  9.584   -8.624  1.00 35.98 ? 203 EPE A S   1 
HETATM 1343 O  O1S . EPE D 4 .   ? -8.279  11.048  -8.617  1.00 38.58 ? 203 EPE A O1S 1 
HETATM 1344 O  O2S . EPE D 4 .   ? -8.597  9.020   -7.239  1.00 31.54 ? 203 EPE A O2S 1 
HETATM 1345 O  O3S . EPE D 4 .   ? -9.922  9.454   -9.221  1.00 41.64 ? 203 EPE A O3S 1 
HETATM 1346 S  S   . DMS E 5 .   ? 3.048   -11.977 -0.841  1.00 55.28 ? 204 DMS A S   1 
HETATM 1347 O  O   . DMS E 5 .   ? 4.003   -12.749 -1.671  1.00 45.04 ? 204 DMS A O   1 
HETATM 1348 C  C1  . DMS E 5 .   ? 1.924   -13.061 -0.027  1.00 34.27 ? 204 DMS A C1  1 
HETATM 1349 C  C2  . DMS E 5 .   ? 3.914   -11.116 0.435   1.00 24.15 ? 204 DMS A C2  1 
HETATM 1350 S  S   . DMS F 5 .   ? 12.790  6.312   -10.435 1.00 47.46 ? 205 DMS A S   1 
HETATM 1351 O  O   . DMS F 5 .   ? 12.880  7.391   -9.450  1.00 31.28 ? 205 DMS A O   1 
HETATM 1352 C  C1  . DMS F 5 .   ? 11.237  6.413   -11.277 1.00 41.46 ? 205 DMS A C1  1 
HETATM 1353 C  C2  . DMS F 5 .   ? 14.092  6.511   -11.618 1.00 31.35 ? 205 DMS A C2  1 
HETATM 1354 O  O   . HOH G 6 .   ? 2.835   6.461   -4.268  1.00 18.64 ? 301 HOH A O   1 
HETATM 1355 O  O   . HOH G 6 .   ? 0.095   9.188   -4.291  1.00 19.28 ? 302 HOH A O   1 
HETATM 1356 O  O   . HOH G 6 .   ? -1.890  8.366   -0.146  1.00 23.28 ? 303 HOH A O   1 
HETATM 1357 O  O   . HOH G 6 .   ? -2.236  -14.947 -9.971  1.00 25.29 ? 304 HOH A O   1 
HETATM 1358 O  O   . HOH G 6 .   ? -4.510  4.478   4.101   1.00 19.51 ? 305 HOH A O   1 
HETATM 1359 O  O   . HOH G 6 .   ? -3.705  -13.430 1.297   1.00 34.15 ? 306 HOH A O   1 
HETATM 1360 O  O   . HOH G 6 .   ? -2.942  2.439   11.604  1.00 23.64 ? 307 HOH A O   1 
HETATM 1361 O  O   . HOH G 6 .   ? -4.911  3.904   1.348   1.00 19.93 ? 308 HOH A O   1 
HETATM 1362 O  O   . HOH G 6 .   ? -8.072  4.566   -5.756  1.00 31.62 ? 309 HOH A O   1 
HETATM 1363 O  O   . HOH G 6 .   ? 9.298   7.928   10.001  1.00 39.36 ? 310 HOH A O   1 
HETATM 1364 O  O   . HOH G 6 .   ? -11.017 -0.973  -2.474  1.00 27.83 ? 311 HOH A O   1 
HETATM 1365 O  O   . HOH G 6 .   ? 11.785  -3.481  -1.854  1.00 29.25 ? 312 HOH A O   1 
HETATM 1366 O  O   . HOH G 6 .   ? 4.366   13.666  8.665   1.00 34.76 ? 313 HOH A O   1 
HETATM 1367 O  O   . HOH G 6 .   ? -0.589  2.774   -12.258 1.00 22.65 ? 314 HOH A O   1 
HETATM 1368 O  O   . HOH G 6 .   ? 12.825  -8.921  5.728   1.00 37.90 ? 315 HOH A O   1 
HETATM 1369 O  O   . HOH G 6 .   ? 6.218   -9.411  -8.560  1.00 31.48 ? 316 HOH A O   1 
HETATM 1370 O  O   . HOH G 6 .   ? 1.513   1.302   5.618   1.00 25.33 ? 317 HOH A O   1 
HETATM 1371 O  O   . HOH G 6 .   ? 13.204  10.903  4.247   1.00 37.01 ? 318 HOH A O   1 
HETATM 1372 O  O   . HOH G 6 .   ? 14.808  -2.467  8.258   1.00 35.47 ? 319 HOH A O   1 
HETATM 1373 O  O   . HOH G 6 .   ? 10.465  -6.592  -8.367  1.00 23.84 ? 320 HOH A O   1 
HETATM 1374 O  O   . HOH G 6 .   ? 10.566  3.166   9.546   1.00 30.29 ? 321 HOH A O   1 
HETATM 1375 O  O   . HOH G 6 .   ? 10.512  10.737  3.339   1.00 32.87 ? 322 HOH A O   1 
HETATM 1376 O  O   . HOH G 6 .   ? 13.249  -12.543 -14.603 1.00 40.08 ? 323 HOH A O   1 
HETATM 1377 O  O   . HOH G 6 .   ? 7.477   -5.464  9.214   1.00 35.41 ? 324 HOH A O   1 
HETATM 1378 O  O   . HOH G 6 .   ? 17.585  -5.572  -2.808  1.00 44.98 ? 325 HOH A O   1 
HETATM 1379 O  O   . HOH G 6 .   ? -3.609  13.474  4.843   1.00 31.20 ? 326 HOH A O   1 
HETATM 1380 O  O   . HOH G 6 .   ? 14.861  9.074   -1.815  1.00 49.55 ? 327 HOH A O   1 
HETATM 1381 O  O   . HOH G 6 .   ? 15.795  -4.117  10.647  1.00 38.27 ? 328 HOH A O   1 
HETATM 1382 O  O   . HOH G 6 .   ? -9.967  11.012  -0.389  1.00 29.75 ? 329 HOH A O   1 
HETATM 1383 O  O   . HOH G 6 .   ? -11.151 -12.493 -0.167  1.00 31.28 ? 330 HOH A O   1 
HETATM 1384 O  O   . HOH G 6 .   ? -7.635  3.155   1.326   1.00 21.79 ? 331 HOH A O   1 
HETATM 1385 O  O   . HOH G 6 .   ? 0.279   1.660   3.297   1.00 24.02 ? 332 HOH A O   1 
HETATM 1386 O  O   . HOH G 6 .   ? 6.905   -11.036 -16.761 1.00 24.19 ? 333 HOH A O   1 
HETATM 1387 O  O   . HOH G 6 .   ? -12.045 4.139   20.602  1.00 43.53 ? 334 HOH A O   1 
HETATM 1388 O  O   . HOH G 6 .   ? 16.213  6.658   -1.821  1.00 38.02 ? 335 HOH A O   1 
HETATM 1389 O  O   . HOH G 6 .   ? 7.372   -8.376  -19.708 1.00 31.74 ? 336 HOH A O   1 
HETATM 1390 O  O   . HOH G 6 .   ? -16.066 1.014   3.974   1.00 32.41 ? 337 HOH A O   1 
HETATM 1391 O  O   . HOH G 6 .   ? 14.523  -4.406  -1.384  1.00 38.36 ? 338 HOH A O   1 
HETATM 1392 O  O   . HOH G 6 .   ? 16.223  -3.192  1.347   1.00 34.65 ? 339 HOH A O   1 
HETATM 1393 O  O   . HOH G 6 .   ? 7.827   -7.834  -7.584  1.00 31.05 ? 340 HOH A O   1 
HETATM 1394 O  O   . HOH G 6 .   ? 18.034  -4.843  -8.693  1.00 38.04 ? 341 HOH A O   1 
HETATM 1395 O  O   . HOH G 6 .   ? -10.551 -8.138  9.562   1.00 37.56 ? 342 HOH A O   1 
HETATM 1396 O  O   . HOH G 6 .   ? 5.463   9.799   -15.227 1.00 37.48 ? 343 HOH A O   1 
HETATM 1397 O  O   . HOH G 6 .   ? 1.015   -13.391 6.690   1.00 46.17 ? 344 HOH A O   1 
HETATM 1398 O  O   . HOH G 6 .   ? -13.805 2.155   21.279  1.00 39.52 ? 345 HOH A O   1 
HETATM 1399 O  O   . HOH G 6 .   ? 14.433  1.903   -18.094 1.00 41.72 ? 346 HOH A O   1 
HETATM 1400 O  O   . HOH G 6 .   ? 7.247   -13.179 4.169   1.00 35.62 ? 347 HOH A O   1 
HETATM 1401 O  O   . HOH G 6 .   ? 10.947  5.902   9.176   1.00 36.00 ? 348 HOH A O   1 
HETATM 1402 O  O   . HOH G 6 .   ? 20.081  -1.948  -10.117 1.00 41.32 ? 349 HOH A O   1 
HETATM 1403 O  O   . HOH G 6 .   ? -18.659 -9.725  -7.777  1.00 40.85 ? 350 HOH A O   1 
HETATM 1404 O  O   . HOH G 6 .   ? 9.642   -5.924  11.068  1.00 40.97 ? 351 HOH A O   1 
HETATM 1405 O  O   . HOH G 6 .   ? -16.450 1.310   7.281   1.00 41.49 ? 352 HOH A O   1 
HETATM 1406 O  O   . HOH G 6 .   ? -14.289 -6.861  -12.927 1.00 39.13 ? 353 HOH A O   1 
HETATM 1407 O  O   . HOH G 6 .   ? 20.703  1.795   5.737   1.00 39.45 ? 354 HOH A O   1 
HETATM 1408 O  O   . HOH G 6 .   ? -13.822 -0.568  -2.045  1.00 40.39 ? 355 HOH A O   1 
HETATM 1409 O  O   . HOH G 6 .   ? 18.189  0.210   1.691   1.00 35.70 ? 356 HOH A O   1 
HETATM 1410 O  O   . HOH G 6 .   ? -18.348 -0.267  8.580   1.00 46.34 ? 357 HOH A O   1 
HETATM 1411 O  O   . HOH G 6 .   ? -7.747  6.131   -11.498 1.00 41.67 ? 358 HOH A O   1 
HETATM 1412 O  O   . HOH G 6 .   ? -22.682 4.532   10.419  1.00 59.37 ? 359 HOH A O   1 
HETATM 1413 O  O   . HOH G 6 .   ? -12.848 -13.068 -15.520 1.00 52.18 ? 360 HOH A O   1 
HETATM 1414 O  O   . HOH G 6 .   ? -3.612  2.330   -10.923 1.00 34.31 ? 361 HOH A O   1 
HETATM 1415 O  O   . HOH G 6 .   ? 14.622  -11.839 4.688   1.00 42.72 ? 362 HOH A O   1 
HETATM 1416 O  O   . HOH G 6 .   ? -7.017  0.368   -12.427 1.00 35.06 ? 363 HOH A O   1 
HETATM 1417 O  O   . HOH G 6 .   ? -4.739  11.137  21.369  1.00 58.17 ? 364 HOH A O   1 
HETATM 1418 O  O   . HOH G 6 .   ? -3.649  10.792  19.851  1.00 58.90 ? 365 HOH A O   1 
HETATM 1419 O  O   . HOH G 6 .   ? -5.472  15.286  4.574   1.00 43.10 ? 366 HOH A O   1 
HETATM 1420 O  O   . HOH G 6 .   ? 2.596   16.585  -4.110  1.00 39.40 ? 367 HOH A O   1 
HETATM 1421 O  O   . HOH G 6 .   ? -0.992  3.503   -14.693 1.00 41.94 ? 368 HOH A O   1 
HETATM 1422 O  O   . HOH G 6 .   ? -7.471  15.241  5.086   1.00 48.18 ? 369 HOH A O   1 
HETATM 1423 O  O   . HOH G 6 .   ? -5.839  3.834   -10.417 1.00 31.92 ? 370 HOH A O   1 
HETATM 1424 O  O   . HOH G 6 .   ? -4.258  -14.415 -2.754  1.00 32.48 ? 371 HOH A O   1 
HETATM 1425 O  O   . HOH G 6 .   ? 19.462  5.408   -0.339  1.00 39.96 ? 372 HOH A O   1 
HETATM 1426 O  O   . HOH G 6 .   ? 18.821  -3.551  -5.070  1.00 36.41 ? 373 HOH A O   1 
HETATM 1427 O  O   . HOH G 6 .   ? -3.135  10.121  -14.094 1.00 35.04 ? 374 HOH A O   1 
HETATM 1428 O  O   . HOH G 6 .   ? -1.692  8.647   -13.155 1.00 37.39 ? 375 HOH A O   1 
HETATM 1429 O  O   . HOH G 6 .   ? -11.873 2.459   14.463  1.00 44.62 ? 376 HOH A O   1 
HETATM 1430 O  O   . HOH G 6 .   ? -4.060  -16.987 -9.960  1.00 40.43 ? 377 HOH A O   1 
HETATM 1431 O  O   . HOH G 6 .   ? 15.227  -9.980  5.210   1.00 44.95 ? 378 HOH A O   1 
HETATM 1432 O  O   . HOH G 6 .   ? -9.074  -15.529 -13.338 1.00 49.48 ? 379 HOH A O   1 
HETATM 1433 O  O   . HOH G 6 .   ? 16.534  -3.369  6.880   1.00 42.41 ? 380 HOH A O   1 
HETATM 1434 O  O   . HOH G 6 .   ? 16.561  -11.921 4.162   1.00 48.68 ? 381 HOH A O   1 
HETATM 1435 O  O   . HOH G 6 .   ? 6.179   12.731  9.142   1.00 40.96 ? 382 HOH A O   1 
HETATM 1436 O  O   . HOH G 6 .   ? 16.408  3.427   -18.364 1.00 48.28 ? 383 HOH A O   1 
HETATM 1437 O  O   . HOH G 6 .   ? -4.665  -17.830 -8.274  1.00 53.47 ? 384 HOH A O   1 
HETATM 1438 O  O   . HOH G 6 .   ? 12.285  10.348  -7.980  1.00 43.99 ? 385 HOH A O   1 
HETATM 1439 O  O   . HOH G 6 .   ? -3.713  4.001   -18.119 1.00 51.04 ? 386 HOH A O   1 
HETATM 1440 O  O   . HOH G 6 .   ? 5.652   -4.558  18.349  1.00 53.37 ? 387 HOH A O   1 
# 
loop_
_pdbx_poly_seq_scheme.asym_id 
_pdbx_poly_seq_scheme.entity_id 
_pdbx_poly_seq_scheme.seq_id 
_pdbx_poly_seq_scheme.mon_id 
_pdbx_poly_seq_scheme.ndb_seq_num 
_pdbx_poly_seq_scheme.pdb_seq_num 
_pdbx_poly_seq_scheme.auth_seq_num 
_pdbx_poly_seq_scheme.pdb_mon_id 
_pdbx_poly_seq_scheme.auth_mon_id 
_pdbx_poly_seq_scheme.pdb_strand_id 
_pdbx_poly_seq_scheme.pdb_ins_code 
_pdbx_poly_seq_scheme.hetero 
A 1 1   ALA 1   2   2   ALA ALA A . n 
A 1 2   LEU 2   3   3   LEU LEU A . n 
A 1 3   LEU 3   4   4   LEU LEU A . n 
A 1 4   GLU 4   5   5   GLU GLU A . n 
A 1 5   ILE 5   6   6   ILE ILE A . n 
A 1 6   ILE 6   7   7   ILE ILE A . n 
A 1 7   HIS 7   8   8   HIS HIS A . n 
A 1 8   TYR 8   9   9   TYR TYR A . n 
A 1 9   PRO 9   10  10  PRO PRO A . n 
A 1 10  SER 10  11  11  SER SER A . n 
A 1 11  LYS 11  12  12  LYS LYS A . n 
A 1 12  ILE 12  13  13  ILE ILE A . n 
A 1 13  LEU 13  14  14  LEU LEU A . n 
A 1 14  ARG 14  15  15  ARG ARG A . n 
A 1 15  THR 15  16  16  THR THR A . n 
A 1 16  ILE 16  17  17  ILE ILE A . n 
A 1 17  SER 17  18  18  SER SER A . n 
A 1 18  LYS 18  19  19  LYS LYS A . n 
A 1 19  GLU 19  20  20  GLU GLU A . n 
A 1 20  VAL 20  21  21  VAL VAL A . n 
A 1 21  VAL 21  22  22  VAL VAL A . n 
A 1 22  SER 22  23  23  SER SER A . n 
A 1 23  PHE 23  24  24  PHE PHE A . n 
A 1 24  ASP 24  25  25  ASP ASP A . n 
A 1 25  ALA 25  26  26  ALA ALA A . n 
A 1 26  LYS 26  27  27  LYS LYS A . n 
A 1 27  LEU 27  28  28  LEU LEU A . n 
A 1 28  HIS 28  29  29  HIS HIS A . n 
A 1 29  GLN 29  30  30  GLN GLN A . n 
A 1 30  GLN 30  31  31  GLN GLN A . n 
A 1 31  LEU 31  32  32  LEU LEU A . n 
A 1 32  ASP 32  33  33  ASP ASP A . n 
A 1 33  ASP 33  34  34  ASP ASP A . n 
A 1 34  MET 34  35  35  MET MET A . n 
A 1 35  TYR 35  36  36  TYR TYR A . n 
A 1 36  GLU 36  37  37  GLU GLU A . n 
A 1 37  THR 37  38  38  THR THR A . n 
A 1 38  MET 38  39  39  MET MET A . n 
A 1 39  ILE 39  40  40  ILE ILE A . n 
A 1 40  ALA 40  41  41  ALA ALA A . n 
A 1 41  SER 41  42  42  SER SER A . n 
A 1 42  GLU 42  43  43  GLU GLU A . n 
A 1 43  GLY 43  44  44  GLY GLY A . n 
A 1 44  ILE 44  45  45  ILE ILE A . n 
A 1 45  GLY 45  46  46  GLY GLY A . n 
A 1 46  LEU 46  47  47  LEU LEU A . n 
A 1 47  ALA 47  48  48  ALA ALA A . n 
A 1 48  ALA 48  49  49  ALA ALA A . n 
A 1 49  ILE 49  50  50  ILE ILE A . n 
A 1 50  GLN 50  51  51  GLN GLN A . n 
A 1 51  VAL 51  52  52  VAL VAL A . n 
A 1 52  GLY 52  53  53  GLY GLY A . n 
A 1 53  LEU 53  54  54  LEU LEU A . n 
A 1 54  PRO 54  55  55  PRO PRO A . n 
A 1 55  LEU 55  56  56  LEU LEU A . n 
A 1 56  ARG 56  57  57  ARG ARG A . n 
A 1 57  MET 57  58  58  MET MET A . n 
A 1 58  LEU 58  59  59  LEU LEU A . n 
A 1 59  ILE 59  60  60  ILE ILE A . n 
A 1 60  ILE 60  61  61  ILE ILE A . n 
A 1 61  ASN 61  62  62  ASN ASN A . n 
A 1 62  LEU 62  63  63  LEU LEU A . n 
A 1 63  PRO 63  64  64  PRO PRO A . n 
A 1 64  GLN 64  65  65  GLN GLN A . n 
A 1 65  GLU 65  66  66  GLU GLU A . n 
A 1 66  ASP 66  67  67  ASP ASP A . n 
A 1 67  GLY 67  68  68  GLY GLY A . n 
A 1 68  VAL 68  69  69  VAL VAL A . n 
A 1 69  GLN 69  70  70  GLN GLN A . n 
A 1 70  HIS 70  71  71  HIS HIS A . n 
A 1 71  LYS 71  72  72  LYS LYS A . n 
A 1 72  GLU 72  73  73  GLU GLU A . n 
A 1 73  ASP 73  74  74  ASP ASP A . n 
A 1 74  CYS 74  75  75  CYS CYS A . n 
A 1 75  LEU 75  76  76  LEU LEU A . n 
A 1 76  GLU 76  77  77  GLU GLU A . n 
A 1 77  ILE 77  78  78  ILE ILE A . n 
A 1 78  ILE 78  79  79  ILE ILE A . n 
A 1 79  ASN 79  80  80  ASN ASN A . n 
A 1 80  PRO 80  81  81  PRO PRO A . n 
A 1 81  LYS 81  82  82  LYS LYS A . n 
A 1 82  PHE 82  83  83  PHE PHE A . n 
A 1 83  ILE 83  84  84  ILE ILE A . n 
A 1 84  GLU 84  85  85  GLU GLU A . n 
A 1 85  THR 85  86  86  THR THR A . n 
A 1 86  GLY 86  87  87  GLY GLY A . n 
A 1 87  GLY 87  88  88  GLY GLY A . n 
A 1 88  SER 88  89  89  SER SER A . n 
A 1 89  MET 89  90  90  MET MET A . n 
A 1 90  MET 90  91  91  MET MET A . n 
A 1 91  TYR 91  92  92  TYR TYR A . n 
A 1 92  LYS 92  93  93  LYS LYS A . n 
A 1 93  GLU 93  94  94  GLU GLU A . n 
A 1 94  GLY 94  95  95  GLY GLY A . n 
A 1 95  CYS 95  96  96  CYS CYS A . n 
A 1 96  LEU 96  97  97  LEU LEU A . n 
A 1 97  SER 97  98  98  SER SER A . n 
A 1 98  VAL 98  99  99  VAL VAL A . n 
A 1 99  PRO 99  100 100 PRO PRO A . n 
A 1 100 GLY 100 101 101 GLY GLY A . n 
A 1 101 PHE 101 102 102 PHE PHE A . n 
A 1 102 TYR 102 103 103 TYR TYR A . n 
A 1 103 GLU 103 104 104 GLU GLU A . n 
A 1 104 GLU 104 105 105 GLU GLU A . n 
A 1 105 VAL 105 106 106 VAL VAL A . n 
A 1 106 GLU 106 107 107 GLU GLU A . n 
A 1 107 ARG 107 108 108 ARG ARG A . n 
A 1 108 PHE 108 109 109 PHE PHE A . n 
A 1 109 GLU 109 110 110 GLU GLU A . n 
A 1 110 LYS 110 111 111 LYS LYS A . n 
A 1 111 VAL 111 112 112 VAL VAL A . n 
A 1 112 LYS 112 113 113 LYS LYS A . n 
A 1 113 ILE 113 114 114 ILE ILE A . n 
A 1 114 GLU 114 115 115 GLU GLU A . n 
A 1 115 TYR 115 116 116 TYR TYR A . n 
A 1 116 GLN 116 117 117 GLN GLN A . n 
A 1 117 ASN 117 118 118 ASN ASN A . n 
A 1 118 ARG 118 119 119 ARG ARG A . n 
A 1 119 PHE 119 120 120 PHE PHE A . n 
A 1 120 ALA 120 121 121 ALA ALA A . n 
A 1 121 GLU 121 122 122 GLU GLU A . n 
A 1 122 VAL 122 123 123 VAL VAL A . n 
A 1 123 LYS 123 124 124 LYS LYS A . n 
A 1 124 VAL 124 125 125 VAL VAL A . n 
A 1 125 LEU 125 126 126 LEU LEU A . n 
A 1 126 GLU 126 127 127 GLU GLU A . n 
A 1 127 ALA 127 128 128 ALA ALA A . n 
A 1 128 SER 128 129 129 SER SER A . n 
A 1 129 GLU 129 130 130 GLU GLU A . n 
A 1 130 LEU 130 131 131 LEU LEU A . n 
A 1 131 LEU 131 132 132 LEU LEU A . n 
A 1 132 ALA 132 133 133 ALA ALA A . n 
A 1 133 VAL 133 134 134 VAL VAL A . n 
A 1 134 ALA 134 135 135 ALA ALA A . n 
A 1 135 ILE 135 136 136 ILE ILE A . n 
A 1 136 GLN 136 137 137 GLN GLN A . n 
A 1 137 HIS 137 138 138 HIS HIS A . n 
A 1 138 GLU 138 139 139 GLU GLU A . n 
A 1 139 ILE 139 140 140 ILE ILE A . n 
A 1 140 ASP 140 141 141 ASP ASP A . n 
A 1 141 HIS 141 142 142 HIS HIS A . n 
A 1 142 LEU 142 143 143 LEU LEU A . n 
A 1 143 ASN 143 144 144 ASN ASN A . n 
A 1 144 GLY 144 145 145 GLY GLY A . n 
A 1 145 VAL 145 146 146 VAL VAL A . n 
A 1 146 LEU 146 147 147 LEU LEU A . n 
A 1 147 PHE 147 148 148 PHE PHE A . n 
A 1 148 VAL 148 149 149 VAL VAL A . n 
A 1 149 ASP 149 150 150 ASP ASP A . n 
A 1 150 LYS 150 151 151 LYS LYS A . n 
A 1 151 LEU 151 152 152 LEU LEU A . n 
A 1 152 SER 152 153 153 SER SER A . n 
A 1 153 ILE 153 154 154 ILE ILE A . n 
A 1 154 LEU 154 155 155 LEU LEU A . n 
A 1 155 LYS 155 156 156 LYS LYS A . n 
A 1 156 ARG 156 157 157 ARG ARG A . n 
A 1 157 LYS 157 158 158 LYS LYS A . n 
A 1 158 LYS 158 159 159 LYS LYS A . n 
A 1 159 PHE 159 160 160 PHE PHE A . n 
A 1 160 GLU 160 161 161 GLU GLU A . n 
A 1 161 LYS 161 162 162 LYS LYS A . n 
A 1 162 GLU 162 163 163 GLU GLU A . n 
A 1 163 LEU 163 164 164 LEU LEU A . n 
A 1 164 LYS 164 165 ?   ?   ?   A . n 
A 1 165 GLU 165 166 ?   ?   ?   A . n 
A 1 166 LEU 166 167 ?   ?   ?   A . n 
A 1 167 GLN 167 168 ?   ?   ?   A . n 
A 1 168 LYS 168 169 ?   ?   ?   A . n 
A 1 169 LYS 169 170 ?   ?   ?   A . n 
A 1 170 GLN 170 171 ?   ?   ?   A . n 
A 1 171 LYS 171 172 ?   ?   ?   A . n 
A 1 172 HIS 172 173 ?   ?   ?   A . n 
A 1 173 LYS 173 174 ?   ?   ?   A . n 
A 1 174 LEU 174 175 ?   ?   ?   A . n 
A 1 175 GLU 175 176 ?   ?   ?   A . n 
A 1 176 HIS 176 177 ?   ?   ?   A . n 
A 1 177 HIS 177 178 ?   ?   ?   A . n 
A 1 178 HIS 178 179 ?   ?   ?   A . n 
A 1 179 HIS 179 180 ?   ?   ?   A . n 
A 1 180 HIS 180 181 ?   ?   ?   A . n 
A 1 181 HIS 181 182 ?   ?   ?   A . n 
# 
loop_
_pdbx_nonpoly_scheme.asym_id 
_pdbx_nonpoly_scheme.entity_id 
_pdbx_nonpoly_scheme.mon_id 
_pdbx_nonpoly_scheme.ndb_seq_num 
_pdbx_nonpoly_scheme.pdb_seq_num 
_pdbx_nonpoly_scheme.auth_seq_num 
_pdbx_nonpoly_scheme.pdb_mon_id 
_pdbx_nonpoly_scheme.auth_mon_id 
_pdbx_nonpoly_scheme.pdb_strand_id 
_pdbx_nonpoly_scheme.pdb_ins_code 
B 2 CO  1  201 300  CO  CO  A . 
C 3 QAP 1  202 200  QAP C13 A . 
D 4 EPE 1  203 201  EPE EPE A . 
E 5 DMS 1  204 4001 DMS DMS A . 
F 5 DMS 1  205 4001 DMS DMS A . 
G 6 HOH 1  301 1    HOH HOH A . 
G 6 HOH 2  302 2    HOH HOH A . 
G 6 HOH 3  303 3    HOH HOH A . 
G 6 HOH 4  304 4    HOH HOH A . 
G 6 HOH 5  305 5    HOH HOH A . 
G 6 HOH 6  306 6    HOH HOH A . 
G 6 HOH 7  307 7    HOH HOH A . 
G 6 HOH 8  308 8    HOH HOH A . 
G 6 HOH 9  309 9    HOH HOH A . 
G 6 HOH 10 310 10   HOH HOH A . 
G 6 HOH 11 311 11   HOH HOH A . 
G 6 HOH 12 312 12   HOH HOH A . 
G 6 HOH 13 313 13   HOH HOH A . 
G 6 HOH 14 314 14   HOH HOH A . 
G 6 HOH 15 315 15   HOH HOH A . 
G 6 HOH 16 316 16   HOH HOH A . 
G 6 HOH 17 317 17   HOH HOH A . 
G 6 HOH 18 318 18   HOH HOH A . 
G 6 HOH 19 319 19   HOH HOH A . 
G 6 HOH 20 320 20   HOH HOH A . 
G 6 HOH 21 321 21   HOH HOH A . 
G 6 HOH 22 322 22   HOH HOH A . 
G 6 HOH 23 323 23   HOH HOH A . 
G 6 HOH 24 324 24   HOH HOH A . 
G 6 HOH 25 325 25   HOH HOH A . 
G 6 HOH 26 326 26   HOH HOH A . 
G 6 HOH 27 327 27   HOH HOH A . 
G 6 HOH 28 328 28   HOH HOH A . 
G 6 HOH 29 329 29   HOH HOH A . 
G 6 HOH 30 330 30   HOH HOH A . 
G 6 HOH 31 331 31   HOH HOH A . 
G 6 HOH 32 332 32   HOH HOH A . 
G 6 HOH 33 333 33   HOH HOH A . 
G 6 HOH 34 334 34   HOH HOH A . 
G 6 HOH 35 335 35   HOH HOH A . 
G 6 HOH 36 336 36   HOH HOH A . 
G 6 HOH 37 337 37   HOH HOH A . 
G 6 HOH 38 338 38   HOH HOH A . 
G 6 HOH 39 339 39   HOH HOH A . 
G 6 HOH 40 340 40   HOH HOH A . 
G 6 HOH 41 341 41   HOH HOH A . 
G 6 HOH 42 342 42   HOH HOH A . 
G 6 HOH 43 343 43   HOH HOH A . 
G 6 HOH 44 344 44   HOH HOH A . 
G 6 HOH 45 345 45   HOH HOH A . 
G 6 HOH 46 346 46   HOH HOH A . 
G 6 HOH 47 347 47   HOH HOH A . 
G 6 HOH 48 348 48   HOH HOH A . 
G 6 HOH 49 349 49   HOH HOH A . 
G 6 HOH 50 350 50   HOH HOH A . 
G 6 HOH 51 351 51   HOH HOH A . 
G 6 HOH 52 352 52   HOH HOH A . 
G 6 HOH 53 353 53   HOH HOH A . 
G 6 HOH 54 354 54   HOH HOH A . 
G 6 HOH 55 355 55   HOH HOH A . 
G 6 HOH 56 356 56   HOH HOH A . 
G 6 HOH 57 357 57   HOH HOH A . 
G 6 HOH 58 358 58   HOH HOH A . 
G 6 HOH 59 359 59   HOH HOH A . 
G 6 HOH 60 360 60   HOH HOH A . 
G 6 HOH 61 361 61   HOH HOH A . 
G 6 HOH 62 362 62   HOH HOH A . 
G 6 HOH 63 363 63   HOH HOH A . 
G 6 HOH 64 364 64   HOH HOH A . 
G 6 HOH 65 365 65   HOH HOH A . 
G 6 HOH 66 366 66   HOH HOH A . 
G 6 HOH 67 367 67   HOH HOH A . 
G 6 HOH 68 368 68   HOH HOH A . 
G 6 HOH 69 369 69   HOH HOH A . 
G 6 HOH 70 370 70   HOH HOH A . 
G 6 HOH 71 371 71   HOH HOH A . 
G 6 HOH 72 372 72   HOH HOH A . 
G 6 HOH 73 373 73   HOH HOH A . 
G 6 HOH 74 374 74   HOH HOH A . 
G 6 HOH 75 375 75   HOH HOH A . 
G 6 HOH 76 376 76   HOH HOH A . 
G 6 HOH 77 377 77   HOH HOH A . 
G 6 HOH 78 378 78   HOH HOH A . 
G 6 HOH 79 379 79   HOH HOH A . 
G 6 HOH 80 380 80   HOH HOH A . 
G 6 HOH 81 381 81   HOH HOH A . 
G 6 HOH 82 382 82   HOH HOH A . 
G 6 HOH 83 383 83   HOH HOH A . 
G 6 HOH 84 384 84   HOH HOH A . 
G 6 HOH 85 385 85   HOH HOH A . 
G 6 HOH 86 386 86   HOH HOH A . 
G 6 HOH 87 387 87   HOH HOH A . 
# 
_pdbx_struct_assembly.id                   1 
_pdbx_struct_assembly.details              author_and_software_defined_assembly 
_pdbx_struct_assembly.method_details       PISA 
_pdbx_struct_assembly.oligomeric_details   monomeric 
_pdbx_struct_assembly.oligomeric_count     1 
# 
_pdbx_struct_assembly_gen.assembly_id       1 
_pdbx_struct_assembly_gen.oper_expression   1 
_pdbx_struct_assembly_gen.asym_id_list      A,B,C,D,E,F,G 
# 
_pdbx_struct_oper_list.id                   1 
_pdbx_struct_oper_list.type                 'identity operation' 
_pdbx_struct_oper_list.name                 1_555 
_pdbx_struct_oper_list.symmetry_operation   x,y,z 
_pdbx_struct_oper_list.matrix[1][1]         1.0000000000 
_pdbx_struct_oper_list.matrix[1][2]         0.0000000000 
_pdbx_struct_oper_list.matrix[1][3]         0.0000000000 
_pdbx_struct_oper_list.vector[1]            0.0000000000 
_pdbx_struct_oper_list.matrix[2][1]         0.0000000000 
_pdbx_struct_oper_list.matrix[2][2]         1.0000000000 
_pdbx_struct_oper_list.matrix[2][3]         0.0000000000 
_pdbx_struct_oper_list.vector[2]            0.0000000000 
_pdbx_struct_oper_list.matrix[3][1]         0.0000000000 
_pdbx_struct_oper_list.matrix[3][2]         0.0000000000 
_pdbx_struct_oper_list.matrix[3][3]         1.0000000000 
_pdbx_struct_oper_list.vector[3]            0.0000000000 
# 
loop_
_pdbx_struct_conn_angle.id 
_pdbx_struct_conn_angle.ptnr1_label_atom_id 
_pdbx_struct_conn_angle.ptnr1_label_alt_id 
_pdbx_struct_conn_angle.ptnr1_label_asym_id 
_pdbx_struct_conn_angle.ptnr1_label_comp_id 
_pdbx_struct_conn_angle.ptnr1_label_seq_id 
_pdbx_struct_conn_angle.ptnr1_auth_atom_id 
_pdbx_struct_conn_angle.ptnr1_auth_asym_id 
_pdbx_struct_conn_angle.ptnr1_auth_comp_id 
_pdbx_struct_conn_angle.ptnr1_auth_seq_id 
_pdbx_struct_conn_angle.ptnr1_PDB_ins_code 
_pdbx_struct_conn_angle.ptnr1_symmetry 
_pdbx_struct_conn_angle.ptnr2_label_atom_id 
_pdbx_struct_conn_angle.ptnr2_label_alt_id 
_pdbx_struct_conn_angle.ptnr2_label_asym_id 
_pdbx_struct_conn_angle.ptnr2_label_comp_id 
_pdbx_struct_conn_angle.ptnr2_label_seq_id 
_pdbx_struct_conn_angle.ptnr2_auth_atom_id 
_pdbx_struct_conn_angle.ptnr2_auth_asym_id 
_pdbx_struct_conn_angle.ptnr2_auth_comp_id 
_pdbx_struct_conn_angle.ptnr2_auth_seq_id 
_pdbx_struct_conn_angle.ptnr2_PDB_ins_code 
_pdbx_struct_conn_angle.ptnr2_symmetry 
_pdbx_struct_conn_angle.ptnr3_label_atom_id 
_pdbx_struct_conn_angle.ptnr3_label_alt_id 
_pdbx_struct_conn_angle.ptnr3_label_asym_id 
_pdbx_struct_conn_angle.ptnr3_label_comp_id 
_pdbx_struct_conn_angle.ptnr3_label_seq_id 
_pdbx_struct_conn_angle.ptnr3_auth_atom_id 
_pdbx_struct_conn_angle.ptnr3_auth_asym_id 
_pdbx_struct_conn_angle.ptnr3_auth_comp_id 
_pdbx_struct_conn_angle.ptnr3_auth_seq_id 
_pdbx_struct_conn_angle.ptnr3_PDB_ins_code 
_pdbx_struct_conn_angle.ptnr3_symmetry 
_pdbx_struct_conn_angle.value 
_pdbx_struct_conn_angle.value_esd 
1 NE2 ? A HIS 137 ? A HIS 138 ? 1_555 CO ? B CO . ? A CO 201 ? 1_555 NE2 ? A HIS 141 ? A HIS 142 ? 1_555 107.1 ? 
2 NE2 ? A HIS 137 ? A HIS 138 ? 1_555 CO ? B CO . ? A CO 201 ? 1_555 O   ? G HOH .   ? A HOH 332 ? 1_555 107.8 ? 
3 NE2 ? A HIS 141 ? A HIS 142 ? 1_555 CO ? B CO . ? A CO 201 ? 1_555 O   ? G HOH .   ? A HOH 332 ? 1_555 94.5  ? 
# 
loop_
_pdbx_audit_revision_history.ordinal 
_pdbx_audit_revision_history.data_content_type 
_pdbx_audit_revision_history.major_revision 
_pdbx_audit_revision_history.minor_revision 
_pdbx_audit_revision_history.revision_date 
1 'Structure model' 1 0 2013-04-24 
2 'Structure model' 1 1 2023-11-08 
# 
_pdbx_audit_revision_details.ordinal             1 
_pdbx_audit_revision_details.revision_ordinal    1 
_pdbx_audit_revision_details.data_content_type   'Structure model' 
_pdbx_audit_revision_details.provider            repository 
_pdbx_audit_revision_details.type                'Initial release' 
_pdbx_audit_revision_details.description         ? 
_pdbx_audit_revision_details.details             ? 
# 
loop_
_pdbx_audit_revision_group.ordinal 
_pdbx_audit_revision_group.revision_ordinal 
_pdbx_audit_revision_group.data_content_type 
_pdbx_audit_revision_group.group 
1 2 'Structure model' 'Data collection'        
2 2 'Structure model' 'Database references'    
3 2 'Structure model' 'Derived calculations'   
4 2 'Structure model' 'Refinement description' 
# 
loop_
_pdbx_audit_revision_category.ordinal 
_pdbx_audit_revision_category.revision_ordinal 
_pdbx_audit_revision_category.data_content_type 
_pdbx_audit_revision_category.category 
1 2 'Structure model' chem_comp_atom                
2 2 'Structure model' chem_comp_bond                
3 2 'Structure model' database_2                    
4 2 'Structure model' pdbx_initial_refinement_model 
5 2 'Structure model' struct_ref_seq_dif            
6 2 'Structure model' struct_site                   
# 
loop_
_pdbx_audit_revision_item.ordinal 
_pdbx_audit_revision_item.revision_ordinal 
_pdbx_audit_revision_item.data_content_type 
_pdbx_audit_revision_item.item 
1 2 'Structure model' '_database_2.pdbx_DOI'                
2 2 'Structure model' '_database_2.pdbx_database_accession' 
3 2 'Structure model' '_struct_ref_seq_dif.details'         
4 2 'Structure model' '_struct_site.pdbx_auth_asym_id'      
5 2 'Structure model' '_struct_site.pdbx_auth_comp_id'      
6 2 'Structure model' '_struct_site.pdbx_auth_seq_id'       
# 
loop_
_software.name 
_software.classification 
_software.version 
_software.citation_id 
_software.pdbx_ordinal 
HKL-2000 'data collection' .                            ? 1 
PHENIX   refinement        '(phenix.refine: 1.7.3_928)' ? 2 
HKL-2000 'data reduction'  .                            ? 3 
HKL-2000 'data scaling'    .                            ? 4 
# 
loop_
_pdbx_validate_close_contact.id 
_pdbx_validate_close_contact.PDB_model_num 
_pdbx_validate_close_contact.auth_atom_id_1 
_pdbx_validate_close_contact.auth_asym_id_1 
_pdbx_validate_close_contact.auth_comp_id_1 
_pdbx_validate_close_contact.auth_seq_id_1 
_pdbx_validate_close_contact.PDB_ins_code_1 
_pdbx_validate_close_contact.label_alt_id_1 
_pdbx_validate_close_contact.auth_atom_id_2 
_pdbx_validate_close_contact.auth_asym_id_2 
_pdbx_validate_close_contact.auth_comp_id_2 
_pdbx_validate_close_contact.auth_seq_id_2 
_pdbx_validate_close_contact.PDB_ins_code_2 
_pdbx_validate_close_contact.label_alt_id_2 
_pdbx_validate_close_contact.dist 
1  1 O   A HOH 364 ? ? O A HOH 365 ? ? 1.90 
2  1 O   A PRO 64  ? ? O A HOH 344 ? ? 1.92 
3  1 O   A HOH 377 ? ? O A HOH 384 ? ? 1.98 
4  1 O   A HOH 362 ? ? O A HOH 381 ? ? 2.01 
5  1 O   A HOH 362 ? ? O A HOH 378 ? ? 2.02 
6  1 NZ  A LYS 82  ? ? O A HOH 386 ? ? 2.06 
7  1 O   A HOH 366 ? ? O A HOH 369 ? ? 2.06 
8  1 OE2 A GLU 85  ? ? O A HOH 360 ? ? 2.08 
9  1 O   A HOH 313 ? ? O A HOH 382 ? ? 2.09 
10 1 OE2 A GLU 104 ? ? O A HOH 376 ? ? 2.17 
# 
loop_
_pdbx_validate_torsion.id 
_pdbx_validate_torsion.PDB_model_num 
_pdbx_validate_torsion.auth_comp_id 
_pdbx_validate_torsion.auth_asym_id 
_pdbx_validate_torsion.auth_seq_id 
_pdbx_validate_torsion.PDB_ins_code 
_pdbx_validate_torsion.label_alt_id 
_pdbx_validate_torsion.phi 
_pdbx_validate_torsion.psi 
1 1 GLN A 65  ? ? -82.59 -154.46 
2 1 GLU A 130 ? ? 56.48  -138.98 
# 
loop_
_pdbx_unobs_or_zero_occ_residues.id 
_pdbx_unobs_or_zero_occ_residues.PDB_model_num 
_pdbx_unobs_or_zero_occ_residues.polymer_flag 
_pdbx_unobs_or_zero_occ_residues.occupancy_flag 
_pdbx_unobs_or_zero_occ_residues.auth_asym_id 
_pdbx_unobs_or_zero_occ_residues.auth_comp_id 
_pdbx_unobs_or_zero_occ_residues.auth_seq_id 
_pdbx_unobs_or_zero_occ_residues.PDB_ins_code 
_pdbx_unobs_or_zero_occ_residues.label_asym_id 
_pdbx_unobs_or_zero_occ_residues.label_comp_id 
_pdbx_unobs_or_zero_occ_residues.label_seq_id 
1  1 Y 1 A LYS 165 ? A LYS 164 
2  1 Y 1 A GLU 166 ? A GLU 165 
3  1 Y 1 A LEU 167 ? A LEU 166 
4  1 Y 1 A GLN 168 ? A GLN 167 
5  1 Y 1 A LYS 169 ? A LYS 168 
6  1 Y 1 A LYS 170 ? A LYS 169 
7  1 Y 1 A GLN 171 ? A GLN 170 
8  1 Y 1 A LYS 172 ? A LYS 171 
9  1 Y 1 A HIS 173 ? A HIS 172 
10 1 Y 1 A LYS 174 ? A LYS 173 
11 1 Y 1 A LEU 175 ? A LEU 174 
12 1 Y 1 A GLU 176 ? A GLU 175 
13 1 Y 1 A HIS 177 ? A HIS 176 
14 1 Y 1 A HIS 178 ? A HIS 177 
15 1 Y 1 A HIS 179 ? A HIS 178 
16 1 Y 1 A HIS 180 ? A HIS 179 
17 1 Y 1 A HIS 181 ? A HIS 180 
18 1 Y 1 A HIS 182 ? A HIS 181 
# 
loop_
_chem_comp_atom.comp_id 
_chem_comp_atom.atom_id 
_chem_comp_atom.type_symbol 
_chem_comp_atom.pdbx_aromatic_flag 
_chem_comp_atom.pdbx_stereo_config 
_chem_comp_atom.pdbx_ordinal 
ALA N    N  N N 1   
ALA CA   C  N S 2   
ALA C    C  N N 3   
ALA O    O  N N 4   
ALA CB   C  N N 5   
ALA OXT  O  N N 6   
ALA H    H  N N 7   
ALA H2   H  N N 8   
ALA HA   H  N N 9   
ALA HB1  H  N N 10  
ALA HB2  H  N N 11  
ALA HB3  H  N N 12  
ALA HXT  H  N N 13  
ARG N    N  N N 14  
ARG CA   C  N S 15  
ARG C    C  N N 16  
ARG O    O  N N 17  
ARG CB   C  N N 18  
ARG CG   C  N N 19  
ARG CD   C  N N 20  
ARG NE   N  N N 21  
ARG CZ   C  N N 22  
ARG NH1  N  N N 23  
ARG NH2  N  N N 24  
ARG OXT  O  N N 25  
ARG H    H  N N 26  
ARG H2   H  N N 27  
ARG HA   H  N N 28  
ARG HB2  H  N N 29  
ARG HB3  H  N N 30  
ARG HG2  H  N N 31  
ARG HG3  H  N N 32  
ARG HD2  H  N N 33  
ARG HD3  H  N N 34  
ARG HE   H  N N 35  
ARG HH11 H  N N 36  
ARG HH12 H  N N 37  
ARG HH21 H  N N 38  
ARG HH22 H  N N 39  
ARG HXT  H  N N 40  
ASN N    N  N N 41  
ASN CA   C  N S 42  
ASN C    C  N N 43  
ASN O    O  N N 44  
ASN CB   C  N N 45  
ASN CG   C  N N 46  
ASN OD1  O  N N 47  
ASN ND2  N  N N 48  
ASN OXT  O  N N 49  
ASN H    H  N N 50  
ASN H2   H  N N 51  
ASN HA   H  N N 52  
ASN HB2  H  N N 53  
ASN HB3  H  N N 54  
ASN HD21 H  N N 55  
ASN HD22 H  N N 56  
ASN HXT  H  N N 57  
ASP N    N  N N 58  
ASP CA   C  N S 59  
ASP C    C  N N 60  
ASP O    O  N N 61  
ASP CB   C  N N 62  
ASP CG   C  N N 63  
ASP OD1  O  N N 64  
ASP OD2  O  N N 65  
ASP OXT  O  N N 66  
ASP H    H  N N 67  
ASP H2   H  N N 68  
ASP HA   H  N N 69  
ASP HB2  H  N N 70  
ASP HB3  H  N N 71  
ASP HD2  H  N N 72  
ASP HXT  H  N N 73  
CO  CO   CO N N 74  
CYS N    N  N N 75  
CYS CA   C  N R 76  
CYS C    C  N N 77  
CYS O    O  N N 78  
CYS CB   C  N N 79  
CYS SG   S  N N 80  
CYS OXT  O  N N 81  
CYS H    H  N N 82  
CYS H2   H  N N 83  
CYS HA   H  N N 84  
CYS HB2  H  N N 85  
CYS HB3  H  N N 86  
CYS HG   H  N N 87  
CYS HXT  H  N N 88  
DMS S    S  N N 89  
DMS O    O  N N 90  
DMS C1   C  N N 91  
DMS C2   C  N N 92  
DMS H11  H  N N 93  
DMS H12  H  N N 94  
DMS H13  H  N N 95  
DMS H21  H  N N 96  
DMS H22  H  N N 97  
DMS H23  H  N N 98  
EPE N1   N  N N 99  
EPE C2   C  N N 100 
EPE C3   C  N N 101 
EPE N4   N  N N 102 
EPE C5   C  N N 103 
EPE C6   C  N N 104 
EPE C7   C  N N 105 
EPE C8   C  N N 106 
EPE O8   O  N N 107 
EPE C9   C  N N 108 
EPE C10  C  N N 109 
EPE S    S  N N 110 
EPE O1S  O  N N 111 
EPE O2S  O  N N 112 
EPE O3S  O  N N 113 
EPE H21  H  N N 114 
EPE H22  H  N N 115 
EPE H31  H  N N 116 
EPE H32  H  N N 117 
EPE H51  H  N N 118 
EPE H52  H  N N 119 
EPE H61  H  N N 120 
EPE H62  H  N N 121 
EPE H71  H  N N 122 
EPE H72  H  N N 123 
EPE H81  H  N N 124 
EPE H82  H  N N 125 
EPE HO8  H  N N 126 
EPE H91  H  N N 127 
EPE H92  H  N N 128 
EPE H101 H  N N 129 
EPE H102 H  N N 130 
EPE HOS3 H  N N 131 
GLN N    N  N N 132 
GLN CA   C  N S 133 
GLN C    C  N N 134 
GLN O    O  N N 135 
GLN CB   C  N N 136 
GLN CG   C  N N 137 
GLN CD   C  N N 138 
GLN OE1  O  N N 139 
GLN NE2  N  N N 140 
GLN OXT  O  N N 141 
GLN H    H  N N 142 
GLN H2   H  N N 143 
GLN HA   H  N N 144 
GLN HB2  H  N N 145 
GLN HB3  H  N N 146 
GLN HG2  H  N N 147 
GLN HG3  H  N N 148 
GLN HE21 H  N N 149 
GLN HE22 H  N N 150 
GLN HXT  H  N N 151 
GLU N    N  N N 152 
GLU CA   C  N S 153 
GLU C    C  N N 154 
GLU O    O  N N 155 
GLU CB   C  N N 156 
GLU CG   C  N N 157 
GLU CD   C  N N 158 
GLU OE1  O  N N 159 
GLU OE2  O  N N 160 
GLU OXT  O  N N 161 
GLU H    H  N N 162 
GLU H2   H  N N 163 
GLU HA   H  N N 164 
GLU HB2  H  N N 165 
GLU HB3  H  N N 166 
GLU HG2  H  N N 167 
GLU HG3  H  N N 168 
GLU HE2  H  N N 169 
GLU HXT  H  N N 170 
GLY N    N  N N 171 
GLY CA   C  N N 172 
GLY C    C  N N 173 
GLY O    O  N N 174 
GLY OXT  O  N N 175 
GLY H    H  N N 176 
GLY H2   H  N N 177 
GLY HA2  H  N N 178 
GLY HA3  H  N N 179 
GLY HXT  H  N N 180 
HIS N    N  N N 181 
HIS CA   C  N S 182 
HIS C    C  N N 183 
HIS O    O  N N 184 
HIS CB   C  N N 185 
HIS CG   C  Y N 186 
HIS ND1  N  Y N 187 
HIS CD2  C  Y N 188 
HIS CE1  C  Y N 189 
HIS NE2  N  Y N 190 
HIS OXT  O  N N 191 
HIS H    H  N N 192 
HIS H2   H  N N 193 
HIS HA   H  N N 194 
HIS HB2  H  N N 195 
HIS HB3  H  N N 196 
HIS HD1  H  N N 197 
HIS HD2  H  N N 198 
HIS HE1  H  N N 199 
HIS HE2  H  N N 200 
HIS HXT  H  N N 201 
HOH O    O  N N 202 
HOH H1   H  N N 203 
HOH H2   H  N N 204 
ILE N    N  N N 205 
ILE CA   C  N S 206 
ILE C    C  N N 207 
ILE O    O  N N 208 
ILE CB   C  N S 209 
ILE CG1  C  N N 210 
ILE CG2  C  N N 211 
ILE CD1  C  N N 212 
ILE OXT  O  N N 213 
ILE H    H  N N 214 
ILE H2   H  N N 215 
ILE HA   H  N N 216 
ILE HB   H  N N 217 
ILE HG12 H  N N 218 
ILE HG13 H  N N 219 
ILE HG21 H  N N 220 
ILE HG22 H  N N 221 
ILE HG23 H  N N 222 
ILE HD11 H  N N 223 
ILE HD12 H  N N 224 
ILE HD13 H  N N 225 
ILE HXT  H  N N 226 
LEU N    N  N N 227 
LEU CA   C  N S 228 
LEU C    C  N N 229 
LEU O    O  N N 230 
LEU CB   C  N N 231 
LEU CG   C  N N 232 
LEU CD1  C  N N 233 
LEU CD2  C  N N 234 
LEU OXT  O  N N 235 
LEU H    H  N N 236 
LEU H2   H  N N 237 
LEU HA   H  N N 238 
LEU HB2  H  N N 239 
LEU HB3  H  N N 240 
LEU HG   H  N N 241 
LEU HD11 H  N N 242 
LEU HD12 H  N N 243 
LEU HD13 H  N N 244 
LEU HD21 H  N N 245 
LEU HD22 H  N N 246 
LEU HD23 H  N N 247 
LEU HXT  H  N N 248 
LYS N    N  N N 249 
LYS CA   C  N S 250 
LYS C    C  N N 251 
LYS O    O  N N 252 
LYS CB   C  N N 253 
LYS CG   C  N N 254 
LYS CD   C  N N 255 
LYS CE   C  N N 256 
LYS NZ   N  N N 257 
LYS OXT  O  N N 258 
LYS H    H  N N 259 
LYS H2   H  N N 260 
LYS HA   H  N N 261 
LYS HB2  H  N N 262 
LYS HB3  H  N N 263 
LYS HG2  H  N N 264 
LYS HG3  H  N N 265 
LYS HD2  H  N N 266 
LYS HD3  H  N N 267 
LYS HE2  H  N N 268 
LYS HE3  H  N N 269 
LYS HZ1  H  N N 270 
LYS HZ2  H  N N 271 
LYS HZ3  H  N N 272 
LYS HXT  H  N N 273 
MET N    N  N N 274 
MET CA   C  N S 275 
MET C    C  N N 276 
MET O    O  N N 277 
MET CB   C  N N 278 
MET CG   C  N N 279 
MET SD   S  N N 280 
MET CE   C  N N 281 
MET OXT  O  N N 282 
MET H    H  N N 283 
MET H2   H  N N 284 
MET HA   H  N N 285 
MET HB2  H  N N 286 
MET HB3  H  N N 287 
MET HG2  H  N N 288 
MET HG3  H  N N 289 
MET HE1  H  N N 290 
MET HE2  H  N N 291 
MET HE3  H  N N 292 
MET HXT  H  N N 293 
PHE N    N  N N 294 
PHE CA   C  N S 295 
PHE C    C  N N 296 
PHE O    O  N N 297 
PHE CB   C  N N 298 
PHE CG   C  Y N 299 
PHE CD1  C  Y N 300 
PHE CD2  C  Y N 301 
PHE CE1  C  Y N 302 
PHE CE2  C  Y N 303 
PHE CZ   C  Y N 304 
PHE OXT  O  N N 305 
PHE H    H  N N 306 
PHE H2   H  N N 307 
PHE HA   H  N N 308 
PHE HB2  H  N N 309 
PHE HB3  H  N N 310 
PHE HD1  H  N N 311 
PHE HD2  H  N N 312 
PHE HE1  H  N N 313 
PHE HE2  H  N N 314 
PHE HZ   H  N N 315 
PHE HXT  H  N N 316 
PRO N    N  N N 317 
PRO CA   C  N S 318 
PRO C    C  N N 319 
PRO O    O  N N 320 
PRO CB   C  N N 321 
PRO CG   C  N N 322 
PRO CD   C  N N 323 
PRO OXT  O  N N 324 
PRO H    H  N N 325 
PRO HA   H  N N 326 
PRO HB2  H  N N 327 
PRO HB3  H  N N 328 
PRO HG2  H  N N 329 
PRO HG3  H  N N 330 
PRO HD2  H  N N 331 
PRO HD3  H  N N 332 
PRO HXT  H  N N 333 
QAP C1   C  N N 334 
QAP O1   O  N N 335 
QAP C2   C  Y N 336 
QAP O2   O  N N 337 
QAP C3   C  N N 338 
QAP O3   O  N N 339 
QAP C4   C  Y N 340 
QAP O4   O  N N 341 
QAP C5   C  Y N 342 
QAP C6   C  Y N 343 
QAP C7   C  Y N 344 
QAP C8   C  Y N 345 
QAP C9   C  Y N 346 
QAP C10  C  Y N 347 
QAP C11  C  Y N 348 
QAP C12  C  N N 349 
QAP C13  C  Y N 350 
QAP C14  C  N N 351 
QAP C15  C  Y N 352 
QAP C16  C  Y N 353 
QAP C17  C  N N 354 
QAP H1   H  N N 355 
QAP H1A  H  N N 356 
QAP HO2  H  N N 357 
QAP H3   H  N N 358 
QAP H3A  H  N N 359 
QAP HO3  H  N N 360 
QAP H4   H  N N 361 
QAP H5   H  N N 362 
QAP H7   H  N N 363 
QAP H8   H  N N 364 
QAP H9   H  N N 365 
QAP H10  H  N N 366 
QAP H11  H  N N 367 
QAP H12  H  N N 368 
QAP H16  H  N N 369 
QAP H17  H  N N 370 
SER N    N  N N 371 
SER CA   C  N S 372 
SER C    C  N N 373 
SER O    O  N N 374 
SER CB   C  N N 375 
SER OG   O  N N 376 
SER OXT  O  N N 377 
SER H    H  N N 378 
SER H2   H  N N 379 
SER HA   H  N N 380 
SER HB2  H  N N 381 
SER HB3  H  N N 382 
SER HG   H  N N 383 
SER HXT  H  N N 384 
THR N    N  N N 385 
THR CA   C  N S 386 
THR C    C  N N 387 
THR O    O  N N 388 
THR CB   C  N R 389 
THR OG1  O  N N 390 
THR CG2  C  N N 391 
THR OXT  O  N N 392 
THR H    H  N N 393 
THR H2   H  N N 394 
THR HA   H  N N 395 
THR HB   H  N N 396 
THR HG1  H  N N 397 
THR HG21 H  N N 398 
THR HG22 H  N N 399 
THR HG23 H  N N 400 
THR HXT  H  N N 401 
TYR N    N  N N 402 
TYR CA   C  N S 403 
TYR C    C  N N 404 
TYR O    O  N N 405 
TYR CB   C  N N 406 
TYR CG   C  Y N 407 
TYR CD1  C  Y N 408 
TYR CD2  C  Y N 409 
TYR CE1  C  Y N 410 
TYR CE2  C  Y N 411 
TYR CZ   C  Y N 412 
TYR OH   O  N N 413 
TYR OXT  O  N N 414 
TYR H    H  N N 415 
TYR H2   H  N N 416 
TYR HA   H  N N 417 
TYR HB2  H  N N 418 
TYR HB3  H  N N 419 
TYR HD1  H  N N 420 
TYR HD2  H  N N 421 
TYR HE1  H  N N 422 
TYR HE2  H  N N 423 
TYR HH   H  N N 424 
TYR HXT  H  N N 425 
VAL N    N  N N 426 
VAL CA   C  N S 427 
VAL C    C  N N 428 
VAL O    O  N N 429 
VAL CB   C  N N 430 
VAL CG1  C  N N 431 
VAL CG2  C  N N 432 
VAL OXT  O  N N 433 
VAL H    H  N N 434 
VAL H2   H  N N 435 
VAL HA   H  N N 436 
VAL HB   H  N N 437 
VAL HG11 H  N N 438 
VAL HG12 H  N N 439 
VAL HG13 H  N N 440 
VAL HG21 H  N N 441 
VAL HG22 H  N N 442 
VAL HG23 H  N N 443 
VAL HXT  H  N N 444 
# 
loop_
_chem_comp_bond.comp_id 
_chem_comp_bond.atom_id_1 
_chem_comp_bond.atom_id_2 
_chem_comp_bond.value_order 
_chem_comp_bond.pdbx_aromatic_flag 
_chem_comp_bond.pdbx_stereo_config 
_chem_comp_bond.pdbx_ordinal 
ALA N   CA   sing N N 1   
ALA N   H    sing N N 2   
ALA N   H2   sing N N 3   
ALA CA  C    sing N N 4   
ALA CA  CB   sing N N 5   
ALA CA  HA   sing N N 6   
ALA C   O    doub N N 7   
ALA C   OXT  sing N N 8   
ALA CB  HB1  sing N N 9   
ALA CB  HB2  sing N N 10  
ALA CB  HB3  sing N N 11  
ALA OXT HXT  sing N N 12  
ARG N   CA   sing N N 13  
ARG N   H    sing N N 14  
ARG N   H2   sing N N 15  
ARG CA  C    sing N N 16  
ARG CA  CB   sing N N 17  
ARG CA  HA   sing N N 18  
ARG C   O    doub N N 19  
ARG C   OXT  sing N N 20  
ARG CB  CG   sing N N 21  
ARG CB  HB2  sing N N 22  
ARG CB  HB3  sing N N 23  
ARG CG  CD   sing N N 24  
ARG CG  HG2  sing N N 25  
ARG CG  HG3  sing N N 26  
ARG CD  NE   sing N N 27  
ARG CD  HD2  sing N N 28  
ARG CD  HD3  sing N N 29  
ARG NE  CZ   sing N N 30  
ARG NE  HE   sing N N 31  
ARG CZ  NH1  sing N N 32  
ARG CZ  NH2  doub N N 33  
ARG NH1 HH11 sing N N 34  
ARG NH1 HH12 sing N N 35  
ARG NH2 HH21 sing N N 36  
ARG NH2 HH22 sing N N 37  
ARG OXT HXT  sing N N 38  
ASN N   CA   sing N N 39  
ASN N   H    sing N N 40  
ASN N   H2   sing N N 41  
ASN CA  C    sing N N 42  
ASN CA  CB   sing N N 43  
ASN CA  HA   sing N N 44  
ASN C   O    doub N N 45  
ASN C   OXT  sing N N 46  
ASN CB  CG   sing N N 47  
ASN CB  HB2  sing N N 48  
ASN CB  HB3  sing N N 49  
ASN CG  OD1  doub N N 50  
ASN CG  ND2  sing N N 51  
ASN ND2 HD21 sing N N 52  
ASN ND2 HD22 sing N N 53  
ASN OXT HXT  sing N N 54  
ASP N   CA   sing N N 55  
ASP N   H    sing N N 56  
ASP N   H2   sing N N 57  
ASP CA  C    sing N N 58  
ASP CA  CB   sing N N 59  
ASP CA  HA   sing N N 60  
ASP C   O    doub N N 61  
ASP C   OXT  sing N N 62  
ASP CB  CG   sing N N 63  
ASP CB  HB2  sing N N 64  
ASP CB  HB3  sing N N 65  
ASP CG  OD1  doub N N 66  
ASP CG  OD2  sing N N 67  
ASP OD2 HD2  sing N N 68  
ASP OXT HXT  sing N N 69  
CYS N   CA   sing N N 70  
CYS N   H    sing N N 71  
CYS N   H2   sing N N 72  
CYS CA  C    sing N N 73  
CYS CA  CB   sing N N 74  
CYS CA  HA   sing N N 75  
CYS C   O    doub N N 76  
CYS C   OXT  sing N N 77  
CYS CB  SG   sing N N 78  
CYS CB  HB2  sing N N 79  
CYS CB  HB3  sing N N 80  
CYS SG  HG   sing N N 81  
CYS OXT HXT  sing N N 82  
DMS S   O    doub N N 83  
DMS S   C1   sing N N 84  
DMS S   C2   sing N N 85  
DMS C1  H11  sing N N 86  
DMS C1  H12  sing N N 87  
DMS C1  H13  sing N N 88  
DMS C2  H21  sing N N 89  
DMS C2  H22  sing N N 90  
DMS C2  H23  sing N N 91  
EPE N1  C2   sing N N 92  
EPE N1  C6   sing N N 93  
EPE N1  C9   sing N N 94  
EPE C2  C3   sing N N 95  
EPE C2  H21  sing N N 96  
EPE C2  H22  sing N N 97  
EPE C3  N4   sing N N 98  
EPE C3  H31  sing N N 99  
EPE C3  H32  sing N N 100 
EPE N4  C5   sing N N 101 
EPE N4  C7   sing N N 102 
EPE C5  C6   sing N N 103 
EPE C5  H51  sing N N 104 
EPE C5  H52  sing N N 105 
EPE C6  H61  sing N N 106 
EPE C6  H62  sing N N 107 
EPE C7  C8   sing N N 108 
EPE C7  H71  sing N N 109 
EPE C7  H72  sing N N 110 
EPE C8  O8   sing N N 111 
EPE C8  H81  sing N N 112 
EPE C8  H82  sing N N 113 
EPE O8  HO8  sing N N 114 
EPE C9  C10  sing N N 115 
EPE C9  H91  sing N N 116 
EPE C9  H92  sing N N 117 
EPE C10 S    sing N N 118 
EPE C10 H101 sing N N 119 
EPE C10 H102 sing N N 120 
EPE S   O1S  doub N N 121 
EPE S   O2S  doub N N 122 
EPE S   O3S  sing N N 123 
EPE O3S HOS3 sing N N 124 
GLN N   CA   sing N N 125 
GLN N   H    sing N N 126 
GLN N   H2   sing N N 127 
GLN CA  C    sing N N 128 
GLN CA  CB   sing N N 129 
GLN CA  HA   sing N N 130 
GLN C   O    doub N N 131 
GLN C   OXT  sing N N 132 
GLN CB  CG   sing N N 133 
GLN CB  HB2  sing N N 134 
GLN CB  HB3  sing N N 135 
GLN CG  CD   sing N N 136 
GLN CG  HG2  sing N N 137 
GLN CG  HG3  sing N N 138 
GLN CD  OE1  doub N N 139 
GLN CD  NE2  sing N N 140 
GLN NE2 HE21 sing N N 141 
GLN NE2 HE22 sing N N 142 
GLN OXT HXT  sing N N 143 
GLU N   CA   sing N N 144 
GLU N   H    sing N N 145 
GLU N   H2   sing N N 146 
GLU CA  C    sing N N 147 
GLU CA  CB   sing N N 148 
GLU CA  HA   sing N N 149 
GLU C   O    doub N N 150 
GLU C   OXT  sing N N 151 
GLU CB  CG   sing N N 152 
GLU CB  HB2  sing N N 153 
GLU CB  HB3  sing N N 154 
GLU CG  CD   sing N N 155 
GLU CG  HG2  sing N N 156 
GLU CG  HG3  sing N N 157 
GLU CD  OE1  doub N N 158 
GLU CD  OE2  sing N N 159 
GLU OE2 HE2  sing N N 160 
GLU OXT HXT  sing N N 161 
GLY N   CA   sing N N 162 
GLY N   H    sing N N 163 
GLY N   H2   sing N N 164 
GLY CA  C    sing N N 165 
GLY CA  HA2  sing N N 166 
GLY CA  HA3  sing N N 167 
GLY C   O    doub N N 168 
GLY C   OXT  sing N N 169 
GLY OXT HXT  sing N N 170 
HIS N   CA   sing N N 171 
HIS N   H    sing N N 172 
HIS N   H2   sing N N 173 
HIS CA  C    sing N N 174 
HIS CA  CB   sing N N 175 
HIS CA  HA   sing N N 176 
HIS C   O    doub N N 177 
HIS C   OXT  sing N N 178 
HIS CB  CG   sing N N 179 
HIS CB  HB2  sing N N 180 
HIS CB  HB3  sing N N 181 
HIS CG  ND1  sing Y N 182 
HIS CG  CD2  doub Y N 183 
HIS ND1 CE1  doub Y N 184 
HIS ND1 HD1  sing N N 185 
HIS CD2 NE2  sing Y N 186 
HIS CD2 HD2  sing N N 187 
HIS CE1 NE2  sing Y N 188 
HIS CE1 HE1  sing N N 189 
HIS NE2 HE2  sing N N 190 
HIS OXT HXT  sing N N 191 
HOH O   H1   sing N N 192 
HOH O   H2   sing N N 193 
ILE N   CA   sing N N 194 
ILE N   H    sing N N 195 
ILE N   H2   sing N N 196 
ILE CA  C    sing N N 197 
ILE CA  CB   sing N N 198 
ILE CA  HA   sing N N 199 
ILE C   O    doub N N 200 
ILE C   OXT  sing N N 201 
ILE CB  CG1  sing N N 202 
ILE CB  CG2  sing N N 203 
ILE CB  HB   sing N N 204 
ILE CG1 CD1  sing N N 205 
ILE CG1 HG12 sing N N 206 
ILE CG1 HG13 sing N N 207 
ILE CG2 HG21 sing N N 208 
ILE CG2 HG22 sing N N 209 
ILE CG2 HG23 sing N N 210 
ILE CD1 HD11 sing N N 211 
ILE CD1 HD12 sing N N 212 
ILE CD1 HD13 sing N N 213 
ILE OXT HXT  sing N N 214 
LEU N   CA   sing N N 215 
LEU N   H    sing N N 216 
LEU N   H2   sing N N 217 
LEU CA  C    sing N N 218 
LEU CA  CB   sing N N 219 
LEU CA  HA   sing N N 220 
LEU C   O    doub N N 221 
LEU C   OXT  sing N N 222 
LEU CB  CG   sing N N 223 
LEU CB  HB2  sing N N 224 
LEU CB  HB3  sing N N 225 
LEU CG  CD1  sing N N 226 
LEU CG  CD2  sing N N 227 
LEU CG  HG   sing N N 228 
LEU CD1 HD11 sing N N 229 
LEU CD1 HD12 sing N N 230 
LEU CD1 HD13 sing N N 231 
LEU CD2 HD21 sing N N 232 
LEU CD2 HD22 sing N N 233 
LEU CD2 HD23 sing N N 234 
LEU OXT HXT  sing N N 235 
LYS N   CA   sing N N 236 
LYS N   H    sing N N 237 
LYS N   H2   sing N N 238 
LYS CA  C    sing N N 239 
LYS CA  CB   sing N N 240 
LYS CA  HA   sing N N 241 
LYS C   O    doub N N 242 
LYS C   OXT  sing N N 243 
LYS CB  CG   sing N N 244 
LYS CB  HB2  sing N N 245 
LYS CB  HB3  sing N N 246 
LYS CG  CD   sing N N 247 
LYS CG  HG2  sing N N 248 
LYS CG  HG3  sing N N 249 
LYS CD  CE   sing N N 250 
LYS CD  HD2  sing N N 251 
LYS CD  HD3  sing N N 252 
LYS CE  NZ   sing N N 253 
LYS CE  HE2  sing N N 254 
LYS CE  HE3  sing N N 255 
LYS NZ  HZ1  sing N N 256 
LYS NZ  HZ2  sing N N 257 
LYS NZ  HZ3  sing N N 258 
LYS OXT HXT  sing N N 259 
MET N   CA   sing N N 260 
MET N   H    sing N N 261 
MET N   H2   sing N N 262 
MET CA  C    sing N N 263 
MET CA  CB   sing N N 264 
MET CA  HA   sing N N 265 
MET C   O    doub N N 266 
MET C   OXT  sing N N 267 
MET CB  CG   sing N N 268 
MET CB  HB2  sing N N 269 
MET CB  HB3  sing N N 270 
MET CG  SD   sing N N 271 
MET CG  HG2  sing N N 272 
MET CG  HG3  sing N N 273 
MET SD  CE   sing N N 274 
MET CE  HE1  sing N N 275 
MET CE  HE2  sing N N 276 
MET CE  HE3  sing N N 277 
MET OXT HXT  sing N N 278 
PHE N   CA   sing N N 279 
PHE N   H    sing N N 280 
PHE N   H2   sing N N 281 
PHE CA  C    sing N N 282 
PHE CA  CB   sing N N 283 
PHE CA  HA   sing N N 284 
PHE C   O    doub N N 285 
PHE C   OXT  sing N N 286 
PHE CB  CG   sing N N 287 
PHE CB  HB2  sing N N 288 
PHE CB  HB3  sing N N 289 
PHE CG  CD1  doub Y N 290 
PHE CG  CD2  sing Y N 291 
PHE CD1 CE1  sing Y N 292 
PHE CD1 HD1  sing N N 293 
PHE CD2 CE2  doub Y N 294 
PHE CD2 HD2  sing N N 295 
PHE CE1 CZ   doub Y N 296 
PHE CE1 HE1  sing N N 297 
PHE CE2 CZ   sing Y N 298 
PHE CE2 HE2  sing N N 299 
PHE CZ  HZ   sing N N 300 
PHE OXT HXT  sing N N 301 
PRO N   CA   sing N N 302 
PRO N   CD   sing N N 303 
PRO N   H    sing N N 304 
PRO CA  C    sing N N 305 
PRO CA  CB   sing N N 306 
PRO CA  HA   sing N N 307 
PRO C   O    doub N N 308 
PRO C   OXT  sing N N 309 
PRO CB  CG   sing N N 310 
PRO CB  HB2  sing N N 311 
PRO CB  HB3  sing N N 312 
PRO CG  CD   sing N N 313 
PRO CG  HG2  sing N N 314 
PRO CG  HG3  sing N N 315 
PRO CD  HD2  sing N N 316 
PRO CD  HD3  sing N N 317 
PRO OXT HXT  sing N N 318 
QAP C1  C2   sing N N 319 
QAP C1  C3   sing N N 320 
QAP O1  C3   sing N N 321 
QAP O1  C14  sing N N 322 
QAP C2  C4   doub Y N 323 
QAP C2  C5   sing Y N 324 
QAP O2  C13  sing N N 325 
QAP O3  C15  sing N N 326 
QAP C4  C7   sing Y N 327 
QAP O4  C14  doub N N 328 
QAP C5  C8   doub Y N 329 
QAP C6  C10  doub Y N 330 
QAP C6  C11  sing Y N 331 
QAP C6  C12  sing N N 332 
QAP C7  C9   doub Y N 333 
QAP C8  C9   sing Y N 334 
QAP C10 C13  sing Y N 335 
QAP C11 C16  doub Y N 336 
QAP C12 C17  doub N E 337 
QAP C13 C15  doub Y N 338 
QAP C14 C17  sing N N 339 
QAP C15 C16  sing Y N 340 
QAP C1  H1   sing N N 341 
QAP C1  H1A  sing N N 342 
QAP O2  HO2  sing N N 343 
QAP C3  H3   sing N N 344 
QAP C3  H3A  sing N N 345 
QAP O3  HO3  sing N N 346 
QAP C4  H4   sing N N 347 
QAP C5  H5   sing N N 348 
QAP C7  H7   sing N N 349 
QAP C8  H8   sing N N 350 
QAP C9  H9   sing N N 351 
QAP C10 H10  sing N N 352 
QAP C11 H11  sing N N 353 
QAP C12 H12  sing N N 354 
QAP C16 H16  sing N N 355 
QAP C17 H17  sing N N 356 
SER N   CA   sing N N 357 
SER N   H    sing N N 358 
SER N   H2   sing N N 359 
SER CA  C    sing N N 360 
SER CA  CB   sing N N 361 
SER CA  HA   sing N N 362 
SER C   O    doub N N 363 
SER C   OXT  sing N N 364 
SER CB  OG   sing N N 365 
SER CB  HB2  sing N N 366 
SER CB  HB3  sing N N 367 
SER OG  HG   sing N N 368 
SER OXT HXT  sing N N 369 
THR N   CA   sing N N 370 
THR N   H    sing N N 371 
THR N   H2   sing N N 372 
THR CA  C    sing N N 373 
THR CA  CB   sing N N 374 
THR CA  HA   sing N N 375 
THR C   O    doub N N 376 
THR C   OXT  sing N N 377 
THR CB  OG1  sing N N 378 
THR CB  CG2  sing N N 379 
THR CB  HB   sing N N 380 
THR OG1 HG1  sing N N 381 
THR CG2 HG21 sing N N 382 
THR CG2 HG22 sing N N 383 
THR CG2 HG23 sing N N 384 
THR OXT HXT  sing N N 385 
TYR N   CA   sing N N 386 
TYR N   H    sing N N 387 
TYR N   H2   sing N N 388 
TYR CA  C    sing N N 389 
TYR CA  CB   sing N N 390 
TYR CA  HA   sing N N 391 
TYR C   O    doub N N 392 
TYR C   OXT  sing N N 393 
TYR CB  CG   sing N N 394 
TYR CB  HB2  sing N N 395 
TYR CB  HB3  sing N N 396 
TYR CG  CD1  doub Y N 397 
TYR CG  CD2  sing Y N 398 
TYR CD1 CE1  sing Y N 399 
TYR CD1 HD1  sing N N 400 
TYR CD2 CE2  doub Y N 401 
TYR CD2 HD2  sing N N 402 
TYR CE1 CZ   doub Y N 403 
TYR CE1 HE1  sing N N 404 
TYR CE2 CZ   sing Y N 405 
TYR CE2 HE2  sing N N 406 
TYR CZ  OH   sing N N 407 
TYR OH  HH   sing N N 408 
TYR OXT HXT  sing N N 409 
VAL N   CA   sing N N 410 
VAL N   H    sing N N 411 
VAL N   H2   sing N N 412 
VAL CA  C    sing N N 413 
VAL CA  CB   sing N N 414 
VAL CA  HA   sing N N 415 
VAL C   O    doub N N 416 
VAL C   OXT  sing N N 417 
VAL CB  CG1  sing N N 418 
VAL CB  CG2  sing N N 419 
VAL CB  HB   sing N N 420 
VAL CG1 HG11 sing N N 421 
VAL CG1 HG12 sing N N 422 
VAL CG1 HG13 sing N N 423 
VAL CG2 HG21 sing N N 424 
VAL CG2 HG22 sing N N 425 
VAL CG2 HG23 sing N N 426 
VAL OXT HXT  sing N N 427 
# 
loop_
_pdbx_entity_nonpoly.entity_id 
_pdbx_entity_nonpoly.name 
_pdbx_entity_nonpoly.comp_id 
2 'COBALT (II) ION'                                         CO  
3 '2-phenylethyl (2E)-3-(3,4-dihydroxyphenyl)prop-2-enoate' QAP 
4 '4-(2-HYDROXYETHYL)-1-PIPERAZINE ETHANESULFONIC ACID'     EPE 
5 'DIMETHYL SULFOXIDE'                                      DMS 
6 water                                                     HOH 
# 
_pdbx_initial_refinement_model.id               1 
_pdbx_initial_refinement_model.entity_id_list   ? 
_pdbx_initial_refinement_model.type             'experimental model' 
_pdbx_initial_refinement_model.source_name      PDB 
_pdbx_initial_refinement_model.accession_code   2EW7 
_pdbx_initial_refinement_model.details          ? 
# 
